data_6EYE
# 
_entry.id   6EYE 
# 
_audit_conform.dict_name       mmcif_pdbx.dic 
_audit_conform.dict_version    5.383 
_audit_conform.dict_location   http://mmcif.pdb.org/dictionaries/ascii/mmcif_pdbx.dic 
# 
loop_
_database_2.database_id 
_database_2.database_code 
_database_2.pdbx_database_accession 
_database_2.pdbx_DOI 
PDB   6EYE         pdb_00006eye 10.2210/pdb6eye/pdb 
WWPDB D_1200007459 ?            ?                   
# 
loop_
_pdbx_audit_revision_history.ordinal 
_pdbx_audit_revision_history.data_content_type 
_pdbx_audit_revision_history.major_revision 
_pdbx_audit_revision_history.minor_revision 
_pdbx_audit_revision_history.revision_date 
1 'Structure model' 1 0 2017-11-29 
2 'Structure model' 1 1 2018-02-21 
3 'Structure model' 1 2 2019-09-04 
4 'Structure model' 1 3 2024-01-17 
# 
_pdbx_audit_revision_details.ordinal             1 
_pdbx_audit_revision_details.revision_ordinal    1 
_pdbx_audit_revision_details.data_content_type   'Structure model' 
_pdbx_audit_revision_details.provider            repository 
_pdbx_audit_revision_details.type                'Initial release' 
_pdbx_audit_revision_details.description         ? 
_pdbx_audit_revision_details.details             ? 
# 
loop_
_pdbx_audit_revision_group.ordinal 
_pdbx_audit_revision_group.revision_ordinal 
_pdbx_audit_revision_group.data_content_type 
_pdbx_audit_revision_group.group 
1 2 'Structure model' 'Database references'    
2 2 'Structure model' 'Structure summary'      
3 3 'Structure model' 'Data collection'        
4 3 'Structure model' 'Structure summary'      
5 4 'Structure model' 'Data collection'        
6 4 'Structure model' 'Database references'    
7 4 'Structure model' 'Refinement description' 
# 
loop_
_pdbx_audit_revision_category.ordinal 
_pdbx_audit_revision_category.revision_ordinal 
_pdbx_audit_revision_category.data_content_type 
_pdbx_audit_revision_category.category 
1 2 'Structure model' audit_author                  
2 2 'Structure model' citation                      
3 2 'Structure model' citation_author               
4 3 'Structure model' audit_author                  
5 4 'Structure model' chem_comp_atom                
6 4 'Structure model' chem_comp_bond                
7 4 'Structure model' database_2                    
8 4 'Structure model' pdbx_initial_refinement_model 
# 
loop_
_pdbx_audit_revision_item.ordinal 
_pdbx_audit_revision_item.revision_ordinal 
_pdbx_audit_revision_item.data_content_type 
_pdbx_audit_revision_item.item 
1 2 'Structure model' '_audit_author.name'                  
2 2 'Structure model' '_citation.pdbx_database_id_DOI'      
3 2 'Structure model' '_citation.pdbx_database_id_PubMed'   
4 2 'Structure model' '_citation_author.name'               
5 4 'Structure model' '_database_2.pdbx_DOI'                
6 4 'Structure model' '_database_2.pdbx_database_accession' 
# 
_pdbx_database_status.status_code                     REL 
_pdbx_database_status.status_code_sf                  REL 
_pdbx_database_status.status_code_mr                  ? 
_pdbx_database_status.entry_id                        6EYE 
_pdbx_database_status.recvd_initial_deposition_date   2017-11-12 
_pdbx_database_status.SG_entry                        N 
_pdbx_database_status.deposit_site                    PDBE 
_pdbx_database_status.process_site                    PDBE 
_pdbx_database_status.status_code_cs                  ? 
_pdbx_database_status.methods_development_category    ? 
_pdbx_database_status.pdb_format_compatible           Y 
_pdbx_database_status.status_code_nmr_data            ? 
# 
loop_
_pdbx_database_related.db_name 
_pdbx_database_related.details 
_pdbx_database_related.db_id 
_pdbx_database_related.content_type 
PDB 'MURINE NEUROGLOBIN UNDER XENON PRESSURE 30 BAR'                        4O4T unspecified 
PDB 'crystal structure of murine neuroglobin under 50 bar krypton pressure' 5NW6 unspecified 
PDB 'Crystal structure of murine neuroglobin under 100 bar krypton'         5O17 unspecified 
# 
loop_
_audit_author.name 
_audit_author.pdbx_ordinal 
_audit_author.identifier_ORCID 
'Prange, T.'     1 0000-0002-7129-7396 
;Colloc'h, N.
;
2 ?                   
'Carpentier, P.' 3 0000-0003-1268-7826 
# 
loop_
_citation.abstract 
_citation.abstract_id_CAS 
_citation.book_id_ISBN 
_citation.book_publisher 
_citation.book_publisher_city 
_citation.book_title 
_citation.coordinate_linkage 
_citation.country 
_citation.database_id_Medline 
_citation.details 
_citation.id 
_citation.journal_abbrev 
_citation.journal_id_ASTM 
_citation.journal_id_CSD 
_citation.journal_id_ISSN 
_citation.journal_full 
_citation.journal_issue 
_citation.journal_volume 
_citation.language 
_citation.page_first 
_citation.page_last 
_citation.title 
_citation.year 
_citation.database_id_CSD 
_citation.pdbx_database_id_DOI 
_citation.pdbx_database_id_PubMed 
_citation.unpublished_flag 
? ? ? ? ? ? ? US ? ? primary 'Biophys. J.'                BIOJAU 0030 1542-0086        ? ? 113 ? 2199 2206 
'Mapping Hydrophobic Tunnels and Cavities in Neuroglobin with Noble Gas under Pressure.' 2017 ? 10.1016/j.bpj.2017.10.014    
29108649 ? 
? ? ? ? ? ? ? US ? ? 1       Anesthesiology               ?      ?    0003-3022        ? ? 121 ? 1018 1027 
;Crystallographic Studies with Xenon and Nitrous Oxide Provide Evidence for Protein-dependent Processes in the Mechanisms of General Anesthesia
;
2014 ? 10.1097/ALN.0000000000000435 25211169 ? 
? ? ? ? ? ? ? ?  ? ? 2       'J. of Applied Crystallogr.' ?      ?    'ISSN 1600-5767' ? ? 49  ? 1478 1487 
;Gas-sensitive biological crystals processed in pressurized oxygen and krypton atmospheres: deciphering gas channels in proteins using a novel "soak-and-freeze" methodology
;
2016 ? 10.1107/S1600576716010992    ?        ? 
# 
loop_
_citation_author.citation_id 
_citation_author.name 
_citation_author.ordinal 
_citation_author.identifier_ORCID 
primary 
;Colloc'h, N.
;
1  ? 
primary 'Carpentier, P.'        2  ? 
primary 'Montemiglio, L.C.'     3  ? 
primary 'Vallone, B.'           4  ? 
primary 'Prange, T.'            5  ? 
1       'Abraini, J.H.'         6  ? 
1       'Marassio, G.'          7  ? 
1       'David, H.N.'           8  ? 
1       'Vallone, B.'           9  ? 
1       'Prange, T.'            10 ? 
1       
;Colloc'h, N.
;
11 ? 
2       'Lafumat, B.'           12 ? 
2       'Mueller-Dieckmann, C.' 13 ? 
2       'Gordon, L.'            14 ? 
2       
;Colloc'h, N.
;
15 ? 
2       'Prange, T.'            16 ? 
2       'Giraud, T.'            17 ? 
2       'Dobias, F.'            18 ? 
2       'Royant, A.'            19 ? 
2       'van der Linden, P.'    20 ? 
2       'Carpentier, P.'        21 ? 
# 
loop_
_entity.id 
_entity.type 
_entity.src_method 
_entity.pdbx_description 
_entity.formula_weight 
_entity.pdbx_number_of_molecules 
_entity.pdbx_ec 
_entity.pdbx_mutation 
_entity.pdbx_fragment 
_entity.details 
1 polymer     man Neuroglobin                       17306.572 1  ? 'C155S C120S' ? ? 
2 non-polymer syn 'SULFATE ION'                     96.063    1  ? ?             ? ? 
3 non-polymer syn 'PROTOPORPHYRIN IX CONTAINING FE' 616.487   1  ? ?             ? ? 
4 non-polymer syn KRYPTON                           83.798    15 ? ?             ? ? 
5 water       nat water                             18.015    81 ? ?             ? ? 
# 
_entity_poly.entity_id                      1 
_entity_poly.type                           'polypeptide(L)' 
_entity_poly.nstd_linkage                   no 
_entity_poly.nstd_monomer                   no 
_entity_poly.pdbx_seq_one_letter_code       
;GSHMERPESELIRQSWRVVSRSPLEHGTVLFARLFALEPSLLPLFQYNGRQFSSPEDSLSSPEFLDHIRKVMLVIDAAVT
NVEDLSSLEEYLTSLGRKHRAVGVRLSSFSTVGESLLYMLEKSLGPDFTPATRTAWSRLYGAVVQAMSRGWDGE
;
_entity_poly.pdbx_seq_one_letter_code_can   
;GSHMERPESELIRQSWRVVSRSPLEHGTVLFARLFALEPSLLPLFQYNGRQFSSPEDSLSSPEFLDHIRKVMLVIDAAVT
NVEDLSSLEEYLTSLGRKHRAVGVRLSSFSTVGESLLYMLEKSLGPDFTPATRTAWSRLYGAVVQAMSRGWDGE
;
_entity_poly.pdbx_strand_id                 A 
_entity_poly.pdbx_target_identifier         ? 
# 
loop_
_pdbx_entity_nonpoly.entity_id 
_pdbx_entity_nonpoly.name 
_pdbx_entity_nonpoly.comp_id 
2 'SULFATE ION'                     SO4 
3 'PROTOPORPHYRIN IX CONTAINING FE' HEM 
4 KRYPTON                           KR  
5 water                             HOH 
# 
loop_
_entity_poly_seq.entity_id 
_entity_poly_seq.num 
_entity_poly_seq.mon_id 
_entity_poly_seq.hetero 
1 1   GLY n 
1 2   SER n 
1 3   HIS n 
1 4   MET n 
1 5   GLU n 
1 6   ARG n 
1 7   PRO n 
1 8   GLU n 
1 9   SER n 
1 10  GLU n 
1 11  LEU n 
1 12  ILE n 
1 13  ARG n 
1 14  GLN n 
1 15  SER n 
1 16  TRP n 
1 17  ARG n 
1 18  VAL n 
1 19  VAL n 
1 20  SER n 
1 21  ARG n 
1 22  SER n 
1 23  PRO n 
1 24  LEU n 
1 25  GLU n 
1 26  HIS n 
1 27  GLY n 
1 28  THR n 
1 29  VAL n 
1 30  LEU n 
1 31  PHE n 
1 32  ALA n 
1 33  ARG n 
1 34  LEU n 
1 35  PHE n 
1 36  ALA n 
1 37  LEU n 
1 38  GLU n 
1 39  PRO n 
1 40  SER n 
1 41  LEU n 
1 42  LEU n 
1 43  PRO n 
1 44  LEU n 
1 45  PHE n 
1 46  GLN n 
1 47  TYR n 
1 48  ASN n 
1 49  GLY n 
1 50  ARG n 
1 51  GLN n 
1 52  PHE n 
1 53  SER n 
1 54  SER n 
1 55  PRO n 
1 56  GLU n 
1 57  ASP n 
1 58  SER n 
1 59  LEU n 
1 60  SER n 
1 61  SER n 
1 62  PRO n 
1 63  GLU n 
1 64  PHE n 
1 65  LEU n 
1 66  ASP n 
1 67  HIS n 
1 68  ILE n 
1 69  ARG n 
1 70  LYS n 
1 71  VAL n 
1 72  MET n 
1 73  LEU n 
1 74  VAL n 
1 75  ILE n 
1 76  ASP n 
1 77  ALA n 
1 78  ALA n 
1 79  VAL n 
1 80  THR n 
1 81  ASN n 
1 82  VAL n 
1 83  GLU n 
1 84  ASP n 
1 85  LEU n 
1 86  SER n 
1 87  SER n 
1 88  LEU n 
1 89  GLU n 
1 90  GLU n 
1 91  TYR n 
1 92  LEU n 
1 93  THR n 
1 94  SER n 
1 95  LEU n 
1 96  GLY n 
1 97  ARG n 
1 98  LYS n 
1 99  HIS n 
1 100 ARG n 
1 101 ALA n 
1 102 VAL n 
1 103 GLY n 
1 104 VAL n 
1 105 ARG n 
1 106 LEU n 
1 107 SER n 
1 108 SER n 
1 109 PHE n 
1 110 SER n 
1 111 THR n 
1 112 VAL n 
1 113 GLY n 
1 114 GLU n 
1 115 SER n 
1 116 LEU n 
1 117 LEU n 
1 118 TYR n 
1 119 MET n 
1 120 LEU n 
1 121 GLU n 
1 122 LYS n 
1 123 SER n 
1 124 LEU n 
1 125 GLY n 
1 126 PRO n 
1 127 ASP n 
1 128 PHE n 
1 129 THR n 
1 130 PRO n 
1 131 ALA n 
1 132 THR n 
1 133 ARG n 
1 134 THR n 
1 135 ALA n 
1 136 TRP n 
1 137 SER n 
1 138 ARG n 
1 139 LEU n 
1 140 TYR n 
1 141 GLY n 
1 142 ALA n 
1 143 VAL n 
1 144 VAL n 
1 145 GLN n 
1 146 ALA n 
1 147 MET n 
1 148 SER n 
1 149 ARG n 
1 150 GLY n 
1 151 TRP n 
1 152 ASP n 
1 153 GLY n 
1 154 GLU n 
# 
_entity_src_gen.entity_id                          1 
_entity_src_gen.pdbx_src_id                        1 
_entity_src_gen.pdbx_alt_source_flag               sample 
_entity_src_gen.pdbx_seq_type                      'Biological sequence' 
_entity_src_gen.pdbx_beg_seq_num                   1 
_entity_src_gen.pdbx_end_seq_num                   154 
_entity_src_gen.gene_src_common_name               Mouse 
_entity_src_gen.gene_src_genus                     ? 
_entity_src_gen.pdbx_gene_src_gene                 Ngb 
_entity_src_gen.gene_src_species                   ? 
_entity_src_gen.gene_src_strain                    ? 
_entity_src_gen.gene_src_tissue                    ? 
_entity_src_gen.gene_src_tissue_fraction           ? 
_entity_src_gen.gene_src_details                   ? 
_entity_src_gen.pdbx_gene_src_fragment             ? 
_entity_src_gen.pdbx_gene_src_scientific_name      'Mus musculus' 
_entity_src_gen.pdbx_gene_src_ncbi_taxonomy_id     10090 
_entity_src_gen.pdbx_gene_src_variant              ? 
_entity_src_gen.pdbx_gene_src_cell_line            ? 
_entity_src_gen.pdbx_gene_src_atcc                 ? 
_entity_src_gen.pdbx_gene_src_organ                ? 
_entity_src_gen.pdbx_gene_src_organelle            ? 
_entity_src_gen.pdbx_gene_src_cell                 ? 
_entity_src_gen.pdbx_gene_src_cellular_location    ? 
_entity_src_gen.host_org_common_name               ? 
_entity_src_gen.pdbx_host_org_scientific_name      'Escherichia coli' 
_entity_src_gen.pdbx_host_org_ncbi_taxonomy_id     562 
_entity_src_gen.host_org_genus                     ? 
_entity_src_gen.pdbx_host_org_gene                 ? 
_entity_src_gen.pdbx_host_org_organ                ? 
_entity_src_gen.host_org_species                   ? 
_entity_src_gen.pdbx_host_org_tissue               ? 
_entity_src_gen.pdbx_host_org_tissue_fraction      ? 
_entity_src_gen.pdbx_host_org_strain               ? 
_entity_src_gen.pdbx_host_org_variant              ? 
_entity_src_gen.pdbx_host_org_cell_line            ? 
_entity_src_gen.pdbx_host_org_atcc                 ? 
_entity_src_gen.pdbx_host_org_culture_collection   ? 
_entity_src_gen.pdbx_host_org_cell                 ? 
_entity_src_gen.pdbx_host_org_organelle            ? 
_entity_src_gen.pdbx_host_org_cellular_location    ? 
_entity_src_gen.pdbx_host_org_vector_type          ? 
_entity_src_gen.pdbx_host_org_vector               ? 
_entity_src_gen.host_org_details                   ? 
_entity_src_gen.expression_system_id               ? 
_entity_src_gen.plasmid_name                       ? 
_entity_src_gen.plasmid_details                    ? 
_entity_src_gen.pdbx_description                   ? 
# 
loop_
_chem_comp.id 
_chem_comp.type 
_chem_comp.mon_nstd_flag 
_chem_comp.name 
_chem_comp.pdbx_synonyms 
_chem_comp.formula 
_chem_comp.formula_weight 
ALA 'L-peptide linking' y ALANINE                           ?    'C3 H7 N O2'       89.093  
ARG 'L-peptide linking' y ARGININE                          ?    'C6 H15 N4 O2 1'   175.209 
ASN 'L-peptide linking' y ASPARAGINE                        ?    'C4 H8 N2 O3'      132.118 
ASP 'L-peptide linking' y 'ASPARTIC ACID'                   ?    'C4 H7 N O4'       133.103 
CYS 'L-peptide linking' y CYSTEINE                          ?    'C3 H7 N O2 S'     121.158 
GLN 'L-peptide linking' y GLUTAMINE                         ?    'C5 H10 N2 O3'     146.144 
GLU 'L-peptide linking' y 'GLUTAMIC ACID'                   ?    'C5 H9 N O4'       147.129 
GLY 'peptide linking'   y GLYCINE                           ?    'C2 H5 N O2'       75.067  
HEM non-polymer         . 'PROTOPORPHYRIN IX CONTAINING FE' HEME 'C34 H32 Fe N4 O4' 616.487 
HIS 'L-peptide linking' y HISTIDINE                         ?    'C6 H10 N3 O2 1'   156.162 
HOH non-polymer         . WATER                             ?    'H2 O'             18.015  
ILE 'L-peptide linking' y ISOLEUCINE                        ?    'C6 H13 N O2'      131.173 
KR  non-polymer         . KRYPTON                           ?    Kr                 83.798  
LEU 'L-peptide linking' y LEUCINE                           ?    'C6 H13 N O2'      131.173 
LYS 'L-peptide linking' y LYSINE                            ?    'C6 H15 N2 O2 1'   147.195 
MET 'L-peptide linking' y METHIONINE                        ?    'C5 H11 N O2 S'    149.211 
PHE 'L-peptide linking' y PHENYLALANINE                     ?    'C9 H11 N O2'      165.189 
PRO 'L-peptide linking' y PROLINE                           ?    'C5 H9 N O2'       115.130 
SER 'L-peptide linking' y SERINE                            ?    'C3 H7 N O3'       105.093 
SO4 non-polymer         . 'SULFATE ION'                     ?    'O4 S -2'          96.063  
THR 'L-peptide linking' y THREONINE                         ?    'C4 H9 N O3'       119.119 
TRP 'L-peptide linking' y TRYPTOPHAN                        ?    'C11 H12 N2 O2'    204.225 
TYR 'L-peptide linking' y TYROSINE                          ?    'C9 H11 N O3'      181.189 
VAL 'L-peptide linking' y VALINE                            ?    'C5 H11 N O2'      117.146 
# 
loop_
_pdbx_poly_seq_scheme.asym_id 
_pdbx_poly_seq_scheme.entity_id 
_pdbx_poly_seq_scheme.seq_id 
_pdbx_poly_seq_scheme.mon_id 
_pdbx_poly_seq_scheme.ndb_seq_num 
_pdbx_poly_seq_scheme.pdb_seq_num 
_pdbx_poly_seq_scheme.auth_seq_num 
_pdbx_poly_seq_scheme.pdb_mon_id 
_pdbx_poly_seq_scheme.auth_mon_id 
_pdbx_poly_seq_scheme.pdb_strand_id 
_pdbx_poly_seq_scheme.pdb_ins_code 
_pdbx_poly_seq_scheme.hetero 
A 1 1   GLY 1   -2  ?   ?   ?   A . n 
A 1 2   SER 2   -1  ?   ?   ?   A . n 
A 1 3   HIS 3   0   ?   ?   ?   A . n 
A 1 4   MET 4   1   ?   ?   ?   A . n 
A 1 5   GLU 5   2   ?   ?   ?   A . n 
A 1 6   ARG 6   3   3   ARG ARG A . n 
A 1 7   PRO 7   4   4   PRO PRO A . n 
A 1 8   GLU 8   5   5   GLU GLU A . n 
A 1 9   SER 9   6   6   SER SER A . n 
A 1 10  GLU 10  7   7   GLU GLU A . n 
A 1 11  LEU 11  8   8   LEU LEU A . n 
A 1 12  ILE 12  9   9   ILE ILE A . n 
A 1 13  ARG 13  10  10  ARG ARG A . n 
A 1 14  GLN 14  11  11  GLN GLN A . n 
A 1 15  SER 15  12  12  SER SER A . n 
A 1 16  TRP 16  13  13  TRP TRP A . n 
A 1 17  ARG 17  14  14  ARG ARG A . n 
A 1 18  VAL 18  15  15  VAL VAL A . n 
A 1 19  VAL 19  16  16  VAL VAL A . n 
A 1 20  SER 20  17  17  SER SER A . n 
A 1 21  ARG 21  18  18  ARG ARG A . n 
A 1 22  SER 22  19  19  SER SER A . n 
A 1 23  PRO 23  20  20  PRO PRO A . n 
A 1 24  LEU 24  21  21  LEU LEU A . n 
A 1 25  GLU 25  22  22  GLU GLU A . n 
A 1 26  HIS 26  23  23  HIS HIS A . n 
A 1 27  GLY 27  24  24  GLY GLY A . n 
A 1 28  THR 28  25  25  THR THR A . n 
A 1 29  VAL 29  26  26  VAL VAL A . n 
A 1 30  LEU 30  27  27  LEU LEU A . n 
A 1 31  PHE 31  28  28  PHE PHE A . n 
A 1 32  ALA 32  29  29  ALA ALA A . n 
A 1 33  ARG 33  30  30  ARG ARG A . n 
A 1 34  LEU 34  31  31  LEU LEU A . n 
A 1 35  PHE 35  32  32  PHE PHE A . n 
A 1 36  ALA 36  33  33  ALA ALA A . n 
A 1 37  LEU 37  34  34  LEU LEU A . n 
A 1 38  GLU 38  35  35  GLU GLU A . n 
A 1 39  PRO 39  36  36  PRO PRO A . n 
A 1 40  SER 40  37  37  SER SER A . n 
A 1 41  LEU 41  38  38  LEU LEU A . n 
A 1 42  LEU 42  39  39  LEU LEU A . n 
A 1 43  PRO 43  40  40  PRO PRO A . n 
A 1 44  LEU 44  41  41  LEU LEU A . n 
A 1 45  PHE 45  42  42  PHE PHE A . n 
A 1 46  GLN 46  43  43  GLN GLN A . n 
A 1 47  TYR 47  44  44  TYR TYR A . n 
A 1 48  ASN 48  45  45  ASN ASN A . n 
A 1 49  GLY 49  46  46  GLY GLY A . n 
A 1 50  ARG 50  47  47  ARG ARG A . n 
A 1 51  GLN 51  48  48  GLN GLN A . n 
A 1 52  PHE 52  49  49  PHE PHE A . n 
A 1 53  SER 53  50  50  SER SER A . n 
A 1 54  SER 54  51  51  SER SER A . n 
A 1 55  PRO 55  52  52  PRO PRO A . n 
A 1 56  GLU 56  53  53  GLU GLU A . n 
A 1 57  ASP 57  54  54  ASP ASP A . n 
A 1 58  SER 58  55  55  SER SER A . n 
A 1 59  LEU 59  56  56  LEU LEU A . n 
A 1 60  SER 60  57  57  SER SER A . n 
A 1 61  SER 61  58  58  SER SER A . n 
A 1 62  PRO 62  59  59  PRO PRO A . n 
A 1 63  GLU 63  60  60  GLU GLU A . n 
A 1 64  PHE 64  61  61  PHE PHE A . n 
A 1 65  LEU 65  62  62  LEU LEU A . n 
A 1 66  ASP 66  63  63  ASP ASP A . n 
A 1 67  HIS 67  64  64  HIS HIS A . n 
A 1 68  ILE 68  65  65  ILE ILE A . n 
A 1 69  ARG 69  66  66  ARG ARG A . n 
A 1 70  LYS 70  67  67  LYS LYS A . n 
A 1 71  VAL 71  68  68  VAL VAL A . n 
A 1 72  MET 72  69  69  MET MET A . n 
A 1 73  LEU 73  70  70  LEU LEU A . n 
A 1 74  VAL 74  71  71  VAL VAL A . n 
A 1 75  ILE 75  72  72  ILE ILE A . n 
A 1 76  ASP 76  73  73  ASP ASP A . n 
A 1 77  ALA 77  74  74  ALA ALA A . n 
A 1 78  ALA 78  75  75  ALA ALA A . n 
A 1 79  VAL 79  76  76  VAL VAL A . n 
A 1 80  THR 80  77  77  THR THR A . n 
A 1 81  ASN 81  78  78  ASN ASN A . n 
A 1 82  VAL 82  79  79  VAL VAL A . n 
A 1 83  GLU 83  80  80  GLU GLU A . n 
A 1 84  ASP 84  81  81  ASP ASP A . n 
A 1 85  LEU 85  82  82  LEU LEU A . n 
A 1 86  SER 86  83  83  SER SER A . n 
A 1 87  SER 87  84  84  SER SER A . n 
A 1 88  LEU 88  85  85  LEU LEU A . n 
A 1 89  GLU 89  86  86  GLU GLU A . n 
A 1 90  GLU 90  87  87  GLU GLU A . n 
A 1 91  TYR 91  88  88  TYR TYR A . n 
A 1 92  LEU 92  89  89  LEU LEU A . n 
A 1 93  THR 93  90  90  THR THR A . n 
A 1 94  SER 94  91  91  SER SER A . n 
A 1 95  LEU 95  92  92  LEU LEU A . n 
A 1 96  GLY 96  93  93  GLY GLY A . n 
A 1 97  ARG 97  94  94  ARG ARG A . n 
A 1 98  LYS 98  95  95  LYS LYS A . n 
A 1 99  HIS 99  96  96  HIS HIS A . n 
A 1 100 ARG 100 97  97  ARG ARG A . n 
A 1 101 ALA 101 98  98  ALA ALA A . n 
A 1 102 VAL 102 99  99  VAL VAL A . n 
A 1 103 GLY 103 100 100 GLY GLY A . n 
A 1 104 VAL 104 101 101 VAL VAL A . n 
A 1 105 ARG 105 102 102 ARG ARG A . n 
A 1 106 LEU 106 103 103 LEU LEU A . n 
A 1 107 SER 107 104 104 SER SER A . n 
A 1 108 SER 108 105 105 SER SER A . n 
A 1 109 PHE 109 106 106 PHE PHE A . n 
A 1 110 SER 110 107 107 SER SER A . n 
A 1 111 THR 111 108 108 THR THR A . n 
A 1 112 VAL 112 109 109 VAL VAL A . n 
A 1 113 GLY 113 110 110 GLY GLY A . n 
A 1 114 GLU 114 111 111 GLU GLU A . n 
A 1 115 SER 115 112 112 SER SER A . n 
A 1 116 LEU 116 113 113 LEU LEU A . n 
A 1 117 LEU 117 114 114 LEU LEU A . n 
A 1 118 TYR 118 115 115 TYR TYR A . n 
A 1 119 MET 119 116 116 MET MET A . n 
A 1 120 LEU 120 117 117 LEU LEU A . n 
A 1 121 GLU 121 118 118 GLU GLU A . n 
A 1 122 LYS 122 119 119 LYS LYS A . n 
A 1 123 SER 123 120 120 SER SER A . n 
A 1 124 LEU 124 121 121 LEU LEU A . n 
A 1 125 GLY 125 122 122 GLY GLY A . n 
A 1 126 PRO 126 123 123 PRO PRO A . n 
A 1 127 ASP 127 124 124 ASP ASP A . n 
A 1 128 PHE 128 125 125 PHE PHE A . n 
A 1 129 THR 129 126 126 THR THR A . n 
A 1 130 PRO 130 127 127 PRO PRO A . n 
A 1 131 ALA 131 128 128 ALA ALA A . n 
A 1 132 THR 132 129 129 THR THR A . n 
A 1 133 ARG 133 130 130 ARG ARG A . n 
A 1 134 THR 134 131 131 THR THR A . n 
A 1 135 ALA 135 132 132 ALA ALA A . n 
A 1 136 TRP 136 133 133 TRP TRP A . n 
A 1 137 SER 137 134 134 SER SER A . n 
A 1 138 ARG 138 135 135 ARG ARG A . n 
A 1 139 LEU 139 136 136 LEU LEU A . n 
A 1 140 TYR 140 137 137 TYR TYR A . n 
A 1 141 GLY 141 138 138 GLY GLY A . n 
A 1 142 ALA 142 139 139 ALA ALA A . n 
A 1 143 VAL 143 140 140 VAL VAL A . n 
A 1 144 VAL 144 141 141 VAL VAL A . n 
A 1 145 GLN 145 142 142 GLN GLN A . n 
A 1 146 ALA 146 143 143 ALA ALA A . n 
A 1 147 MET 147 144 144 MET MET A . n 
A 1 148 SER 148 145 145 SER SER A . n 
A 1 149 ARG 149 146 146 ARG ARG A . n 
A 1 150 GLY 150 147 147 GLY GLY A . n 
A 1 151 TRP 151 148 148 TRP TRP A . n 
A 1 152 ASP 152 149 149 ASP ASP A . n 
A 1 153 GLY 153 150 150 GLY GLY A . n 
A 1 154 GLU 154 151 ?   ?   ?   A . n 
# 
loop_
_pdbx_nonpoly_scheme.asym_id 
_pdbx_nonpoly_scheme.entity_id 
_pdbx_nonpoly_scheme.mon_id 
_pdbx_nonpoly_scheme.ndb_seq_num 
_pdbx_nonpoly_scheme.pdb_seq_num 
_pdbx_nonpoly_scheme.auth_seq_num 
_pdbx_nonpoly_scheme.pdb_mon_id 
_pdbx_nonpoly_scheme.auth_mon_id 
_pdbx_nonpoly_scheme.pdb_strand_id 
_pdbx_nonpoly_scheme.pdb_ins_code 
B 2 SO4 1  201 202 SO4 SO4 A . 
C 3 HEM 1  202 201 HEM HEM A . 
D 4 KR  1  203 204 KR  KR  A . 
E 4 KR  1  204 205 KR  KR  A . 
F 4 KR  1  205 206 KR  KR  A . 
G 4 KR  1  206 210 KR  KR  A . 
H 4 KR  1  207 6   KR  KR  A . 
I 4 KR  1  208 7   KR  KR  A . 
J 4 KR  1  209 8   KR  KR  A . 
K 4 KR  1  210 9   KR  KR  A . 
L 4 KR  1  211 10  KR  KR  A . 
M 4 KR  1  212 11  KR  KR  A . 
N 4 KR  1  213 12  KR  KR  A . 
O 4 KR  1  214 13  KR  KR  A . 
P 4 KR  1  215 14  KR  KR  A . 
Q 4 KR  1  216 15  KR  KR  A . 
R 4 KR  1  217 16  KR  KR  A . 
S 5 HOH 1  301 53  HOH HOH A . 
S 5 HOH 2  302 35  HOH HOH A . 
S 5 HOH 3  303 42  HOH HOH A . 
S 5 HOH 4  304 43  HOH HOH A . 
S 5 HOH 5  305 9   HOH HOH A . 
S 5 HOH 6  306 26  HOH HOH A . 
S 5 HOH 7  307 45  HOH HOH A . 
S 5 HOH 8  308 25  HOH HOH A . 
S 5 HOH 9  309 52  HOH HOH A . 
S 5 HOH 10 310 60  HOH HOH A . 
S 5 HOH 11 311 29  HOH HOH A . 
S 5 HOH 12 312 7   HOH HOH A . 
S 5 HOH 13 313 11  HOH HOH A . 
S 5 HOH 14 314 38  HOH HOH A . 
S 5 HOH 15 315 54  HOH HOH A . 
S 5 HOH 16 316 58  HOH HOH A . 
S 5 HOH 17 317 46  HOH HOH A . 
S 5 HOH 18 318 13  HOH HOH A . 
S 5 HOH 19 319 56  HOH HOH A . 
S 5 HOH 20 320 63  HOH HOH A . 
S 5 HOH 21 321 37  HOH HOH A . 
S 5 HOH 22 322 31  HOH HOH A . 
S 5 HOH 23 323 24  HOH HOH A . 
S 5 HOH 24 324 67  HOH HOH A . 
S 5 HOH 25 325 59  HOH HOH A . 
S 5 HOH 26 326 83  HOH HOH A . 
S 5 HOH 27 327 41  HOH HOH A . 
S 5 HOH 28 328 57  HOH HOH A . 
S 5 HOH 29 329 5   HOH HOH A . 
S 5 HOH 30 330 72  HOH HOH A . 
S 5 HOH 31 331 12  HOH HOH A . 
S 5 HOH 32 332 1   HOH HOH A . 
S 5 HOH 33 333 33  HOH HOH A . 
S 5 HOH 34 334 80  HOH HOH A . 
S 5 HOH 35 335 78  HOH HOH A . 
S 5 HOH 36 336 40  HOH HOH A . 
S 5 HOH 37 337 4   HOH HOH A . 
S 5 HOH 38 338 32  HOH HOH A . 
S 5 HOH 39 339 21  HOH HOH A . 
S 5 HOH 40 340 79  HOH HOH A . 
S 5 HOH 41 341 64  HOH HOH A . 
S 5 HOH 42 342 20  HOH HOH A . 
S 5 HOH 43 343 34  HOH HOH A . 
S 5 HOH 44 344 65  HOH HOH A . 
S 5 HOH 45 345 30  HOH HOH A . 
S 5 HOH 46 346 3   HOH HOH A . 
S 5 HOH 47 347 61  HOH HOH A . 
S 5 HOH 48 348 8   HOH HOH A . 
S 5 HOH 49 349 55  HOH HOH A . 
S 5 HOH 50 350 84  HOH HOH A . 
S 5 HOH 51 351 82  HOH HOH A . 
S 5 HOH 52 352 2   HOH HOH A . 
S 5 HOH 53 353 47  HOH HOH A . 
S 5 HOH 54 354 73  HOH HOH A . 
S 5 HOH 55 355 66  HOH HOH A . 
S 5 HOH 56 356 17  HOH HOH A . 
S 5 HOH 57 357 14  HOH HOH A . 
S 5 HOH 58 358 71  HOH HOH A . 
S 5 HOH 59 359 39  HOH HOH A . 
S 5 HOH 60 360 16  HOH HOH A . 
S 5 HOH 61 361 74  HOH HOH A . 
S 5 HOH 62 362 69  HOH HOH A . 
S 5 HOH 63 363 50  HOH HOH A . 
S 5 HOH 64 364 77  HOH HOH A . 
S 5 HOH 65 365 19  HOH HOH A . 
S 5 HOH 66 366 49  HOH HOH A . 
S 5 HOH 67 367 68  HOH HOH A . 
S 5 HOH 68 368 10  HOH HOH A . 
S 5 HOH 69 369 48  HOH HOH A . 
S 5 HOH 70 370 51  HOH HOH A . 
S 5 HOH 71 371 15  HOH HOH A . 
S 5 HOH 72 372 27  HOH HOH A . 
S 5 HOH 73 373 75  HOH HOH A . 
S 5 HOH 74 374 81  HOH HOH A . 
S 5 HOH 75 375 22  HOH HOH A . 
S 5 HOH 76 376 18  HOH HOH A . 
S 5 HOH 77 377 44  HOH HOH A . 
S 5 HOH 78 378 28  HOH HOH A . 
S 5 HOH 79 379 36  HOH HOH A . 
S 5 HOH 80 380 23  HOH HOH A . 
S 5 HOH 81 381 76  HOH HOH A . 
# 
loop_
_software.citation_id 
_software.classification 
_software.compiler_name 
_software.compiler_version 
_software.contact_author 
_software.contact_author_email 
_software.date 
_software.description 
_software.dependencies 
_software.hardware 
_software.language 
_software.location 
_software.mods 
_software.name 
_software.os 
_software.os_version 
_software.type 
_software.version 
_software.pdbx_ordinal 
? refinement       ? ? ? ? ? ? ? ? ? ? ? REFMAC ? ? ? 5.8.0135 1 
? 'data reduction' ? ? ? ? ? ? ? ? ? ? ? XDS    ? ? ? .        2 
? 'data scaling'   ? ? ? ? ? ? ? ? ? ? ? SCALA  ? ? ? .        3 
? phasing          ? ? ? ? ? ? ? ? ? ? ? REFMAC ? ? ? .        4 
# 
_cell.angle_alpha                  90.00 
_cell.angle_alpha_esd              ? 
_cell.angle_beta                   90.00 
_cell.angle_beta_esd               ? 
_cell.angle_gamma                  120.00 
_cell.angle_gamma_esd              ? 
_cell.entry_id                     6EYE 
_cell.details                      ? 
_cell.formula_units_Z              ? 
_cell.length_a                     87.854 
_cell.length_a_esd                 ? 
_cell.length_b                     87.854 
_cell.length_b_esd                 ? 
_cell.length_c                     113.210 
_cell.length_c_esd                 ? 
_cell.volume                       ? 
_cell.volume_esd                   ? 
_cell.Z_PDB                        18 
_cell.reciprocal_angle_alpha       ? 
_cell.reciprocal_angle_beta        ? 
_cell.reciprocal_angle_gamma       ? 
_cell.reciprocal_angle_alpha_esd   ? 
_cell.reciprocal_angle_beta_esd    ? 
_cell.reciprocal_angle_gamma_esd   ? 
_cell.reciprocal_length_a          ? 
_cell.reciprocal_length_b          ? 
_cell.reciprocal_length_c          ? 
_cell.reciprocal_length_a_esd      ? 
_cell.reciprocal_length_b_esd      ? 
_cell.reciprocal_length_c_esd      ? 
_cell.pdbx_unique_axis             ? 
# 
_symmetry.entry_id                         6EYE 
_symmetry.cell_setting                     ? 
_symmetry.Int_Tables_number                155 
_symmetry.space_group_name_Hall            ? 
_symmetry.space_group_name_H-M             'H 3 2' 
_symmetry.pdbx_full_space_group_name_H-M   ? 
# 
_exptl.absorpt_coefficient_mu     ? 
_exptl.absorpt_correction_T_max   ? 
_exptl.absorpt_correction_T_min   ? 
_exptl.absorpt_correction_type    ? 
_exptl.absorpt_process_details    ? 
_exptl.entry_id                   6EYE 
_exptl.crystals_number            1 
_exptl.details                    ? 
_exptl.method                     'X-RAY DIFFRACTION' 
_exptl.method_details             ? 
# 
_exptl_crystal.colour                      ? 
_exptl_crystal.density_diffrn              ? 
_exptl_crystal.density_Matthews            2.58 
_exptl_crystal.density_method              ? 
_exptl_crystal.density_percent_sol         52.3 
_exptl_crystal.description                 'Deep red prism' 
_exptl_crystal.F_000                       ? 
_exptl_crystal.id                          1 
_exptl_crystal.preparation                 ? 
_exptl_crystal.size_max                    ? 
_exptl_crystal.size_mid                    ? 
_exptl_crystal.size_min                    ? 
_exptl_crystal.size_rad                    ? 
_exptl_crystal.colour_lustre               ? 
_exptl_crystal.colour_modifier             ? 
_exptl_crystal.colour_primary              ? 
_exptl_crystal.density_meas                ? 
_exptl_crystal.density_meas_esd            ? 
_exptl_crystal.density_meas_gt             ? 
_exptl_crystal.density_meas_lt             ? 
_exptl_crystal.density_meas_temp           ? 
_exptl_crystal.density_meas_temp_esd       ? 
_exptl_crystal.density_meas_temp_gt        ? 
_exptl_crystal.density_meas_temp_lt        ? 
_exptl_crystal.pdbx_crystal_image_url      ? 
_exptl_crystal.pdbx_crystal_image_format   ? 
_exptl_crystal.pdbx_mosaicity              ? 
_exptl_crystal.pdbx_mosaicity_esd          ? 
# 
_exptl_crystal_grow.apparatus       ? 
_exptl_crystal_grow.atmosphere      ? 
_exptl_crystal_grow.crystal_id      1 
_exptl_crystal_grow.details         ? 
_exptl_crystal_grow.method          'VAPOR DIFFUSION, HANGING DROP' 
_exptl_crystal_grow.method_ref      ? 
_exptl_crystal_grow.pH              6.5 
_exptl_crystal_grow.pressure        ? 
_exptl_crystal_grow.pressure_esd    ? 
_exptl_crystal_grow.seeding         ? 
_exptl_crystal_grow.seeding_ref     ? 
_exptl_crystal_grow.temp            291 
_exptl_crystal_grow.temp_details    ? 
_exptl_crystal_grow.temp_esd        ? 
_exptl_crystal_grow.time            ? 
_exptl_crystal_grow.pdbx_details    '1.6M AMMONIUM SULPHATE, 0.1M MES' 
_exptl_crystal_grow.pdbx_pH_range   ? 
# 
_diffrn.ambient_environment    ? 
_diffrn.ambient_temp           100 
_diffrn.ambient_temp_details   ? 
_diffrn.ambient_temp_esd       ? 
_diffrn.crystal_id             1 
_diffrn.crystal_support        ? 
_diffrn.crystal_treatment      ? 
_diffrn.details                ? 
_diffrn.id                     1 
_diffrn.ambient_pressure       ? 
_diffrn.ambient_pressure_esd   ? 
_diffrn.ambient_pressure_gt    ? 
_diffrn.ambient_pressure_lt    ? 
_diffrn.ambient_temp_gt        ? 
_diffrn.ambient_temp_lt        ? 
# 
_diffrn_detector.details                      ? 
_diffrn_detector.detector                     PIXEL 
_diffrn_detector.diffrn_id                    1 
_diffrn_detector.type                         'DECTRIS PILATUS 6M-F' 
_diffrn_detector.area_resol_mean              ? 
_diffrn_detector.dtime                        ? 
_diffrn_detector.pdbx_frames_total            ? 
_diffrn_detector.pdbx_collection_time_total   ? 
_diffrn_detector.pdbx_collection_date         2016-07-20 
# 
_diffrn_radiation.collimation                      ? 
_diffrn_radiation.diffrn_id                        1 
_diffrn_radiation.filter_edge                      ? 
_diffrn_radiation.inhomogeneity                    ? 
_diffrn_radiation.monochromator                    'Si (111)' 
_diffrn_radiation.polarisn_norm                    ? 
_diffrn_radiation.polarisn_ratio                   ? 
_diffrn_radiation.probe                            ? 
_diffrn_radiation.type                             ? 
_diffrn_radiation.xray_symbol                      ? 
_diffrn_radiation.wavelength_id                    1 
_diffrn_radiation.pdbx_monochromatic_or_laue_m_l   M 
_diffrn_radiation.pdbx_wavelength_list             ? 
_diffrn_radiation.pdbx_wavelength                  ? 
_diffrn_radiation.pdbx_diffrn_protocol             'SINGLE WAVELENGTH' 
_diffrn_radiation.pdbx_analyzer                    ? 
_diffrn_radiation.pdbx_scattering_type             x-ray 
# 
_diffrn_radiation_wavelength.id           1 
_diffrn_radiation_wavelength.wavelength   0.8556 
_diffrn_radiation_wavelength.wt           1.0 
# 
_diffrn_source.current                     ? 
_diffrn_source.details                     ? 
_diffrn_source.diffrn_id                   1 
_diffrn_source.power                       ? 
_diffrn_source.size                        ? 
_diffrn_source.source                      SYNCHROTRON 
_diffrn_source.target                      ? 
_diffrn_source.type                        'ESRF BEAMLINE ID30B' 
_diffrn_source.voltage                     ? 
_diffrn_source.take-off_angle              ? 
_diffrn_source.pdbx_wavelength_list        0.8556 
_diffrn_source.pdbx_wavelength             ? 
_diffrn_source.pdbx_synchrotron_beamline   ID30B 
_diffrn_source.pdbx_synchrotron_site       ESRF 
# 
_reflns.B_iso_Wilson_estimate            ? 
_reflns.entry_id                         6EYE 
_reflns.data_reduction_details           ? 
_reflns.data_reduction_method            ? 
_reflns.d_resolution_high                1.7 
_reflns.d_resolution_low                 45.41 
_reflns.details                          ? 
_reflns.limit_h_max                      ? 
_reflns.limit_h_min                      ? 
_reflns.limit_k_max                      ? 
_reflns.limit_k_min                      ? 
_reflns.limit_l_max                      ? 
_reflns.limit_l_min                      ? 
_reflns.number_all                       ? 
_reflns.number_obs                       18730 
_reflns.observed_criterion               ? 
_reflns.observed_criterion_F_max         ? 
_reflns.observed_criterion_F_min         ? 
_reflns.observed_criterion_I_max         ? 
_reflns.observed_criterion_I_min         ? 
_reflns.observed_criterion_sigma_F       2 
_reflns.observed_criterion_sigma_I       4 
_reflns.percent_possible_obs             99.8 
_reflns.R_free_details                   ? 
_reflns.Rmerge_F_all                     ? 
_reflns.Rmerge_F_obs                     ? 
_reflns.Friedel_coverage                 ? 
_reflns.number_gt                        ? 
_reflns.threshold_expression             ? 
_reflns.pdbx_redundancy                  19.6 
_reflns.pdbx_Rmerge_I_obs                0.043 
_reflns.pdbx_Rmerge_I_all                ? 
_reflns.pdbx_Rsym_value                  ? 
_reflns.pdbx_netI_over_av_sigmaI         ? 
_reflns.pdbx_netI_over_sigmaI            28.3 
_reflns.pdbx_res_netI_over_av_sigmaI_2   ? 
_reflns.pdbx_res_netI_over_sigmaI_2      ? 
_reflns.pdbx_chi_squared                 ? 
_reflns.pdbx_scaling_rejects             ? 
_reflns.pdbx_d_res_high_opt              ? 
_reflns.pdbx_d_res_low_opt               ? 
_reflns.pdbx_d_res_opt_method            ? 
_reflns.phase_calculation_details        ? 
_reflns.pdbx_Rrim_I_all                  0.045 
_reflns.pdbx_Rpim_I_all                  0.013 
_reflns.pdbx_d_opt                       ? 
_reflns.pdbx_number_measured_all         ? 
_reflns.pdbx_diffrn_id                   1 
_reflns.pdbx_ordinal                     1 
_reflns.pdbx_CC_half                     0.999 
_reflns.pdbx_R_split                     ? 
# 
_reflns_shell.d_res_high                  1.7 
_reflns_shell.d_res_low                   1.8 
_reflns_shell.meanI_over_sigI_all         ? 
_reflns_shell.meanI_over_sigI_obs         ? 
_reflns_shell.number_measured_all         ? 
_reflns_shell.number_measured_obs         ? 
_reflns_shell.number_possible             ? 
_reflns_shell.number_unique_all           ? 
_reflns_shell.number_unique_obs           2672 
_reflns_shell.percent_possible_all        99.1 
_reflns_shell.percent_possible_obs        ? 
_reflns_shell.Rmerge_F_all                ? 
_reflns_shell.Rmerge_F_obs                ? 
_reflns_shell.Rmerge_I_all                ? 
_reflns_shell.Rmerge_I_obs                0.275 
_reflns_shell.meanI_over_sigI_gt          ? 
_reflns_shell.meanI_over_uI_all           ? 
_reflns_shell.meanI_over_uI_gt            ? 
_reflns_shell.number_measured_gt          ? 
_reflns_shell.number_unique_gt            ? 
_reflns_shell.percent_possible_gt         ? 
_reflns_shell.Rmerge_F_gt                 ? 
_reflns_shell.Rmerge_I_gt                 ? 
_reflns_shell.pdbx_redundancy             4.7 
_reflns_shell.pdbx_Rsym_value             ? 
_reflns_shell.pdbx_chi_squared            ? 
_reflns_shell.pdbx_netI_over_sigmaI_all   ? 
_reflns_shell.pdbx_netI_over_sigmaI_obs   ? 
_reflns_shell.pdbx_Rrim_I_all             0.318 
_reflns_shell.pdbx_Rpim_I_all             0.151 
_reflns_shell.pdbx_rejects                ? 
_reflns_shell.pdbx_ordinal                1 
_reflns_shell.pdbx_diffrn_id              1 
_reflns_shell.pdbx_CC_half                0.893 
_reflns_shell.pdbx_R_split                ? 
# 
_refine.aniso_B[1][1]                            0.00 
_refine.aniso_B[1][2]                            0.00 
_refine.aniso_B[1][3]                            0.00 
_refine.aniso_B[2][2]                            0.00 
_refine.aniso_B[2][3]                            0.00 
_refine.aniso_B[3][3]                            0.00 
_refine.B_iso_max                                ? 
_refine.B_iso_mean                               40.372 
_refine.B_iso_min                                ? 
_refine.correlation_coeff_Fo_to_Fc               0.967 
_refine.correlation_coeff_Fo_to_Fc_free          0.939 
_refine.details                                  'HYDROGENS HAVE BEEN ADDED IN THE RIDING POSITIONS' 
_refine.diff_density_max                         ? 
_refine.diff_density_max_esd                     ? 
_refine.diff_density_min                         ? 
_refine.diff_density_min_esd                     ? 
_refine.diff_density_rms                         ? 
_refine.diff_density_rms_esd                     ? 
_refine.entry_id                                 6EYE 
_refine.pdbx_refine_id                           'X-RAY DIFFRACTION' 
_refine.ls_abs_structure_details                 ? 
_refine.ls_abs_structure_Flack                   ? 
_refine.ls_abs_structure_Flack_esd               ? 
_refine.ls_abs_structure_Rogers                  ? 
_refine.ls_abs_structure_Rogers_esd              ? 
_refine.ls_d_res_high                            1.70 
_refine.ls_d_res_low                             45.41 
_refine.ls_extinction_coef                       ? 
_refine.ls_extinction_coef_esd                   ? 
_refine.ls_extinction_expression                 ? 
_refine.ls_extinction_method                     ? 
_refine.ls_goodness_of_fit_all                   ? 
_refine.ls_goodness_of_fit_all_esd               ? 
_refine.ls_goodness_of_fit_obs                   ? 
_refine.ls_goodness_of_fit_obs_esd               ? 
_refine.ls_hydrogen_treatment                    ? 
_refine.ls_matrix_type                           ? 
_refine.ls_number_constraints                    ? 
_refine.ls_number_parameters                     ? 
_refine.ls_number_reflns_all                     ? 
_refine.ls_number_reflns_obs                     17859 
_refine.ls_number_reflns_R_free                  866 
_refine.ls_number_reflns_R_work                  ? 
_refine.ls_number_restraints                     ? 
_refine.ls_percent_reflns_obs                    99.81 
_refine.ls_percent_reflns_R_free                 4.6 
_refine.ls_R_factor_all                          ? 
_refine.ls_R_factor_obs                          0.19620 
_refine.ls_R_factor_R_free                       0.25394 
_refine.ls_R_factor_R_free_error                 ? 
_refine.ls_R_factor_R_free_error_details         ? 
_refine.ls_R_factor_R_work                       0.19373 
_refine.ls_R_Fsqd_factor_obs                     ? 
_refine.ls_R_I_factor_obs                        ? 
_refine.ls_redundancy_reflns_all                 ? 
_refine.ls_redundancy_reflns_obs                 ? 
_refine.ls_restrained_S_all                      ? 
_refine.ls_restrained_S_obs                      ? 
_refine.ls_shift_over_esd_max                    ? 
_refine.ls_shift_over_esd_mean                   ? 
_refine.ls_structure_factor_coef                 ? 
_refine.ls_weighting_details                     ? 
_refine.ls_weighting_scheme                      ? 
_refine.ls_wR_factor_all                         ? 
_refine.ls_wR_factor_obs                         ? 
_refine.ls_wR_factor_R_free                      ? 
_refine.ls_wR_factor_R_work                      ? 
_refine.occupancy_max                            ? 
_refine.occupancy_min                            ? 
_refine.solvent_model_details                    ? 
_refine.solvent_model_param_bsol                 ? 
_refine.solvent_model_param_ksol                 ? 
_refine.ls_R_factor_gt                           ? 
_refine.ls_goodness_of_fit_gt                    ? 
_refine.ls_goodness_of_fit_ref                   ? 
_refine.ls_shift_over_su_max                     ? 
_refine.ls_shift_over_su_max_lt                  ? 
_refine.ls_shift_over_su_mean                    ? 
_refine.ls_shift_over_su_mean_lt                 ? 
_refine.pdbx_ls_sigma_I                          ? 
_refine.pdbx_ls_sigma_F                          ? 
_refine.pdbx_ls_sigma_Fsqd                       ? 
_refine.pdbx_data_cutoff_high_absF               ? 
_refine.pdbx_data_cutoff_high_rms_absF           ? 
_refine.pdbx_data_cutoff_low_absF                ? 
_refine.pdbx_isotropic_thermal_model             ? 
_refine.pdbx_ls_cross_valid_method               THROUGHOUT 
_refine.pdbx_method_to_determine_struct          'FOURIER SYNTHESIS' 
_refine.pdbx_starting_model                      4O4T 
_refine.pdbx_stereochemistry_target_values       ? 
_refine.pdbx_R_Free_selection_details            RANDOM 
_refine.pdbx_stereochem_target_val_spec_case     ? 
_refine.pdbx_overall_ESU_R                       0.111 
_refine.pdbx_overall_ESU_R_Free                  0.121 
_refine.pdbx_solvent_vdw_probe_radii             1.20 
_refine.pdbx_solvent_ion_probe_radii             0.80 
_refine.pdbx_solvent_shrinkage_radii             0.80 
_refine.pdbx_real_space_R                        ? 
_refine.pdbx_density_correlation                 ? 
_refine.pdbx_pd_number_of_powder_patterns        ? 
_refine.pdbx_pd_number_of_points                 ? 
_refine.pdbx_pd_meas_number_of_points            ? 
_refine.pdbx_pd_proc_ls_prof_R_factor            ? 
_refine.pdbx_pd_proc_ls_prof_wR_factor           ? 
_refine.pdbx_pd_Marquardt_correlation_coeff      ? 
_refine.pdbx_pd_Fsqrd_R_factor                   ? 
_refine.pdbx_pd_ls_matrix_band_width             ? 
_refine.pdbx_overall_phase_error                 ? 
_refine.pdbx_overall_SU_R_free_Cruickshank_DPI   ? 
_refine.pdbx_overall_SU_R_free_Blow_DPI          ? 
_refine.pdbx_overall_SU_R_Blow_DPI               ? 
_refine.pdbx_TLS_residual_ADP_flag               ? 
_refine.pdbx_diffrn_id                           1 
_refine.overall_SU_B                             2.401 
_refine.overall_SU_ML                            0.081 
_refine.overall_SU_R_Cruickshank_DPI             ? 
_refine.overall_SU_R_free                        ? 
_refine.overall_FOM_free_R_set                   ? 
_refine.overall_FOM_work_R_set                   ? 
_refine.pdbx_average_fsc_overall                 ? 
_refine.pdbx_average_fsc_work                    ? 
_refine.pdbx_average_fsc_free                    ? 
# 
_refine_hist.pdbx_refine_id                   'X-RAY DIFFRACTION' 
_refine_hist.cycle_id                         1 
_refine_hist.pdbx_number_atoms_protein        1172 
_refine_hist.pdbx_number_atoms_nucleic_acid   0 
_refine_hist.pdbx_number_atoms_ligand         63 
_refine_hist.number_atoms_solvent             81 
_refine_hist.number_atoms_total               1316 
_refine_hist.d_res_high                       1.70 
_refine_hist.d_res_low                        45.41 
# 
loop_
_refine_ls_restr.pdbx_refine_id 
_refine_ls_restr.criterion 
_refine_ls_restr.dev_ideal 
_refine_ls_restr.dev_ideal_target 
_refine_ls_restr.number 
_refine_ls_restr.rejects 
_refine_ls_restr.type 
_refine_ls_restr.weight 
_refine_ls_restr.pdbx_restraint_function 
'X-RAY DIFFRACTION' ? 0.023  0.019  1299 ? r_bond_refined_d             ? ? 
'X-RAY DIFFRACTION' ? 0.003  0.020  1209 ? r_bond_other_d               ? ? 
'X-RAY DIFFRACTION' ? 2.241  2.023  1786 ? r_angle_refined_deg          ? ? 
'X-RAY DIFFRACTION' ? 1.195  3.000  2786 ? r_angle_other_deg            ? ? 
'X-RAY DIFFRACTION' ? 5.659  5.000  160  ? r_dihedral_angle_1_deg       ? ? 
'X-RAY DIFFRACTION' ? 32.592 22.281 57   ? r_dihedral_angle_2_deg       ? ? 
'X-RAY DIFFRACTION' ? 16.139 15.000 215  ? r_dihedral_angle_3_deg       ? ? 
'X-RAY DIFFRACTION' ? 20.945 15.000 13   ? r_dihedral_angle_4_deg       ? ? 
'X-RAY DIFFRACTION' ? 0.147  0.200  192  ? r_chiral_restr               ? ? 
'X-RAY DIFFRACTION' ? 0.011  0.021  1467 ? r_gen_planes_refined         ? ? 
'X-RAY DIFFRACTION' ? 0.004  0.020  316  ? r_gen_planes_other           ? ? 
'X-RAY DIFFRACTION' ? ?      ?      ?    ? r_nbd_refined                ? ? 
'X-RAY DIFFRACTION' ? ?      ?      ?    ? r_nbd_other                  ? ? 
'X-RAY DIFFRACTION' ? ?      ?      ?    ? r_nbtor_refined              ? ? 
'X-RAY DIFFRACTION' ? ?      ?      ?    ? r_nbtor_other                ? ? 
'X-RAY DIFFRACTION' ? ?      ?      ?    ? r_xyhbond_nbd_refined        ? ? 
'X-RAY DIFFRACTION' ? ?      ?      ?    ? r_xyhbond_nbd_other          ? ? 
'X-RAY DIFFRACTION' ? ?      ?      ?    ? r_metal_ion_refined          ? ? 
'X-RAY DIFFRACTION' ? ?      ?      ?    ? r_metal_ion_other            ? ? 
'X-RAY DIFFRACTION' ? ?      ?      ?    ? r_symmetry_vdw_refined       ? ? 
'X-RAY DIFFRACTION' ? ?      ?      ?    ? r_symmetry_vdw_other         ? ? 
'X-RAY DIFFRACTION' ? ?      ?      ?    ? r_symmetry_hbond_refined     ? ? 
'X-RAY DIFFRACTION' ? ?      ?      ?    ? r_symmetry_hbond_other       ? ? 
'X-RAY DIFFRACTION' ? ?      ?      ?    ? r_symmetry_metal_ion_refined ? ? 
'X-RAY DIFFRACTION' ? ?      ?      ?    ? r_symmetry_metal_ion_other   ? ? 
'X-RAY DIFFRACTION' ? 3.916  3.707  605  ? r_mcbond_it                  ? ? 
'X-RAY DIFFRACTION' ? 3.919  3.698  604  ? r_mcbond_other               ? ? 
'X-RAY DIFFRACTION' ? 5.279  5.536  758  ? r_mcangle_it                 ? ? 
'X-RAY DIFFRACTION' ? 5.276  5.546  759  ? r_mcangle_other              ? ? 
'X-RAY DIFFRACTION' ? 4.656  4.173  694  ? r_scbond_it                  ? ? 
'X-RAY DIFFRACTION' ? 4.649  4.174  688  ? r_scbond_other               ? ? 
'X-RAY DIFFRACTION' ? ?      ?      ?    ? r_scangle_it                 ? ? 
'X-RAY DIFFRACTION' ? 7.049  6.040  1015 ? r_scangle_other              ? ? 
'X-RAY DIFFRACTION' ? 9.283  30.946 1673 ? r_long_range_B_refined       ? ? 
'X-RAY DIFFRACTION' ? 9.255  30.750 1641 ? r_long_range_B_other         ? ? 
'X-RAY DIFFRACTION' ? ?      ?      ?    ? r_rigid_bond_restr           ? ? 
'X-RAY DIFFRACTION' ? ?      ?      ?    ? r_sphericity_free            ? ? 
'X-RAY DIFFRACTION' ? ?      ?      ?    ? r_sphericity_bonded          ? ? 
# 
_refine_ls_shell.pdbx_refine_id                   'X-RAY DIFFRACTION' 
_refine_ls_shell.d_res_high                       1.70 
_refine_ls_shell.d_res_low                        1.743 
_refine_ls_shell.number_reflns_all                ? 
_refine_ls_shell.number_reflns_obs                ? 
_refine_ls_shell.number_reflns_R_free             72 
_refine_ls_shell.number_reflns_R_work             1261 
_refine_ls_shell.percent_reflns_obs               98.16 
_refine_ls_shell.percent_reflns_R_free            ? 
_refine_ls_shell.R_factor_all                     ? 
_refine_ls_shell.R_factor_obs                     ? 
_refine_ls_shell.R_factor_R_free                  0.279 
_refine_ls_shell.R_factor_R_free_error            ? 
_refine_ls_shell.R_factor_R_work                  0.239 
_refine_ls_shell.redundancy_reflns_all            ? 
_refine_ls_shell.redundancy_reflns_obs            ? 
_refine_ls_shell.wR_factor_all                    ? 
_refine_ls_shell.wR_factor_obs                    ? 
_refine_ls_shell.wR_factor_R_free                 ? 
_refine_ls_shell.wR_factor_R_work                 ? 
_refine_ls_shell.pdbx_total_number_of_bins_used   ? 
_refine_ls_shell.pdbx_phase_error                 ? 
_refine_ls_shell.pdbx_fsc_work                    ? 
_refine_ls_shell.pdbx_fsc_free                    ? 
# 
_struct.entry_id                     6EYE 
_struct.title                        'Crystal structure of murine neuroglobin under 150 bar krypton' 
_struct.pdbx_model_details           ? 
_struct.pdbx_formula_weight          ? 
_struct.pdbx_formula_weight_method   ? 
_struct.pdbx_model_type_details      ? 
_struct.pdbx_CASP_flag               N 
# 
_struct_keywords.entry_id        6EYE 
_struct_keywords.text            '---- NGB KRYPTON 150 BAR, OXYGEN TRANSPORT' 
_struct_keywords.pdbx_keywords   'OXYGEN TRANSPORT' 
# 
loop_
_struct_asym.id 
_struct_asym.pdbx_blank_PDB_chainid_flag 
_struct_asym.pdbx_modified 
_struct_asym.entity_id 
_struct_asym.details 
A N N 1 ? 
B N N 2 ? 
C N N 3 ? 
D N N 4 ? 
E N N 4 ? 
F N N 4 ? 
G N N 4 ? 
H N N 4 ? 
I N N 4 ? 
J N N 4 ? 
K N N 4 ? 
L N N 4 ? 
M N N 4 ? 
N N N 4 ? 
O N N 4 ? 
P N N 4 ? 
Q N N 4 ? 
R N N 4 ? 
S N N 5 ? 
# 
_struct_ref.id                         1 
_struct_ref.db_name                    UNP 
_struct_ref.db_code                    NGB_MOUSE 
_struct_ref.pdbx_db_accession          Q9ER97 
_struct_ref.pdbx_db_isoform            ? 
_struct_ref.entity_id                  1 
_struct_ref.pdbx_seq_one_letter_code   
;MERPESELIRQSWRVVSRSPLEHGTVLFARLFALEPSLLPLFQYNGRQFSSPEDCLSSPEFLDHIRKVMLVIDAAVTNVE
DLSSLEEYLTSLGRKHRAVGVRLSSFSTVGESLLYMLEKCLGPDFTPATRTAWSRLYGAVVQAMSRGWDGE
;
_struct_ref.pdbx_align_begin           1 
# 
_struct_ref_seq.align_id                      1 
_struct_ref_seq.ref_id                        1 
_struct_ref_seq.pdbx_PDB_id_code              6EYE 
_struct_ref_seq.pdbx_strand_id                A 
_struct_ref_seq.seq_align_beg                 4 
_struct_ref_seq.pdbx_seq_align_beg_ins_code   ? 
_struct_ref_seq.seq_align_end                 154 
_struct_ref_seq.pdbx_seq_align_end_ins_code   ? 
_struct_ref_seq.pdbx_db_accession             Q9ER97 
_struct_ref_seq.db_align_beg                  1 
_struct_ref_seq.pdbx_db_align_beg_ins_code    ? 
_struct_ref_seq.db_align_end                  151 
_struct_ref_seq.pdbx_db_align_end_ins_code    ? 
_struct_ref_seq.pdbx_auth_seq_align_beg       1 
_struct_ref_seq.pdbx_auth_seq_align_end       151 
# 
loop_
_struct_ref_seq_dif.align_id 
_struct_ref_seq_dif.pdbx_pdb_id_code 
_struct_ref_seq_dif.mon_id 
_struct_ref_seq_dif.pdbx_pdb_strand_id 
_struct_ref_seq_dif.seq_num 
_struct_ref_seq_dif.pdbx_pdb_ins_code 
_struct_ref_seq_dif.pdbx_seq_db_name 
_struct_ref_seq_dif.pdbx_seq_db_accession_code 
_struct_ref_seq_dif.db_mon_id 
_struct_ref_seq_dif.pdbx_seq_db_seq_num 
_struct_ref_seq_dif.details 
_struct_ref_seq_dif.pdbx_auth_seq_num 
_struct_ref_seq_dif.pdbx_ordinal 
1 6EYE GLY A 1   ? UNP Q9ER97 ?   ?   'expression tag'      -2  1 
1 6EYE SER A 2   ? UNP Q9ER97 ?   ?   'expression tag'      -1  2 
1 6EYE HIS A 3   ? UNP Q9ER97 ?   ?   'expression tag'      0   3 
1 6EYE SER A 58  ? UNP Q9ER97 CYS 55  'engineered mutation' 55  4 
1 6EYE SER A 123 ? UNP Q9ER97 CYS 120 'engineered mutation' 120 5 
# 
_pdbx_struct_assembly.id                   1 
_pdbx_struct_assembly.details              software_defined_assembly 
_pdbx_struct_assembly.method_details       PISA 
_pdbx_struct_assembly.oligomeric_details   monomeric 
_pdbx_struct_assembly.oligomeric_count     1 
# 
loop_
_pdbx_struct_assembly_prop.biol_id 
_pdbx_struct_assembly_prop.type 
_pdbx_struct_assembly_prop.value 
_pdbx_struct_assembly_prop.details 
1 'ABSA (A^2)' 3720 ? 
1 MORE         -42  ? 
1 'SSA (A^2)'  7620 ? 
# 
_pdbx_struct_assembly_gen.assembly_id       1 
_pdbx_struct_assembly_gen.oper_expression   1 
_pdbx_struct_assembly_gen.asym_id_list      A,B,C,D,E,F,G,H,I,J,K,L,M,N,O,P,Q,R,S 
# 
_pdbx_struct_assembly_auth_evidence.id                     1 
_pdbx_struct_assembly_auth_evidence.assembly_id            1 
_pdbx_struct_assembly_auth_evidence.experimental_support   none 
_pdbx_struct_assembly_auth_evidence.details                ? 
# 
_pdbx_struct_oper_list.id                   1 
_pdbx_struct_oper_list.type                 'identity operation' 
_pdbx_struct_oper_list.name                 1_555 
_pdbx_struct_oper_list.symmetry_operation   x,y,z 
_pdbx_struct_oper_list.matrix[1][1]         1.0000000000 
_pdbx_struct_oper_list.matrix[1][2]         0.0000000000 
_pdbx_struct_oper_list.matrix[1][3]         0.0000000000 
_pdbx_struct_oper_list.vector[1]            0.0000000000 
_pdbx_struct_oper_list.matrix[2][1]         0.0000000000 
_pdbx_struct_oper_list.matrix[2][2]         1.0000000000 
_pdbx_struct_oper_list.matrix[2][3]         0.0000000000 
_pdbx_struct_oper_list.vector[2]            0.0000000000 
_pdbx_struct_oper_list.matrix[3][1]         0.0000000000 
_pdbx_struct_oper_list.matrix[3][2]         0.0000000000 
_pdbx_struct_oper_list.matrix[3][3]         1.0000000000 
_pdbx_struct_oper_list.vector[3]            0.0000000000 
# 
loop_
_struct_conf.conf_type_id 
_struct_conf.id 
_struct_conf.pdbx_PDB_helix_id 
_struct_conf.beg_label_comp_id 
_struct_conf.beg_label_asym_id 
_struct_conf.beg_label_seq_id 
_struct_conf.pdbx_beg_PDB_ins_code 
_struct_conf.end_label_comp_id 
_struct_conf.end_label_asym_id 
_struct_conf.end_label_seq_id 
_struct_conf.pdbx_end_PDB_ins_code 
_struct_conf.beg_auth_comp_id 
_struct_conf.beg_auth_asym_id 
_struct_conf.beg_auth_seq_id 
_struct_conf.end_auth_comp_id 
_struct_conf.end_auth_asym_id 
_struct_conf.end_auth_seq_id 
_struct_conf.pdbx_PDB_helix_class 
_struct_conf.details 
_struct_conf.pdbx_PDB_helix_length 
HELX_P HELX_P1  AA1 PRO A 7   ? ARG A 21  ? PRO A 4   ARG A 18  1 ? 15 
HELX_P HELX_P2  AA2 SER A 22  ? GLU A 38  ? SER A 19  GLU A 35  1 ? 17 
HELX_P HELX_P3  AA3 PRO A 39  ? PHE A 45  ? PRO A 36  PHE A 42  5 ? 7  
HELX_P HELX_P4  AA4 SER A 54  ? LEU A 59  ? SER A 51  LEU A 56  1 ? 6  
HELX_P HELX_P5  AA5 SER A 61  ? ASN A 81  ? SER A 58  ASN A 78  1 ? 21 
HELX_P HELX_P6  AA6 ASP A 84  ? SER A 87  ? ASP A 81  SER A 84  5 ? 4  
HELX_P HELX_P7  AA7 LEU A 88  ? GLY A 103 ? LEU A 85  GLY A 100 1 ? 16 
HELX_P HELX_P8  AA8 SER A 107 ? GLY A 125 ? SER A 104 GLY A 122 1 ? 19 
HELX_P HELX_P9  AA9 PRO A 126 ? PHE A 128 ? PRO A 123 PHE A 125 5 ? 3  
HELX_P HELX_P10 AB1 THR A 129 ? ARG A 149 ? THR A 126 ARG A 146 1 ? 21 
# 
_struct_conf_type.id          HELX_P 
_struct_conf_type.criteria    ? 
_struct_conf_type.reference   ? 
# 
loop_
_struct_conn.id 
_struct_conn.conn_type_id 
_struct_conn.pdbx_leaving_atom_flag 
_struct_conn.pdbx_PDB_id 
_struct_conn.ptnr1_label_asym_id 
_struct_conn.ptnr1_label_comp_id 
_struct_conn.ptnr1_label_seq_id 
_struct_conn.ptnr1_label_atom_id 
_struct_conn.pdbx_ptnr1_label_alt_id 
_struct_conn.pdbx_ptnr1_PDB_ins_code 
_struct_conn.pdbx_ptnr1_standard_comp_id 
_struct_conn.ptnr1_symmetry 
_struct_conn.ptnr2_label_asym_id 
_struct_conn.ptnr2_label_comp_id 
_struct_conn.ptnr2_label_seq_id 
_struct_conn.ptnr2_label_atom_id 
_struct_conn.pdbx_ptnr2_label_alt_id 
_struct_conn.pdbx_ptnr2_PDB_ins_code 
_struct_conn.ptnr1_auth_asym_id 
_struct_conn.ptnr1_auth_comp_id 
_struct_conn.ptnr1_auth_seq_id 
_struct_conn.ptnr2_auth_asym_id 
_struct_conn.ptnr2_auth_comp_id 
_struct_conn.ptnr2_auth_seq_id 
_struct_conn.ptnr2_symmetry 
_struct_conn.pdbx_ptnr3_label_atom_id 
_struct_conn.pdbx_ptnr3_label_seq_id 
_struct_conn.pdbx_ptnr3_label_comp_id 
_struct_conn.pdbx_ptnr3_label_asym_id 
_struct_conn.pdbx_ptnr3_label_alt_id 
_struct_conn.pdbx_ptnr3_PDB_ins_code 
_struct_conn.details 
_struct_conn.pdbx_dist_value 
_struct_conn.pdbx_value_order 
_struct_conn.pdbx_role 
metalc1 metalc ? ? A HIS 67 NE2 ? ? ? 1_555 C HEM . FE ? ? A HIS 64 A HEM 202 1_555 ? ? ? ? ? ? ? 2.141 ? ? 
metalc2 metalc ? ? A HIS 99 NE2 ? ? ? 1_555 C HEM . FE ? ? A HIS 96 A HEM 202 1_555 ? ? ? ? ? ? ? 2.197 ? ? 
# 
_struct_conn_type.id          metalc 
_struct_conn_type.criteria    ? 
_struct_conn_type.reference   ? 
# 
loop_
_pdbx_struct_conn_angle.id 
_pdbx_struct_conn_angle.ptnr1_label_atom_id 
_pdbx_struct_conn_angle.ptnr1_label_alt_id 
_pdbx_struct_conn_angle.ptnr1_label_asym_id 
_pdbx_struct_conn_angle.ptnr1_label_comp_id 
_pdbx_struct_conn_angle.ptnr1_label_seq_id 
_pdbx_struct_conn_angle.ptnr1_auth_atom_id 
_pdbx_struct_conn_angle.ptnr1_auth_asym_id 
_pdbx_struct_conn_angle.ptnr1_auth_comp_id 
_pdbx_struct_conn_angle.ptnr1_auth_seq_id 
_pdbx_struct_conn_angle.ptnr1_PDB_ins_code 
_pdbx_struct_conn_angle.ptnr1_symmetry 
_pdbx_struct_conn_angle.ptnr2_label_atom_id 
_pdbx_struct_conn_angle.ptnr2_label_alt_id 
_pdbx_struct_conn_angle.ptnr2_label_asym_id 
_pdbx_struct_conn_angle.ptnr2_label_comp_id 
_pdbx_struct_conn_angle.ptnr2_label_seq_id 
_pdbx_struct_conn_angle.ptnr2_auth_atom_id 
_pdbx_struct_conn_angle.ptnr2_auth_asym_id 
_pdbx_struct_conn_angle.ptnr2_auth_comp_id 
_pdbx_struct_conn_angle.ptnr2_auth_seq_id 
_pdbx_struct_conn_angle.ptnr2_PDB_ins_code 
_pdbx_struct_conn_angle.ptnr2_symmetry 
_pdbx_struct_conn_angle.ptnr3_label_atom_id 
_pdbx_struct_conn_angle.ptnr3_label_alt_id 
_pdbx_struct_conn_angle.ptnr3_label_asym_id 
_pdbx_struct_conn_angle.ptnr3_label_comp_id 
_pdbx_struct_conn_angle.ptnr3_label_seq_id 
_pdbx_struct_conn_angle.ptnr3_auth_atom_id 
_pdbx_struct_conn_angle.ptnr3_auth_asym_id 
_pdbx_struct_conn_angle.ptnr3_auth_comp_id 
_pdbx_struct_conn_angle.ptnr3_auth_seq_id 
_pdbx_struct_conn_angle.ptnr3_PDB_ins_code 
_pdbx_struct_conn_angle.ptnr3_symmetry 
_pdbx_struct_conn_angle.value 
_pdbx_struct_conn_angle.value_esd 
1  NE2 ? A HIS 67 ? A HIS 64  ? 1_555 FE ? C HEM . ? A HEM 202 ? 1_555 NA  ? C HEM .  ? A HEM 202 ? 1_555 87.7  ? 
2  NE2 ? A HIS 67 ? A HIS 64  ? 1_555 FE ? C HEM . ? A HEM 202 ? 1_555 NB  ? C HEM .  ? A HEM 202 ? 1_555 93.8  ? 
3  NA  ? C HEM .  ? A HEM 202 ? 1_555 FE ? C HEM . ? A HEM 202 ? 1_555 NB  ? C HEM .  ? A HEM 202 ? 1_555 88.7  ? 
4  NE2 ? A HIS 67 ? A HIS 64  ? 1_555 FE ? C HEM . ? A HEM 202 ? 1_555 NC  ? C HEM .  ? A HEM 202 ? 1_555 93.4  ? 
5  NA  ? C HEM .  ? A HEM 202 ? 1_555 FE ? C HEM . ? A HEM 202 ? 1_555 NC  ? C HEM .  ? A HEM 202 ? 1_555 178.9 ? 
6  NB  ? C HEM .  ? A HEM 202 ? 1_555 FE ? C HEM . ? A HEM 202 ? 1_555 NC  ? C HEM .  ? A HEM 202 ? 1_555 91.3  ? 
7  NE2 ? A HIS 67 ? A HIS 64  ? 1_555 FE ? C HEM . ? A HEM 202 ? 1_555 ND  ? C HEM .  ? A HEM 202 ? 1_555 87.3  ? 
8  NA  ? C HEM .  ? A HEM 202 ? 1_555 FE ? C HEM . ? A HEM 202 ? 1_555 ND  ? C HEM .  ? A HEM 202 ? 1_555 90.6  ? 
9  NB  ? C HEM .  ? A HEM 202 ? 1_555 FE ? C HEM . ? A HEM 202 ? 1_555 ND  ? C HEM .  ? A HEM 202 ? 1_555 178.6 ? 
10 NC  ? C HEM .  ? A HEM 202 ? 1_555 FE ? C HEM . ? A HEM 202 ? 1_555 ND  ? C HEM .  ? A HEM 202 ? 1_555 89.4  ? 
11 NE2 ? A HIS 67 ? A HIS 64  ? 1_555 FE ? C HEM . ? A HEM 202 ? 1_555 NE2 ? A HIS 99 ? A HIS 96  ? 1_555 175.1 ? 
12 NA  ? C HEM .  ? A HEM 202 ? 1_555 FE ? C HEM . ? A HEM 202 ? 1_555 NE2 ? A HIS 99 ? A HIS 96  ? 1_555 87.6  ? 
13 NB  ? C HEM .  ? A HEM 202 ? 1_555 FE ? C HEM . ? A HEM 202 ? 1_555 NE2 ? A HIS 99 ? A HIS 96  ? 1_555 87.5  ? 
14 NC  ? C HEM .  ? A HEM 202 ? 1_555 FE ? C HEM . ? A HEM 202 ? 1_555 NE2 ? A HIS 99 ? A HIS 96  ? 1_555 91.3  ? 
15 ND  ? C HEM .  ? A HEM 202 ? 1_555 FE ? C HEM . ? A HEM 202 ? 1_555 NE2 ? A HIS 99 ? A HIS 96  ? 1_555 91.3  ? 
# 
loop_
_struct_site.id 
_struct_site.pdbx_evidence_code 
_struct_site.pdbx_auth_asym_id 
_struct_site.pdbx_auth_comp_id 
_struct_site.pdbx_auth_seq_id 
_struct_site.pdbx_auth_ins_code 
_struct_site.pdbx_num_residues 
_struct_site.details 
AC1 Software A SO4 201 ? 5  'binding site for residue SO4 A 201' 
AC2 Software A HEM 202 ? 22 'binding site for residue HEM A 202' 
AC3 Software A KR  203 ? 4  'binding site for residue KR A 203'  
AC4 Software A KR  205 ? 1  'binding site for residue KR A 205'  
AC5 Software A KR  206 ? 4  'binding site for residue KR A 206'  
AC6 Software A KR  207 ? 2  'binding site for residue KR A 207'  
AC7 Software A KR  208 ? 3  'binding site for residue KR A 208'  
AC8 Software A KR  209 ? 5  'binding site for residue KR A 209'  
AC9 Software A KR  210 ? 3  'binding site for residue KR A 210'  
AD1 Software A KR  211 ? 1  'binding site for residue KR A 211'  
AD2 Software A KR  212 ? 4  'binding site for residue KR A 212'  
AD3 Software A KR  213 ? 2  'binding site for residue KR A 213'  
AD4 Software A KR  214 ? 2  'binding site for residue KR A 214'  
AD5 Software A KR  216 ? 1  'binding site for residue KR A 216'  
AD6 Software A KR  217 ? 5  'binding site for residue KR A 217'  
# 
loop_
_struct_site_gen.id 
_struct_site_gen.site_id 
_struct_site_gen.pdbx_num_res 
_struct_site_gen.label_comp_id 
_struct_site_gen.label_asym_id 
_struct_site_gen.label_seq_id 
_struct_site_gen.pdbx_auth_ins_code 
_struct_site_gen.auth_comp_id 
_struct_site_gen.auth_asym_id 
_struct_site_gen.auth_seq_id 
_struct_site_gen.label_atom_id 
_struct_site_gen.label_alt_id 
_struct_site_gen.symmetry 
_struct_site_gen.details 
1  AC1 5  SER A 22  ? SER A 19  . ? 1_555  ? 
2  AC1 5  PRO A 23  ? PRO A 20  . ? 1_555  ? 
3  AC1 5  LEU A 24  ? LEU A 21  . ? 1_555  ? 
4  AC1 5  GLU A 25  ? GLU A 22  . ? 1_555  ? 
5  AC1 5  ARG A 69  ? ARG A 66  . ? 1_555  ? 
6  AC2 22 LEU A 44  ? LEU A 41  . ? 1_555  ? 
7  AC2 22 PHE A 45  ? PHE A 42  . ? 1_555  ? 
8  AC2 22 TYR A 47  ? TYR A 44  . ? 1_555  ? 
9  AC2 22 HIS A 67  ? HIS A 64  . ? 1_555  ? 
10 AC2 22 LYS A 70  ? LYS A 67  . ? 1_555  ? 
11 AC2 22 LYS A 70  ? LYS A 67  . ? 18_655 ? 
12 AC2 22 VAL A 71  ? VAL A 68  . ? 1_555  ? 
13 AC2 22 VAL A 74  ? VAL A 71  . ? 1_555  ? 
14 AC2 22 TYR A 91  ? TYR A 88  . ? 1_555  ? 
15 AC2 22 LEU A 95  ? LEU A 92  . ? 1_555  ? 
16 AC2 22 LYS A 98  ? LYS A 95  . ? 1_555  ? 
17 AC2 22 HIS A 99  ? HIS A 96  . ? 1_555  ? 
18 AC2 22 VAL A 104 ? VAL A 101 . ? 1_555  ? 
19 AC2 22 KR  H .   ? KR  A 207 . ? 1_555  ? 
20 AC2 22 KR  I .   ? KR  A 208 . ? 1_555  ? 
21 AC2 22 KR  J .   ? KR  A 209 . ? 1_555  ? 
22 AC2 22 KR  M .   ? KR  A 212 . ? 1_555  ? 
23 AC2 22 KR  N .   ? KR  A 213 . ? 1_555  ? 
24 AC2 22 HOH S .   ? HOH A 301 . ? 18_655 ? 
25 AC2 22 HOH S .   ? HOH A 301 . ? 1_555  ? 
26 AC2 22 HOH S .   ? HOH A 322 . ? 1_555  ? 
27 AC2 22 HOH S .   ? HOH A 330 . ? 1_555  ? 
28 AC3 4  ALA A 32  ? ALA A 29  . ? 1_555  ? 
29 AC3 4  PHE A 35  ? PHE A 32  . ? 1_555  ? 
30 AC3 4  SER A 58  ? SER A 55  . ? 1_555  ? 
31 AC3 4  LEU A 59  ? LEU A 56  . ? 1_555  ? 
32 AC4 1  VAL A 112 ? VAL A 109 . ? 1_555  ? 
33 AC5 4  GLY A 113 ? GLY A 110 . ? 1_555  ? 
34 AC5 4  LEU A 117 ? LEU A 114 . ? 1_555  ? 
35 AC5 4  TRP A 136 ? TRP A 133 . ? 1_555  ? 
36 AC5 4  TYR A 140 ? TYR A 137 . ? 1_555  ? 
37 AC6 2  VAL A 143 ? VAL A 140 . ? 1_555  ? 
38 AC6 2  HEM C .   ? HEM A 202 . ? 1_555  ? 
39 AC7 3  PHE A 31  ? PHE A 28  . ? 1_555  ? 
40 AC7 3  VAL A 112 ? VAL A 109 . ? 1_555  ? 
41 AC7 3  HEM C .   ? HEM A 202 . ? 1_555  ? 
42 AC8 5  LYS A 70  ? LYS A 67  . ? 18_655 ? 
43 AC8 5  TYR A 91  ? TYR A 88  . ? 1_555  ? 
44 AC8 5  SER A 94  ? SER A 91  . ? 1_555  ? 
45 AC8 5  LEU A 95  ? LEU A 92  . ? 1_555  ? 
46 AC8 5  HEM C .   ? HEM A 202 . ? 1_555  ? 
47 AC9 3  LEU A 73  ? LEU A 70  . ? 18_655 ? 
48 AC9 3  TYR A 91  ? TYR A 88  . ? 1_555  ? 
49 AC9 3  KR  L .   ? KR  A 211 . ? 1_555  ? 
50 AD1 1  KR  K .   ? KR  A 210 . ? 1_555  ? 
51 AD2 4  LYS A 98  ? LYS A 95  . ? 1_555  ? 
52 AD2 4  HIS A 99  ? HIS A 96  . ? 1_555  ? 
53 AD2 4  VAL A 102 ? VAL A 99  . ? 1_555  ? 
54 AD2 4  HEM C .   ? HEM A 202 . ? 1_555  ? 
55 AD3 2  PHE A 109 ? PHE A 106 . ? 1_555  ? 
56 AD3 2  HEM C .   ? HEM A 202 . ? 1_555  ? 
57 AD4 2  LEU A 85  ? LEU A 82  . ? 1_555  ? 
58 AD4 2  LEU A 92  ? LEU A 89  . ? 1_555  ? 
59 AD5 1  MET A 72  ? MET A 69  . ? 1_555  ? 
60 AD6 5  GLY A 27  ? GLY A 24  . ? 1_555  ? 
61 AD6 5  LEU A 30  ? LEU A 27  . ? 1_555  ? 
62 AD6 5  PHE A 31  ? PHE A 28  . ? 1_555  ? 
63 AD6 5  VAL A 71  ? VAL A 68  . ? 1_555  ? 
64 AD6 5  MET A 72  ? MET A 69  . ? 1_555  ? 
# 
loop_
_pdbx_validate_torsion.id 
_pdbx_validate_torsion.PDB_model_num 
_pdbx_validate_torsion.auth_comp_id 
_pdbx_validate_torsion.auth_asym_id 
_pdbx_validate_torsion.auth_seq_id 
_pdbx_validate_torsion.PDB_ins_code 
_pdbx_validate_torsion.label_alt_id 
_pdbx_validate_torsion.phi 
_pdbx_validate_torsion.psi 
1 1 TRP A 148 ? ? -96.79 58.04  
2 1 ASP A 149 ? ? 68.80  -69.36 
# 
loop_
_pdbx_struct_special_symmetry.id 
_pdbx_struct_special_symmetry.PDB_model_num 
_pdbx_struct_special_symmetry.auth_asym_id 
_pdbx_struct_special_symmetry.auth_comp_id 
_pdbx_struct_special_symmetry.auth_seq_id 
_pdbx_struct_special_symmetry.PDB_ins_code 
_pdbx_struct_special_symmetry.label_asym_id 
_pdbx_struct_special_symmetry.label_comp_id 
_pdbx_struct_special_symmetry.label_seq_id 
1 1 A HOH 321 ? S HOH . 
2 1 A HOH 372 ? S HOH . 
3 1 A HOH 378 ? S HOH . 
4 1 A HOH 379 ? S HOH . 
# 
_pdbx_distant_solvent_atoms.id                                1 
_pdbx_distant_solvent_atoms.PDB_model_num                     1 
_pdbx_distant_solvent_atoms.auth_atom_id                      O 
_pdbx_distant_solvent_atoms.label_alt_id                      ? 
_pdbx_distant_solvent_atoms.auth_asym_id                      A 
_pdbx_distant_solvent_atoms.auth_comp_id                      HOH 
_pdbx_distant_solvent_atoms.auth_seq_id                       381 
_pdbx_distant_solvent_atoms.PDB_ins_code                      ? 
_pdbx_distant_solvent_atoms.neighbor_macromolecule_distance   6.08 
_pdbx_distant_solvent_atoms.neighbor_ligand_distance          . 
# 
loop_
_pdbx_unobs_or_zero_occ_residues.id 
_pdbx_unobs_or_zero_occ_residues.PDB_model_num 
_pdbx_unobs_or_zero_occ_residues.polymer_flag 
_pdbx_unobs_or_zero_occ_residues.occupancy_flag 
_pdbx_unobs_or_zero_occ_residues.auth_asym_id 
_pdbx_unobs_or_zero_occ_residues.auth_comp_id 
_pdbx_unobs_or_zero_occ_residues.auth_seq_id 
_pdbx_unobs_or_zero_occ_residues.PDB_ins_code 
_pdbx_unobs_or_zero_occ_residues.label_asym_id 
_pdbx_unobs_or_zero_occ_residues.label_comp_id 
_pdbx_unobs_or_zero_occ_residues.label_seq_id 
1 1 Y 1 A GLY -2  ? A GLY 1   
2 1 Y 1 A SER -1  ? A SER 2   
3 1 Y 1 A HIS 0   ? A HIS 3   
4 1 Y 1 A MET 1   ? A MET 4   
5 1 Y 1 A GLU 2   ? A GLU 5   
6 1 Y 1 A GLU 151 ? A GLU 154 
# 
loop_
_chem_comp_atom.comp_id 
_chem_comp_atom.atom_id 
_chem_comp_atom.type_symbol 
_chem_comp_atom.pdbx_aromatic_flag 
_chem_comp_atom.pdbx_stereo_config 
_chem_comp_atom.pdbx_ordinal 
ALA N    N  N N 1   
ALA CA   C  N S 2   
ALA C    C  N N 3   
ALA O    O  N N 4   
ALA CB   C  N N 5   
ALA OXT  O  N N 6   
ALA H    H  N N 7   
ALA H2   H  N N 8   
ALA HA   H  N N 9   
ALA HB1  H  N N 10  
ALA HB2  H  N N 11  
ALA HB3  H  N N 12  
ALA HXT  H  N N 13  
ARG N    N  N N 14  
ARG CA   C  N S 15  
ARG C    C  N N 16  
ARG O    O  N N 17  
ARG CB   C  N N 18  
ARG CG   C  N N 19  
ARG CD   C  N N 20  
ARG NE   N  N N 21  
ARG CZ   C  N N 22  
ARG NH1  N  N N 23  
ARG NH2  N  N N 24  
ARG OXT  O  N N 25  
ARG H    H  N N 26  
ARG H2   H  N N 27  
ARG HA   H  N N 28  
ARG HB2  H  N N 29  
ARG HB3  H  N N 30  
ARG HG2  H  N N 31  
ARG HG3  H  N N 32  
ARG HD2  H  N N 33  
ARG HD3  H  N N 34  
ARG HE   H  N N 35  
ARG HH11 H  N N 36  
ARG HH12 H  N N 37  
ARG HH21 H  N N 38  
ARG HH22 H  N N 39  
ARG HXT  H  N N 40  
ASN N    N  N N 41  
ASN CA   C  N S 42  
ASN C    C  N N 43  
ASN O    O  N N 44  
ASN CB   C  N N 45  
ASN CG   C  N N 46  
ASN OD1  O  N N 47  
ASN ND2  N  N N 48  
ASN OXT  O  N N 49  
ASN H    H  N N 50  
ASN H2   H  N N 51  
ASN HA   H  N N 52  
ASN HB2  H  N N 53  
ASN HB3  H  N N 54  
ASN HD21 H  N N 55  
ASN HD22 H  N N 56  
ASN HXT  H  N N 57  
ASP N    N  N N 58  
ASP CA   C  N S 59  
ASP C    C  N N 60  
ASP O    O  N N 61  
ASP CB   C  N N 62  
ASP CG   C  N N 63  
ASP OD1  O  N N 64  
ASP OD2  O  N N 65  
ASP OXT  O  N N 66  
ASP H    H  N N 67  
ASP H2   H  N N 68  
ASP HA   H  N N 69  
ASP HB2  H  N N 70  
ASP HB3  H  N N 71  
ASP HD2  H  N N 72  
ASP HXT  H  N N 73  
CYS N    N  N N 74  
CYS CA   C  N R 75  
CYS C    C  N N 76  
CYS O    O  N N 77  
CYS CB   C  N N 78  
CYS SG   S  N N 79  
CYS OXT  O  N N 80  
CYS H    H  N N 81  
CYS H2   H  N N 82  
CYS HA   H  N N 83  
CYS HB2  H  N N 84  
CYS HB3  H  N N 85  
CYS HG   H  N N 86  
CYS HXT  H  N N 87  
GLN N    N  N N 88  
GLN CA   C  N S 89  
GLN C    C  N N 90  
GLN O    O  N N 91  
GLN CB   C  N N 92  
GLN CG   C  N N 93  
GLN CD   C  N N 94  
GLN OE1  O  N N 95  
GLN NE2  N  N N 96  
GLN OXT  O  N N 97  
GLN H    H  N N 98  
GLN H2   H  N N 99  
GLN HA   H  N N 100 
GLN HB2  H  N N 101 
GLN HB3  H  N N 102 
GLN HG2  H  N N 103 
GLN HG3  H  N N 104 
GLN HE21 H  N N 105 
GLN HE22 H  N N 106 
GLN HXT  H  N N 107 
GLU N    N  N N 108 
GLU CA   C  N S 109 
GLU C    C  N N 110 
GLU O    O  N N 111 
GLU CB   C  N N 112 
GLU CG   C  N N 113 
GLU CD   C  N N 114 
GLU OE1  O  N N 115 
GLU OE2  O  N N 116 
GLU OXT  O  N N 117 
GLU H    H  N N 118 
GLU H2   H  N N 119 
GLU HA   H  N N 120 
GLU HB2  H  N N 121 
GLU HB3  H  N N 122 
GLU HG2  H  N N 123 
GLU HG3  H  N N 124 
GLU HE2  H  N N 125 
GLU HXT  H  N N 126 
GLY N    N  N N 127 
GLY CA   C  N N 128 
GLY C    C  N N 129 
GLY O    O  N N 130 
GLY OXT  O  N N 131 
GLY H    H  N N 132 
GLY H2   H  N N 133 
GLY HA2  H  N N 134 
GLY HA3  H  N N 135 
GLY HXT  H  N N 136 
HEM CHA  C  N N 137 
HEM CHB  C  N N 138 
HEM CHC  C  N N 139 
HEM CHD  C  N N 140 
HEM C1A  C  Y N 141 
HEM C2A  C  Y N 142 
HEM C3A  C  Y N 143 
HEM C4A  C  Y N 144 
HEM CMA  C  N N 145 
HEM CAA  C  N N 146 
HEM CBA  C  N N 147 
HEM CGA  C  N N 148 
HEM O1A  O  N N 149 
HEM O2A  O  N N 150 
HEM C1B  C  N N 151 
HEM C2B  C  N N 152 
HEM C3B  C  N N 153 
HEM C4B  C  N N 154 
HEM CMB  C  N N 155 
HEM CAB  C  N N 156 
HEM CBB  C  N N 157 
HEM C1C  C  Y N 158 
HEM C2C  C  Y N 159 
HEM C3C  C  Y N 160 
HEM C4C  C  Y N 161 
HEM CMC  C  N N 162 
HEM CAC  C  N N 163 
HEM CBC  C  N N 164 
HEM C1D  C  N N 165 
HEM C2D  C  N N 166 
HEM C3D  C  N N 167 
HEM C4D  C  N N 168 
HEM CMD  C  N N 169 
HEM CAD  C  N N 170 
HEM CBD  C  N N 171 
HEM CGD  C  N N 172 
HEM O1D  O  N N 173 
HEM O2D  O  N N 174 
HEM NA   N  Y N 175 
HEM NB   N  N N 176 
HEM NC   N  Y N 177 
HEM ND   N  N N 178 
HEM FE   FE N N 179 
HEM HHB  H  N N 180 
HEM HHC  H  N N 181 
HEM HHD  H  N N 182 
HEM HMA  H  N N 183 
HEM HMAA H  N N 184 
HEM HMAB H  N N 185 
HEM HAA  H  N N 186 
HEM HAAA H  N N 187 
HEM HBA  H  N N 188 
HEM HBAA H  N N 189 
HEM HMB  H  N N 190 
HEM HMBA H  N N 191 
HEM HMBB H  N N 192 
HEM HAB  H  N N 193 
HEM HBB  H  N N 194 
HEM HBBA H  N N 195 
HEM HMC  H  N N 196 
HEM HMCA H  N N 197 
HEM HMCB H  N N 198 
HEM HAC  H  N N 199 
HEM HBC  H  N N 200 
HEM HBCA H  N N 201 
HEM HMD  H  N N 202 
HEM HMDA H  N N 203 
HEM HMDB H  N N 204 
HEM HAD  H  N N 205 
HEM HADA H  N N 206 
HEM HBD  H  N N 207 
HEM HBDA H  N N 208 
HEM H2A  H  N N 209 
HEM H2D  H  N N 210 
HEM HHA  H  N N 211 
HIS N    N  N N 212 
HIS CA   C  N S 213 
HIS C    C  N N 214 
HIS O    O  N N 215 
HIS CB   C  N N 216 
HIS CG   C  Y N 217 
HIS ND1  N  Y N 218 
HIS CD2  C  Y N 219 
HIS CE1  C  Y N 220 
HIS NE2  N  Y N 221 
HIS OXT  O  N N 222 
HIS H    H  N N 223 
HIS H2   H  N N 224 
HIS HA   H  N N 225 
HIS HB2  H  N N 226 
HIS HB3  H  N N 227 
HIS HD1  H  N N 228 
HIS HD2  H  N N 229 
HIS HE1  H  N N 230 
HIS HE2  H  N N 231 
HIS HXT  H  N N 232 
HOH O    O  N N 233 
HOH H1   H  N N 234 
HOH H2   H  N N 235 
ILE N    N  N N 236 
ILE CA   C  N S 237 
ILE C    C  N N 238 
ILE O    O  N N 239 
ILE CB   C  N S 240 
ILE CG1  C  N N 241 
ILE CG2  C  N N 242 
ILE CD1  C  N N 243 
ILE OXT  O  N N 244 
ILE H    H  N N 245 
ILE H2   H  N N 246 
ILE HA   H  N N 247 
ILE HB   H  N N 248 
ILE HG12 H  N N 249 
ILE HG13 H  N N 250 
ILE HG21 H  N N 251 
ILE HG22 H  N N 252 
ILE HG23 H  N N 253 
ILE HD11 H  N N 254 
ILE HD12 H  N N 255 
ILE HD13 H  N N 256 
ILE HXT  H  N N 257 
KR  KR   KR N N 258 
LEU N    N  N N 259 
LEU CA   C  N S 260 
LEU C    C  N N 261 
LEU O    O  N N 262 
LEU CB   C  N N 263 
LEU CG   C  N N 264 
LEU CD1  C  N N 265 
LEU CD2  C  N N 266 
LEU OXT  O  N N 267 
LEU H    H  N N 268 
LEU H2   H  N N 269 
LEU HA   H  N N 270 
LEU HB2  H  N N 271 
LEU HB3  H  N N 272 
LEU HG   H  N N 273 
LEU HD11 H  N N 274 
LEU HD12 H  N N 275 
LEU HD13 H  N N 276 
LEU HD21 H  N N 277 
LEU HD22 H  N N 278 
LEU HD23 H  N N 279 
LEU HXT  H  N N 280 
LYS N    N  N N 281 
LYS CA   C  N S 282 
LYS C    C  N N 283 
LYS O    O  N N 284 
LYS CB   C  N N 285 
LYS CG   C  N N 286 
LYS CD   C  N N 287 
LYS CE   C  N N 288 
LYS NZ   N  N N 289 
LYS OXT  O  N N 290 
LYS H    H  N N 291 
LYS H2   H  N N 292 
LYS HA   H  N N 293 
LYS HB2  H  N N 294 
LYS HB3  H  N N 295 
LYS HG2  H  N N 296 
LYS HG3  H  N N 297 
LYS HD2  H  N N 298 
LYS HD3  H  N N 299 
LYS HE2  H  N N 300 
LYS HE3  H  N N 301 
LYS HZ1  H  N N 302 
LYS HZ2  H  N N 303 
LYS HZ3  H  N N 304 
LYS HXT  H  N N 305 
MET N    N  N N 306 
MET CA   C  N S 307 
MET C    C  N N 308 
MET O    O  N N 309 
MET CB   C  N N 310 
MET CG   C  N N 311 
MET SD   S  N N 312 
MET CE   C  N N 313 
MET OXT  O  N N 314 
MET H    H  N N 315 
MET H2   H  N N 316 
MET HA   H  N N 317 
MET HB2  H  N N 318 
MET HB3  H  N N 319 
MET HG2  H  N N 320 
MET HG3  H  N N 321 
MET HE1  H  N N 322 
MET HE2  H  N N 323 
MET HE3  H  N N 324 
MET HXT  H  N N 325 
PHE N    N  N N 326 
PHE CA   C  N S 327 
PHE C    C  N N 328 
PHE O    O  N N 329 
PHE CB   C  N N 330 
PHE CG   C  Y N 331 
PHE CD1  C  Y N 332 
PHE CD2  C  Y N 333 
PHE CE1  C  Y N 334 
PHE CE2  C  Y N 335 
PHE CZ   C  Y N 336 
PHE OXT  O  N N 337 
PHE H    H  N N 338 
PHE H2   H  N N 339 
PHE HA   H  N N 340 
PHE HB2  H  N N 341 
PHE HB3  H  N N 342 
PHE HD1  H  N N 343 
PHE HD2  H  N N 344 
PHE HE1  H  N N 345 
PHE HE2  H  N N 346 
PHE HZ   H  N N 347 
PHE HXT  H  N N 348 
PRO N    N  N N 349 
PRO CA   C  N S 350 
PRO C    C  N N 351 
PRO O    O  N N 352 
PRO CB   C  N N 353 
PRO CG   C  N N 354 
PRO CD   C  N N 355 
PRO OXT  O  N N 356 
PRO H    H  N N 357 
PRO HA   H  N N 358 
PRO HB2  H  N N 359 
PRO HB3  H  N N 360 
PRO HG2  H  N N 361 
PRO HG3  H  N N 362 
PRO HD2  H  N N 363 
PRO HD3  H  N N 364 
PRO HXT  H  N N 365 
SER N    N  N N 366 
SER CA   C  N S 367 
SER C    C  N N 368 
SER O    O  N N 369 
SER CB   C  N N 370 
SER OG   O  N N 371 
SER OXT  O  N N 372 
SER H    H  N N 373 
SER H2   H  N N 374 
SER HA   H  N N 375 
SER HB2  H  N N 376 
SER HB3  H  N N 377 
SER HG   H  N N 378 
SER HXT  H  N N 379 
SO4 S    S  N N 380 
SO4 O1   O  N N 381 
SO4 O2   O  N N 382 
SO4 O3   O  N N 383 
SO4 O4   O  N N 384 
THR N    N  N N 385 
THR CA   C  N S 386 
THR C    C  N N 387 
THR O    O  N N 388 
THR CB   C  N R 389 
THR OG1  O  N N 390 
THR CG2  C  N N 391 
THR OXT  O  N N 392 
THR H    H  N N 393 
THR H2   H  N N 394 
THR HA   H  N N 395 
THR HB   H  N N 396 
THR HG1  H  N N 397 
THR HG21 H  N N 398 
THR HG22 H  N N 399 
THR HG23 H  N N 400 
THR HXT  H  N N 401 
TRP N    N  N N 402 
TRP CA   C  N S 403 
TRP C    C  N N 404 
TRP O    O  N N 405 
TRP CB   C  N N 406 
TRP CG   C  Y N 407 
TRP CD1  C  Y N 408 
TRP CD2  C  Y N 409 
TRP NE1  N  Y N 410 
TRP CE2  C  Y N 411 
TRP CE3  C  Y N 412 
TRP CZ2  C  Y N 413 
TRP CZ3  C  Y N 414 
TRP CH2  C  Y N 415 
TRP OXT  O  N N 416 
TRP H    H  N N 417 
TRP H2   H  N N 418 
TRP HA   H  N N 419 
TRP HB2  H  N N 420 
TRP HB3  H  N N 421 
TRP HD1  H  N N 422 
TRP HE1  H  N N 423 
TRP HE3  H  N N 424 
TRP HZ2  H  N N 425 
TRP HZ3  H  N N 426 
TRP HH2  H  N N 427 
TRP HXT  H  N N 428 
TYR N    N  N N 429 
TYR CA   C  N S 430 
TYR C    C  N N 431 
TYR O    O  N N 432 
TYR CB   C  N N 433 
TYR CG   C  Y N 434 
TYR CD1  C  Y N 435 
TYR CD2  C  Y N 436 
TYR CE1  C  Y N 437 
TYR CE2  C  Y N 438 
TYR CZ   C  Y N 439 
TYR OH   O  N N 440 
TYR OXT  O  N N 441 
TYR H    H  N N 442 
TYR H2   H  N N 443 
TYR HA   H  N N 444 
TYR HB2  H  N N 445 
TYR HB3  H  N N 446 
TYR HD1  H  N N 447 
TYR HD2  H  N N 448 
TYR HE1  H  N N 449 
TYR HE2  H  N N 450 
TYR HH   H  N N 451 
TYR HXT  H  N N 452 
VAL N    N  N N 453 
VAL CA   C  N S 454 
VAL C    C  N N 455 
VAL O    O  N N 456 
VAL CB   C  N N 457 
VAL CG1  C  N N 458 
VAL CG2  C  N N 459 
VAL OXT  O  N N 460 
VAL H    H  N N 461 
VAL H2   H  N N 462 
VAL HA   H  N N 463 
VAL HB   H  N N 464 
VAL HG11 H  N N 465 
VAL HG12 H  N N 466 
VAL HG13 H  N N 467 
VAL HG21 H  N N 468 
VAL HG22 H  N N 469 
VAL HG23 H  N N 470 
VAL HXT  H  N N 471 
# 
loop_
_chem_comp_bond.comp_id 
_chem_comp_bond.atom_id_1 
_chem_comp_bond.atom_id_2 
_chem_comp_bond.value_order 
_chem_comp_bond.pdbx_aromatic_flag 
_chem_comp_bond.pdbx_stereo_config 
_chem_comp_bond.pdbx_ordinal 
ALA N   CA   sing N N 1   
ALA N   H    sing N N 2   
ALA N   H2   sing N N 3   
ALA CA  C    sing N N 4   
ALA CA  CB   sing N N 5   
ALA CA  HA   sing N N 6   
ALA C   O    doub N N 7   
ALA C   OXT  sing N N 8   
ALA CB  HB1  sing N N 9   
ALA CB  HB2  sing N N 10  
ALA CB  HB3  sing N N 11  
ALA OXT HXT  sing N N 12  
ARG N   CA   sing N N 13  
ARG N   H    sing N N 14  
ARG N   H2   sing N N 15  
ARG CA  C    sing N N 16  
ARG CA  CB   sing N N 17  
ARG CA  HA   sing N N 18  
ARG C   O    doub N N 19  
ARG C   OXT  sing N N 20  
ARG CB  CG   sing N N 21  
ARG CB  HB2  sing N N 22  
ARG CB  HB3  sing N N 23  
ARG CG  CD   sing N N 24  
ARG CG  HG2  sing N N 25  
ARG CG  HG3  sing N N 26  
ARG CD  NE   sing N N 27  
ARG CD  HD2  sing N N 28  
ARG CD  HD3  sing N N 29  
ARG NE  CZ   sing N N 30  
ARG NE  HE   sing N N 31  
ARG CZ  NH1  sing N N 32  
ARG CZ  NH2  doub N N 33  
ARG NH1 HH11 sing N N 34  
ARG NH1 HH12 sing N N 35  
ARG NH2 HH21 sing N N 36  
ARG NH2 HH22 sing N N 37  
ARG OXT HXT  sing N N 38  
ASN N   CA   sing N N 39  
ASN N   H    sing N N 40  
ASN N   H2   sing N N 41  
ASN CA  C    sing N N 42  
ASN CA  CB   sing N N 43  
ASN CA  HA   sing N N 44  
ASN C   O    doub N N 45  
ASN C   OXT  sing N N 46  
ASN CB  CG   sing N N 47  
ASN CB  HB2  sing N N 48  
ASN CB  HB3  sing N N 49  
ASN CG  OD1  doub N N 50  
ASN CG  ND2  sing N N 51  
ASN ND2 HD21 sing N N 52  
ASN ND2 HD22 sing N N 53  
ASN OXT HXT  sing N N 54  
ASP N   CA   sing N N 55  
ASP N   H    sing N N 56  
ASP N   H2   sing N N 57  
ASP CA  C    sing N N 58  
ASP CA  CB   sing N N 59  
ASP CA  HA   sing N N 60  
ASP C   O    doub N N 61  
ASP C   OXT  sing N N 62  
ASP CB  CG   sing N N 63  
ASP CB  HB2  sing N N 64  
ASP CB  HB3  sing N N 65  
ASP CG  OD1  doub N N 66  
ASP CG  OD2  sing N N 67  
ASP OD2 HD2  sing N N 68  
ASP OXT HXT  sing N N 69  
CYS N   CA   sing N N 70  
CYS N   H    sing N N 71  
CYS N   H2   sing N N 72  
CYS CA  C    sing N N 73  
CYS CA  CB   sing N N 74  
CYS CA  HA   sing N N 75  
CYS C   O    doub N N 76  
CYS C   OXT  sing N N 77  
CYS CB  SG   sing N N 78  
CYS CB  HB2  sing N N 79  
CYS CB  HB3  sing N N 80  
CYS SG  HG   sing N N 81  
CYS OXT HXT  sing N N 82  
GLN N   CA   sing N N 83  
GLN N   H    sing N N 84  
GLN N   H2   sing N N 85  
GLN CA  C    sing N N 86  
GLN CA  CB   sing N N 87  
GLN CA  HA   sing N N 88  
GLN C   O    doub N N 89  
GLN C   OXT  sing N N 90  
GLN CB  CG   sing N N 91  
GLN CB  HB2  sing N N 92  
GLN CB  HB3  sing N N 93  
GLN CG  CD   sing N N 94  
GLN CG  HG2  sing N N 95  
GLN CG  HG3  sing N N 96  
GLN CD  OE1  doub N N 97  
GLN CD  NE2  sing N N 98  
GLN NE2 HE21 sing N N 99  
GLN NE2 HE22 sing N N 100 
GLN OXT HXT  sing N N 101 
GLU N   CA   sing N N 102 
GLU N   H    sing N N 103 
GLU N   H2   sing N N 104 
GLU CA  C    sing N N 105 
GLU CA  CB   sing N N 106 
GLU CA  HA   sing N N 107 
GLU C   O    doub N N 108 
GLU C   OXT  sing N N 109 
GLU CB  CG   sing N N 110 
GLU CB  HB2  sing N N 111 
GLU CB  HB3  sing N N 112 
GLU CG  CD   sing N N 113 
GLU CG  HG2  sing N N 114 
GLU CG  HG3  sing N N 115 
GLU CD  OE1  doub N N 116 
GLU CD  OE2  sing N N 117 
GLU OE2 HE2  sing N N 118 
GLU OXT HXT  sing N N 119 
GLY N   CA   sing N N 120 
GLY N   H    sing N N 121 
GLY N   H2   sing N N 122 
GLY CA  C    sing N N 123 
GLY CA  HA2  sing N N 124 
GLY CA  HA3  sing N N 125 
GLY C   O    doub N N 126 
GLY C   OXT  sing N N 127 
GLY OXT HXT  sing N N 128 
HEM CHA C1A  sing N N 129 
HEM CHA C4D  doub N N 130 
HEM CHA HHA  sing N N 131 
HEM CHB C4A  sing N N 132 
HEM CHB C1B  doub N N 133 
HEM CHB HHB  sing N N 134 
HEM CHC C4B  sing N N 135 
HEM CHC C1C  doub N N 136 
HEM CHC HHC  sing N N 137 
HEM CHD C4C  doub N N 138 
HEM CHD C1D  sing N N 139 
HEM CHD HHD  sing N N 140 
HEM C1A C2A  doub Y N 141 
HEM C1A NA   sing Y N 142 
HEM C2A C3A  sing Y N 143 
HEM C2A CAA  sing N N 144 
HEM C3A C4A  doub Y N 145 
HEM C3A CMA  sing N N 146 
HEM C4A NA   sing Y N 147 
HEM CMA HMA  sing N N 148 
HEM CMA HMAA sing N N 149 
HEM CMA HMAB sing N N 150 
HEM CAA CBA  sing N N 151 
HEM CAA HAA  sing N N 152 
HEM CAA HAAA sing N N 153 
HEM CBA CGA  sing N N 154 
HEM CBA HBA  sing N N 155 
HEM CBA HBAA sing N N 156 
HEM CGA O1A  doub N N 157 
HEM CGA O2A  sing N N 158 
HEM C1B C2B  sing N N 159 
HEM C1B NB   sing N N 160 
HEM C2B C3B  doub N N 161 
HEM C2B CMB  sing N N 162 
HEM C3B C4B  sing N N 163 
HEM C3B CAB  sing N N 164 
HEM C4B NB   doub N N 165 
HEM CMB HMB  sing N N 166 
HEM CMB HMBA sing N N 167 
HEM CMB HMBB sing N N 168 
HEM CAB CBB  doub N N 169 
HEM CAB HAB  sing N N 170 
HEM CBB HBB  sing N N 171 
HEM CBB HBBA sing N N 172 
HEM C1C C2C  sing Y N 173 
HEM C1C NC   sing Y N 174 
HEM C2C C3C  doub Y N 175 
HEM C2C CMC  sing N N 176 
HEM C3C C4C  sing Y N 177 
HEM C3C CAC  sing N N 178 
HEM C4C NC   sing Y N 179 
HEM CMC HMC  sing N N 180 
HEM CMC HMCA sing N N 181 
HEM CMC HMCB sing N N 182 
HEM CAC CBC  doub N N 183 
HEM CAC HAC  sing N N 184 
HEM CBC HBC  sing N N 185 
HEM CBC HBCA sing N N 186 
HEM C1D C2D  sing N N 187 
HEM C1D ND   doub N N 188 
HEM C2D C3D  doub N N 189 
HEM C2D CMD  sing N N 190 
HEM C3D C4D  sing N N 191 
HEM C3D CAD  sing N N 192 
HEM C4D ND   sing N N 193 
HEM CMD HMD  sing N N 194 
HEM CMD HMDA sing N N 195 
HEM CMD HMDB sing N N 196 
HEM CAD CBD  sing N N 197 
HEM CAD HAD  sing N N 198 
HEM CAD HADA sing N N 199 
HEM CBD CGD  sing N N 200 
HEM CBD HBD  sing N N 201 
HEM CBD HBDA sing N N 202 
HEM CGD O1D  doub N N 203 
HEM CGD O2D  sing N N 204 
HEM O2A H2A  sing N N 205 
HEM O2D H2D  sing N N 206 
HEM FE  NA   sing N N 207 
HEM FE  NB   sing N N 208 
HEM FE  NC   sing N N 209 
HEM FE  ND   sing N N 210 
HIS N   CA   sing N N 211 
HIS N   H    sing N N 212 
HIS N   H2   sing N N 213 
HIS CA  C    sing N N 214 
HIS CA  CB   sing N N 215 
HIS CA  HA   sing N N 216 
HIS C   O    doub N N 217 
HIS C   OXT  sing N N 218 
HIS CB  CG   sing N N 219 
HIS CB  HB2  sing N N 220 
HIS CB  HB3  sing N N 221 
HIS CG  ND1  sing Y N 222 
HIS CG  CD2  doub Y N 223 
HIS ND1 CE1  doub Y N 224 
HIS ND1 HD1  sing N N 225 
HIS CD2 NE2  sing Y N 226 
HIS CD2 HD2  sing N N 227 
HIS CE1 NE2  sing Y N 228 
HIS CE1 HE1  sing N N 229 
HIS NE2 HE2  sing N N 230 
HIS OXT HXT  sing N N 231 
HOH O   H1   sing N N 232 
HOH O   H2   sing N N 233 
ILE N   CA   sing N N 234 
ILE N   H    sing N N 235 
ILE N   H2   sing N N 236 
ILE CA  C    sing N N 237 
ILE CA  CB   sing N N 238 
ILE CA  HA   sing N N 239 
ILE C   O    doub N N 240 
ILE C   OXT  sing N N 241 
ILE CB  CG1  sing N N 242 
ILE CB  CG2  sing N N 243 
ILE CB  HB   sing N N 244 
ILE CG1 CD1  sing N N 245 
ILE CG1 HG12 sing N N 246 
ILE CG1 HG13 sing N N 247 
ILE CG2 HG21 sing N N 248 
ILE CG2 HG22 sing N N 249 
ILE CG2 HG23 sing N N 250 
ILE CD1 HD11 sing N N 251 
ILE CD1 HD12 sing N N 252 
ILE CD1 HD13 sing N N 253 
ILE OXT HXT  sing N N 254 
LEU N   CA   sing N N 255 
LEU N   H    sing N N 256 
LEU N   H2   sing N N 257 
LEU CA  C    sing N N 258 
LEU CA  CB   sing N N 259 
LEU CA  HA   sing N N 260 
LEU C   O    doub N N 261 
LEU C   OXT  sing N N 262 
LEU CB  CG   sing N N 263 
LEU CB  HB2  sing N N 264 
LEU CB  HB3  sing N N 265 
LEU CG  CD1  sing N N 266 
LEU CG  CD2  sing N N 267 
LEU CG  HG   sing N N 268 
LEU CD1 HD11 sing N N 269 
LEU CD1 HD12 sing N N 270 
LEU CD1 HD13 sing N N 271 
LEU CD2 HD21 sing N N 272 
LEU CD2 HD22 sing N N 273 
LEU CD2 HD23 sing N N 274 
LEU OXT HXT  sing N N 275 
LYS N   CA   sing N N 276 
LYS N   H    sing N N 277 
LYS N   H2   sing N N 278 
LYS CA  C    sing N N 279 
LYS CA  CB   sing N N 280 
LYS CA  HA   sing N N 281 
LYS C   O    doub N N 282 
LYS C   OXT  sing N N 283 
LYS CB  CG   sing N N 284 
LYS CB  HB2  sing N N 285 
LYS CB  HB3  sing N N 286 
LYS CG  CD   sing N N 287 
LYS CG  HG2  sing N N 288 
LYS CG  HG3  sing N N 289 
LYS CD  CE   sing N N 290 
LYS CD  HD2  sing N N 291 
LYS CD  HD3  sing N N 292 
LYS CE  NZ   sing N N 293 
LYS CE  HE2  sing N N 294 
LYS CE  HE3  sing N N 295 
LYS NZ  HZ1  sing N N 296 
LYS NZ  HZ2  sing N N 297 
LYS NZ  HZ3  sing N N 298 
LYS OXT HXT  sing N N 299 
MET N   CA   sing N N 300 
MET N   H    sing N N 301 
MET N   H2   sing N N 302 
MET CA  C    sing N N 303 
MET CA  CB   sing N N 304 
MET CA  HA   sing N N 305 
MET C   O    doub N N 306 
MET C   OXT  sing N N 307 
MET CB  CG   sing N N 308 
MET CB  HB2  sing N N 309 
MET CB  HB3  sing N N 310 
MET CG  SD   sing N N 311 
MET CG  HG2  sing N N 312 
MET CG  HG3  sing N N 313 
MET SD  CE   sing N N 314 
MET CE  HE1  sing N N 315 
MET CE  HE2  sing N N 316 
MET CE  HE3  sing N N 317 
MET OXT HXT  sing N N 318 
PHE N   CA   sing N N 319 
PHE N   H    sing N N 320 
PHE N   H2   sing N N 321 
PHE CA  C    sing N N 322 
PHE CA  CB   sing N N 323 
PHE CA  HA   sing N N 324 
PHE C   O    doub N N 325 
PHE C   OXT  sing N N 326 
PHE CB  CG   sing N N 327 
PHE CB  HB2  sing N N 328 
PHE CB  HB3  sing N N 329 
PHE CG  CD1  doub Y N 330 
PHE CG  CD2  sing Y N 331 
PHE CD1 CE1  sing Y N 332 
PHE CD1 HD1  sing N N 333 
PHE CD2 CE2  doub Y N 334 
PHE CD2 HD2  sing N N 335 
PHE CE1 CZ   doub Y N 336 
PHE CE1 HE1  sing N N 337 
PHE CE2 CZ   sing Y N 338 
PHE CE2 HE2  sing N N 339 
PHE CZ  HZ   sing N N 340 
PHE OXT HXT  sing N N 341 
PRO N   CA   sing N N 342 
PRO N   CD   sing N N 343 
PRO N   H    sing N N 344 
PRO CA  C    sing N N 345 
PRO CA  CB   sing N N 346 
PRO CA  HA   sing N N 347 
PRO C   O    doub N N 348 
PRO C   OXT  sing N N 349 
PRO CB  CG   sing N N 350 
PRO CB  HB2  sing N N 351 
PRO CB  HB3  sing N N 352 
PRO CG  CD   sing N N 353 
PRO CG  HG2  sing N N 354 
PRO CG  HG3  sing N N 355 
PRO CD  HD2  sing N N 356 
PRO CD  HD3  sing N N 357 
PRO OXT HXT  sing N N 358 
SER N   CA   sing N N 359 
SER N   H    sing N N 360 
SER N   H2   sing N N 361 
SER CA  C    sing N N 362 
SER CA  CB   sing N N 363 
SER CA  HA   sing N N 364 
SER C   O    doub N N 365 
SER C   OXT  sing N N 366 
SER CB  OG   sing N N 367 
SER CB  HB2  sing N N 368 
SER CB  HB3  sing N N 369 
SER OG  HG   sing N N 370 
SER OXT HXT  sing N N 371 
SO4 S   O1   doub N N 372 
SO4 S   O2   doub N N 373 
SO4 S   O3   sing N N 374 
SO4 S   O4   sing N N 375 
THR N   CA   sing N N 376 
THR N   H    sing N N 377 
THR N   H2   sing N N 378 
THR CA  C    sing N N 379 
THR CA  CB   sing N N 380 
THR CA  HA   sing N N 381 
THR C   O    doub N N 382 
THR C   OXT  sing N N 383 
THR CB  OG1  sing N N 384 
THR CB  CG2  sing N N 385 
THR CB  HB   sing N N 386 
THR OG1 HG1  sing N N 387 
THR CG2 HG21 sing N N 388 
THR CG2 HG22 sing N N 389 
THR CG2 HG23 sing N N 390 
THR OXT HXT  sing N N 391 
TRP N   CA   sing N N 392 
TRP N   H    sing N N 393 
TRP N   H2   sing N N 394 
TRP CA  C    sing N N 395 
TRP CA  CB   sing N N 396 
TRP CA  HA   sing N N 397 
TRP C   O    doub N N 398 
TRP C   OXT  sing N N 399 
TRP CB  CG   sing N N 400 
TRP CB  HB2  sing N N 401 
TRP CB  HB3  sing N N 402 
TRP CG  CD1  doub Y N 403 
TRP CG  CD2  sing Y N 404 
TRP CD1 NE1  sing Y N 405 
TRP CD1 HD1  sing N N 406 
TRP CD2 CE2  doub Y N 407 
TRP CD2 CE3  sing Y N 408 
TRP NE1 CE2  sing Y N 409 
TRP NE1 HE1  sing N N 410 
TRP CE2 CZ2  sing Y N 411 
TRP CE3 CZ3  doub Y N 412 
TRP CE3 HE3  sing N N 413 
TRP CZ2 CH2  doub Y N 414 
TRP CZ2 HZ2  sing N N 415 
TRP CZ3 CH2  sing Y N 416 
TRP CZ3 HZ3  sing N N 417 
TRP CH2 HH2  sing N N 418 
TRP OXT HXT  sing N N 419 
TYR N   CA   sing N N 420 
TYR N   H    sing N N 421 
TYR N   H2   sing N N 422 
TYR CA  C    sing N N 423 
TYR CA  CB   sing N N 424 
TYR CA  HA   sing N N 425 
TYR C   O    doub N N 426 
TYR C   OXT  sing N N 427 
TYR CB  CG   sing N N 428 
TYR CB  HB2  sing N N 429 
TYR CB  HB3  sing N N 430 
TYR CG  CD1  doub Y N 431 
TYR CG  CD2  sing Y N 432 
TYR CD1 CE1  sing Y N 433 
TYR CD1 HD1  sing N N 434 
TYR CD2 CE2  doub Y N 435 
TYR CD2 HD2  sing N N 436 
TYR CE1 CZ   doub Y N 437 
TYR CE1 HE1  sing N N 438 
TYR CE2 CZ   sing Y N 439 
TYR CE2 HE2  sing N N 440 
TYR CZ  OH   sing N N 441 
TYR OH  HH   sing N N 442 
TYR OXT HXT  sing N N 443 
VAL N   CA   sing N N 444 
VAL N   H    sing N N 445 
VAL N   H2   sing N N 446 
VAL CA  C    sing N N 447 
VAL CA  CB   sing N N 448 
VAL CA  HA   sing N N 449 
VAL C   O    doub N N 450 
VAL C   OXT  sing N N 451 
VAL CB  CG1  sing N N 452 
VAL CB  CG2  sing N N 453 
VAL CB  HB   sing N N 454 
VAL CG1 HG11 sing N N 455 
VAL CG1 HG12 sing N N 456 
VAL CG1 HG13 sing N N 457 
VAL CG2 HG21 sing N N 458 
VAL CG2 HG22 sing N N 459 
VAL CG2 HG23 sing N N 460 
VAL OXT HXT  sing N N 461 
# 
_pdbx_initial_refinement_model.id               1 
_pdbx_initial_refinement_model.entity_id_list   ? 
_pdbx_initial_refinement_model.type             'experimental model' 
_pdbx_initial_refinement_model.source_name      PDB 
_pdbx_initial_refinement_model.accession_code   4O4T 
_pdbx_initial_refinement_model.details          ? 
# 
_atom_sites.entry_id                    6EYE 
_atom_sites.fract_transf_matrix[1][1]   0.00848466 
_atom_sites.fract_transf_matrix[1][2]   -0.00557722 
_atom_sites.fract_transf_matrix[1][3]   -0.00834680 
_atom_sites.fract_transf_matrix[2][1]   0.01017905 
_atom_sites.fract_transf_matrix[2][2]   0.00691239 
_atom_sites.fract_transf_matrix[2][3]   -0.00461997 
_atom_sites.fract_transf_matrix[3][1]   0.00492777 
_atom_sites.fract_transf_matrix[3][2]   -0.00270195 
_atom_sites.fract_transf_matrix[3][3]   0.00681457 
_atom_sites.fract_transf_vector[1]      0.510734 
_atom_sites.fract_transf_vector[2]      0.620364 
_atom_sites.fract_transf_vector[3]      0.299074 
# 
loop_
_atom_type.symbol 
C  
FE 
KR 
N  
O  
S  
# 
loop_
_atom_site.group_PDB 
_atom_site.id 
_atom_site.type_symbol 
_atom_site.label_atom_id 
_atom_site.label_alt_id 
_atom_site.label_comp_id 
_atom_site.label_asym_id 
_atom_site.label_entity_id 
_atom_site.label_seq_id 
_atom_site.pdbx_PDB_ins_code 
_atom_site.Cartn_x 
_atom_site.Cartn_y 
_atom_site.Cartn_z 
_atom_site.occupancy 
_atom_site.B_iso_or_equiv 
_atom_site.pdbx_formal_charge 
_atom_site.auth_seq_id 
_atom_site.auth_comp_id 
_atom_site.auth_asym_id 
_atom_site.auth_atom_id 
_atom_site.pdbx_PDB_model_num 
ATOM   1    N  N   . ARG A 1 6   ? -5.290  -20.922 8.573   1.00 78.80 ? 3   ARG A N   1 
ATOM   2    C  CA  . ARG A 1 6   ? -6.517  -20.141 8.906   1.00 83.09 ? 3   ARG A CA  1 
ATOM   3    C  C   . ARG A 1 6   ? -7.524  -20.153 7.762   1.00 87.66 ? 3   ARG A C   1 
ATOM   4    O  O   . ARG A 1 6   ? -7.226  -20.648 6.675   1.00 90.00 ? 3   ARG A O   1 
ATOM   5    C  CB  . ARG A 1 6   ? -6.144  -18.698 9.243   1.00 85.84 ? 3   ARG A CB  1 
ATOM   6    C  CG  . ARG A 1 6   ? -5.753  -18.500 10.703  1.00 89.89 ? 3   ARG A CG  1 
ATOM   7    C  CD  . ARG A 1 6   ? -4.816  -17.318 10.894  1.00 85.47 ? 3   ARG A CD  1 
ATOM   8    N  NE  . ARG A 1 6   ? -3.551  -17.501 10.181  1.00 81.65 ? 3   ARG A NE  1 
ATOM   9    C  CZ  . ARG A 1 6   ? -2.449  -16.774 10.369  1.00 79.25 ? 3   ARG A CZ  1 
ATOM   10   N  NH1 . ARG A 1 6   ? -2.385  -15.801 11.275  1.00 75.43 ? 3   ARG A NH1 1 
ATOM   11   N  NH2 . ARG A 1 6   ? -1.376  -17.042 9.641   1.00 82.34 ? 3   ARG A NH2 1 
ATOM   12   N  N   . PRO A 1 7   ? -8.739  -19.639 8.021   1.00 90.00 ? 4   PRO A N   1 
ATOM   13   C  CA  . PRO A 1 7   ? -9.691  -19.304 6.960   1.00 83.87 ? 4   PRO A CA  1 
ATOM   14   C  C   . PRO A 1 7   ? -9.551  -17.857 6.480   1.00 74.25 ? 4   PRO A C   1 
ATOM   15   O  O   . PRO A 1 7   ? -9.953  -17.552 5.351   1.00 64.05 ? 4   PRO A O   1 
ATOM   16   C  CB  . PRO A 1 7   ? -11.038 -19.478 7.654   1.00 90.00 ? 4   PRO A CB  1 
ATOM   17   C  CG  . PRO A 1 7   ? -10.757 -19.040 9.054   1.00 90.00 ? 4   PRO A CG  1 
ATOM   18   C  CD  . PRO A 1 7   ? -9.354  -19.506 9.360   1.00 90.00 ? 4   PRO A CD  1 
ATOM   19   N  N   . GLU A 1 8   ? -9.052  -16.975 7.353   1.00 68.51 ? 5   GLU A N   1 
ATOM   20   C  CA  . GLU A 1 8   ? -8.786  -15.595 6.986   1.00 69.03 ? 5   GLU A CA  1 
ATOM   21   C  C   . GLU A 1 8   ? -7.733  -15.525 5.898   1.00 65.64 ? 5   GLU A C   1 
ATOM   22   O  O   . GLU A 1 8   ? -7.910  -14.763 4.948   1.00 52.40 ? 5   GLU A O   1 
ATOM   23   C  CB  . GLU A 1 8   ? -8.431  -14.691 8.174   1.00 65.67 ? 5   GLU A CB  1 
ATOM   24   C  CG  . GLU A 1 8   ? -7.220  -15.050 9.029   1.00 77.15 ? 5   GLU A CG  1 
ATOM   25   C  CD  . GLU A 1 8   ? -6.979  -14.035 10.147  1.00 79.76 ? 5   GLU A CD  1 
ATOM   26   O  OE1 . GLU A 1 8   ? -6.085  -14.285 10.999  1.00 78.80 ? 5   GLU A OE1 1 
ATOM   27   O  OE2 . GLU A 1 8   ? -7.682  -12.983 10.190  1.00 75.88 ? 5   GLU A OE2 1 
ATOM   28   N  N   . SER A 1 9   ? -6.696  -16.361 6.002   1.00 59.53 ? 6   SER A N   1 
ATOM   29   C  CA  . SER A 1 9   ? -5.694  -16.478 4.944   1.00 55.57 ? 6   SER A CA  1 
ATOM   30   C  C   . SER A 1 9   ? -6.283  -16.739 3.549   1.00 53.01 ? 6   SER A C   1 
ATOM   31   O  O   . SER A 1 9   ? -5.810  -16.144 2.565   1.00 48.56 ? 6   SER A O   1 
ATOM   32   C  CB  . SER A 1 9   ? -4.637  -17.520 5.324   1.00 57.30 ? 6   SER A CB  1 
ATOM   33   O  OG  . SER A 1 9   ? -3.931  -17.087 6.499   1.00 59.66 ? 6   SER A OG  1 
ATOM   34   N  N   . GLU A 1 10  ? -7.310  -17.590 3.464   1.00 47.62 ? 7   GLU A N   1 
ATOM   35   C  CA  . GLU A 1 10  ? -8.060  -17.828 2.226   1.00 48.63 ? 7   GLU A CA  1 
ATOM   36   C  C   . GLU A 1 10  ? -8.929  -16.629 1.802   1.00 42.97 ? 7   GLU A C   1 
ATOM   37   O  O   . GLU A 1 10  ? -9.137  -16.399 0.585   1.00 50.18 ? 7   GLU A O   1 
ATOM   38   C  CB  . GLU A 1 10  ? -8.948  -19.092 2.346   1.00 53.19 ? 7   GLU A CB  1 
ATOM   39   C  CG  . GLU A 1 10  ? -9.440  -19.702 1.028   1.00 57.33 ? 7   GLU A CG  1 
ATOM   40   C  CD  . GLU A 1 10  ? -8.338  -20.024 0.007   1.00 68.45 ? 7   GLU A CD  1 
ATOM   41   O  OE1 . GLU A 1 10  ? -7.319  -20.674 0.354   1.00 62.38 ? 7   GLU A OE1 1 
ATOM   42   O  OE2 . GLU A 1 10  ? -8.493  -19.610 -1.170  1.00 73.98 ? 7   GLU A OE2 1 
ATOM   43   N  N   . LEU A 1 11  ? -9.446  -15.881 2.768   1.00 45.45 ? 8   LEU A N   1 
ATOM   44   C  CA  . LEU A 1 11  ? -10.194 -14.642 2.464   1.00 50.20 ? 8   LEU A CA  1 
ATOM   45   C  C   . LEU A 1 11  ? -9.279  -13.630 1.735   1.00 42.66 ? 8   LEU A C   1 
ATOM   46   O  O   . LEU A 1 11  ? -9.678  -13.098 0.708   1.00 40.39 ? 8   LEU A O   1 
ATOM   47   C  CB  . LEU A 1 11  ? -10.805 -13.979 3.714   1.00 49.89 ? 8   LEU A CB  1 
ATOM   48   C  CG  . LEU A 1 11  ? -12.081 -14.564 4.326   1.00 51.28 ? 8   LEU A CG  1 
ATOM   49   C  CD1 . LEU A 1 11  ? -12.415 -13.764 5.588   1.00 50.18 ? 8   LEU A CD1 1 
ATOM   50   C  CD2 . LEU A 1 11  ? -13.234 -14.573 3.319   1.00 50.24 ? 8   LEU A CD2 1 
ATOM   51   N  N   . ILE A 1 12  ? -8.069  -13.457 2.262   1.00 43.81 ? 9   ILE A N   1 
ATOM   52   C  CA  . ILE A 1 12  ? -7.007  -12.560 1.675   1.00 36.31 ? 9   ILE A CA  1 
ATOM   53   C  C   . ILE A 1 12  ? -6.648  -13.069 0.273   1.00 46.10 ? 9   ILE A C   1 
ATOM   54   O  O   . ILE A 1 12  ? -6.893  -12.341 -0.730  1.00 40.52 ? 9   ILE A O   1 
ATOM   55   C  CB  . ILE A 1 12  ? -5.820  -12.430 2.652   1.00 35.76 ? 9   ILE A CB  1 
ATOM   56   C  CG1 . ILE A 1 12  ? -6.275  -11.637 3.860   1.00 37.09 ? 9   ILE A CG1 1 
ATOM   57   C  CG2 . ILE A 1 12  ? -4.584  -11.719 2.063   1.00 33.72 ? 9   ILE A CG2 1 
ATOM   58   C  CD1 . ILE A 1 12  ? -5.251  -11.515 4.938   1.00 40.43 ? 9   ILE A CD1 1 
ATOM   59   N  N   . ARG A 1 13  ? -6.217  -14.345 0.169   1.00 39.99 ? 10  ARG A N   1 
ATOM   60   C  CA  . ARG A 1 13  ? -5.901  -14.923 -1.146  1.00 43.09 ? 10  ARG A CA  1 
ATOM   61   C  C   . ARG A 1 13  ? -7.004  -14.817 -2.169  1.00 44.19 ? 10  ARG A C   1 
ATOM   62   O  O   . ARG A 1 13  ? -6.747  -14.432 -3.302  1.00 42.57 ? 10  ARG A O   1 
ATOM   63   C  CB  . ARG A 1 13  ? -5.517  -16.410 -1.035  1.00 49.65 ? 10  ARG A CB  1 
ATOM   64   C  CG  . ARG A 1 13  ? -4.038  -16.678 -0.802  1.00 56.80 ? 10  ARG A CG  1 
ATOM   65   C  CD  . ARG A 1 13  ? -3.767  -18.185 -0.968  1.00 68.68 ? 10  ARG A CD  1 
ATOM   66   N  NE  . ARG A 1 13  ? -4.604  -18.992 -0.064  1.00 72.65 ? 10  ARG A NE  1 
ATOM   67   C  CZ  . ARG A 1 13  ? -4.370  -19.185 1.239   1.00 74.96 ? 10  ARG A CZ  1 
ATOM   68   N  NH1 . ARG A 1 13  ? -3.289  -18.664 1.837   1.00 76.79 ? 10  ARG A NH1 1 
ATOM   69   N  NH2 . ARG A 1 13  ? -5.225  -19.917 1.955   1.00 75.32 ? 10  ARG A NH2 1 
ATOM   70   N  N   . GLN A 1 14  ? -8.236  -15.149 -1.803  1.00 43.54 ? 11  GLN A N   1 
ATOM   71   C  CA  . GLN A 1 14  ? -9.338  -15.108 -2.750  1.00 44.26 ? 11  GLN A CA  1 
ATOM   72   C  C   . GLN A 1 14  ? -9.693  -13.654 -3.119  1.00 41.38 ? 11  GLN A C   1 
ATOM   73   O  O   . GLN A 1 14  ? -10.109 -13.365 -4.227  1.00 41.84 ? 11  GLN A O   1 
ATOM   74   C  CB  . GLN A 1 14  ? -10.602 -15.784 -2.189  1.00 51.62 ? 11  GLN A CB  1 
ATOM   75   C  CG  . GLN A 1 14  ? -11.802 -15.686 -3.147  1.00 61.42 ? 11  GLN A CG  1 
ATOM   76   C  CD  . GLN A 1 14  ? -12.899 -16.745 -2.944  1.00 74.72 ? 11  GLN A CD  1 
ATOM   77   O  OE1 . GLN A 1 14  ? -13.228 -17.123 -1.811  1.00 70.29 ? 11  GLN A OE1 1 
ATOM   78   N  NE2 . GLN A 1 14  ? -13.501 -17.196 -4.060  1.00 76.61 ? 11  GLN A NE2 1 
ATOM   79   N  N   . SER A 1 15  ? -9.597  -12.767 -2.148  1.00 35.79 ? 12  SER A N   1 
ATOM   80   C  CA  . SER A 1 15  ? -9.956  -11.363 -2.402  1.00 39.51 ? 12  SER A CA  1 
ATOM   81   C  C   . SER A 1 15  ? -8.885  -10.692 -3.271  1.00 40.73 ? 12  SER A C   1 
ATOM   82   O  O   . SER A 1 15  ? -9.193  -9.814  -4.059  1.00 47.93 ? 12  SER A O   1 
ATOM   83   C  CB  . SER A 1 15  ? -10.137 -10.567 -1.104  1.00 34.04 ? 12  SER A CB  1 
ATOM   84   O  OG  . SER A 1 15  ? -9.068  -10.630 -0.229  1.00 44.53 ? 12  SER A OG  1 
ATOM   85   N  N   . TRP A 1 16  ? -7.645  -11.108 -3.110  1.00 36.59 ? 13  TRP A N   1 
ATOM   86   C  CA  . TRP A 1 16  ? -6.503  -10.535 -3.851  1.00 32.87 ? 13  TRP A CA  1 
ATOM   87   C  C   . TRP A 1 16  ? -6.482  -10.944 -5.302  1.00 39.71 ? 13  TRP A C   1 
ATOM   88   O  O   . TRP A 1 16  ? -5.931  -10.230 -6.126  1.00 43.08 ? 13  TRP A O   1 
ATOM   89   C  CB  . TRP A 1 16  ? -5.221  -10.893 -3.156  1.00 36.10 ? 13  TRP A CB  1 
ATOM   90   C  CG  . TRP A 1 16  ? -4.012  -10.276 -3.697  1.00 42.49 ? 13  TRP A CG  1 
ATOM   91   C  CD1 . TRP A 1 16  ? -2.945  -10.921 -4.239  1.00 37.82 ? 13  TRP A CD1 1 
ATOM   92   C  CD2 . TRP A 1 16  ? -3.736  -8.882  -3.803  1.00 39.81 ? 13  TRP A CD2 1 
ATOM   93   N  NE1 . TRP A 1 16  ? -2.010  -10.037 -4.668  1.00 41.78 ? 13  TRP A NE1 1 
ATOM   94   C  CE2 . TRP A 1 16  ? -2.458  -8.765  -4.404  1.00 39.45 ? 13  TRP A CE2 1 
ATOM   95   C  CE3 . TRP A 1 16  ? -4.430  -7.721  -3.426  1.00 41.41 ? 13  TRP A CE3 1 
ATOM   96   C  CZ2 . TRP A 1 16  ? -1.862  -7.530  -4.668  1.00 41.02 ? 13  TRP A CZ2 1 
ATOM   97   C  CZ3 . TRP A 1 16  ? -3.829  -6.470  -3.688  1.00 40.80 ? 13  TRP A CZ3 1 
ATOM   98   C  CH2 . TRP A 1 16  ? -2.553  -6.396  -4.265  1.00 33.92 ? 13  TRP A CH2 1 
ATOM   99   N  N   . ARG A 1 17  ? -7.049  -12.104 -5.616  1.00 40.46 ? 14  ARG A N   1 
ATOM   100  C  CA  . ARG A 1 17  ? -6.942  -12.679 -6.958  1.00 49.07 ? 14  ARG A CA  1 
ATOM   101  C  C   . ARG A 1 17  ? -7.449  -11.735 -8.039  1.00 46.72 ? 14  ARG A C   1 
ATOM   102  O  O   . ARG A 1 17  ? -6.761  -11.464 -9.030  1.00 53.88 ? 14  ARG A O   1 
ATOM   103  C  CB  . ARG A 1 17  ? -7.723  -14.001 -6.990  1.00 58.33 ? 14  ARG A CB  1 
ATOM   104  C  CG  . ARG A 1 17  ? -7.785  -14.733 -8.324  1.00 73.23 ? 14  ARG A CG  1 
ATOM   105  C  CD  . ARG A 1 17  ? -8.204  -16.202 -8.165  1.00 79.59 ? 14  ARG A CD  1 
ATOM   106  N  NE  . ARG A 1 17  ? -7.087  -17.036 -7.689  1.00 88.54 ? 14  ARG A NE  1 
ATOM   107  C  CZ  . ARG A 1 17  ? -6.873  -17.455 -6.432  1.00 90.00 ? 14  ARG A CZ  1 
ATOM   108  N  NH1 . ARG A 1 17  ? -7.711  -17.158 -5.435  1.00 90.00 ? 14  ARG A NH1 1 
ATOM   109  N  NH2 . ARG A 1 17  ? -5.791  -18.198 -6.168  1.00 89.46 ? 14  ARG A NH2 1 
ATOM   110  N  N   . VAL A 1 18  ? -8.642  -11.210 -7.831  1.00 49.32 ? 15  VAL A N   1 
ATOM   111  C  CA  . VAL A 1 18  ? -9.338  -10.414 -8.869  1.00 51.68 ? 15  VAL A CA  1 
ATOM   112  C  C   . VAL A 1 18  ? -8.554  -9.072  -9.146  1.00 50.34 ? 15  VAL A C   1 
ATOM   113  O  O   . VAL A 1 18  ? -8.359  -8.667  -10.290 1.00 53.52 ? 15  VAL A O   1 
ATOM   114  C  CB  . VAL A 1 18  ? -10.882 -10.256 -8.566  1.00 60.29 ? 15  VAL A CB  1 
ATOM   115  C  CG1 . VAL A 1 18  ? -11.436 -11.279 -7.520  1.00 59.94 ? 15  VAL A CG1 1 
ATOM   116  C  CG2 . VAL A 1 18  ? -11.301 -8.821  -8.196  1.00 61.75 ? 15  VAL A CG2 1 
ATOM   117  N  N   . VAL A 1 19  ? -8.060  -8.464  -8.075  1.00 41.75 ? 16  VAL A N   1 
ATOM   118  C  CA  . VAL A 1 19  ? -7.195  -7.242  -8.103  1.00 40.66 ? 16  VAL A CA  1 
ATOM   119  C  C   . VAL A 1 19  ? -5.825  -7.495  -8.675  1.00 42.08 ? 16  VAL A C   1 
ATOM   120  O  O   . VAL A 1 19  ? -5.276  -6.681  -9.416  1.00 41.26 ? 16  VAL A O   1 
ATOM   121  C  CB  . VAL A 1 19  ? -7.039  -6.647  -6.667  1.00 39.11 ? 16  VAL A CB  1 
ATOM   122  C  CG1 . VAL A 1 19  ? -5.878  -5.649  -6.553  1.00 42.47 ? 16  VAL A CG1 1 
ATOM   123  C  CG2 . VAL A 1 19  ? -8.332  -6.068  -6.217  1.00 41.76 ? 16  VAL A CG2 1 
ATOM   124  N  N   . SER A 1 20  ? -5.205  -8.618  -8.317  1.00 42.47 ? 17  SER A N   1 
ATOM   125  C  CA  . SER A 1 20  ? -3.765  -8.778  -8.555  1.00 35.94 ? 17  SER A CA  1 
ATOM   126  C  C   . SER A 1 20  ? -3.439  -8.912  -10.059 1.00 36.50 ? 17  SER A C   1 
ATOM   127  O  O   . SER A 1 20  ? -2.274  -8.808  -10.418 1.00 40.24 ? 17  SER A O   1 
ATOM   128  C  CB  . SER A 1 20  ? -3.251  -10.044 -7.839  1.00 37.74 ? 17  SER A CB  1 
ATOM   129  O  OG  . SER A 1 20  ? -3.929  -11.136 -8.458  1.00 41.71 ? 17  SER A OG  1 
ATOM   130  N  N   . ARG A 1 21  ? -4.445  -9.157  -10.880 1.00 38.44 ? 18  ARG A N   1 
ATOM   131  C  CA  . ARG A 1 21  ? -4.239  -9.390  -12.302 1.00 46.41 ? 18  ARG A CA  1 
ATOM   132  C  C   . ARG A 1 21  ? -4.180  -8.103  -13.097 1.00 47.61 ? 18  ARG A C   1 
ATOM   133  O  O   . ARG A 1 21  ? -3.728  -8.132  -14.241 1.00 41.92 ? 18  ARG A O   1 
ATOM   134  C  CB  . ARG A 1 21  ? -5.282  -10.325 -12.944 1.00 56.40 ? 18  ARG A CB  1 
ATOM   135  C  CG  . ARG A 1 21  ? -6.757  -10.275 -12.520 1.00 69.30 ? 18  ARG A CG  1 
ATOM   136  C  CD  . ARG A 1 21  ? -7.487  -11.535 -13.027 1.00 74.14 ? 18  ARG A CD  1 
ATOM   137  N  NE  . ARG A 1 21  ? -6.824  -12.769 -12.554 1.00 79.05 ? 18  ARG A NE  1 
ATOM   138  C  CZ  . ARG A 1 21  ? -7.385  -13.770 -11.862 1.00 83.54 ? 18  ARG A CZ  1 
ATOM   139  N  NH1 . ARG A 1 21  ? -6.620  -14.801 -11.492 1.00 81.30 ? 18  ARG A NH1 1 
ATOM   140  N  NH2 . ARG A 1 21  ? -8.688  -13.790 -11.556 1.00 84.64 ? 18  ARG A NH2 1 
ATOM   141  N  N   . SER A 1 22  ? -4.664  -7.002  -12.508 1.00 40.99 ? 19  SER A N   1 
ATOM   142  C  CA  . SER A 1 22  ? -4.482  -5.684  -13.117 1.00 38.30 ? 19  SER A CA  1 
ATOM   143  C  C   . SER A 1 22  ? -3.921  -4.713  -12.058 1.00 32.64 ? 19  SER A C   1 
ATOM   144  O  O   . SER A 1 22  ? -4.713  -3.797  -11.615 1.00 32.49 ? 19  SER A O   1 
ATOM   145  C  CB  . SER A 1 22  ? -5.748  -5.198  -13.807 1.00 43.70 ? 19  SER A CB  1 
ATOM   146  O  OG  . SER A 1 22  ? -6.885  -5.296  -13.003 1.00 50.49 ? 19  SER A OG  1 
ATOM   147  N  N   . PRO A 1 23  ? -2.656  -4.918  -11.671 1.00 32.11 ? 20  PRO A N   1 
ATOM   148  C  CA  . PRO A 1 23  ? -2.104  -4.280  -10.517 1.00 33.62 ? 20  PRO A CA  1 
ATOM   149  C  C   . PRO A 1 23  ? -2.050  -2.748  -10.753 1.00 31.73 ? 20  PRO A C   1 
ATOM   150  O  O   . PRO A 1 23  ? -2.244  -1.989  -9.814  1.00 28.55 ? 20  PRO A O   1 
ATOM   151  C  CB  . PRO A 1 23  ? -0.723  -4.873  -10.382 1.00 40.79 ? 20  PRO A CB  1 
ATOM   152  C  CG  . PRO A 1 23  ? -0.403  -5.557  -11.696 1.00 39.31 ? 20  PRO A CG  1 
ATOM   153  C  CD  . PRO A 1 23  ? -1.704  -5.975  -12.189 1.00 34.94 ? 20  PRO A CD  1 
ATOM   154  N  N   . LEU A 1 24  ? -1.762  -2.311  -11.968 1.00 27.27 ? 21  LEU A N   1 
ATOM   155  C  CA  . LEU A 1 24  ? -1.575  -0.821  -12.123 1.00 27.20 ? 21  LEU A CA  1 
ATOM   156  C  C   . LEU A 1 24  ? -2.933  -0.191  -12.022 1.00 25.25 ? 21  LEU A C   1 
ATOM   157  O  O   . LEU A 1 24  ? -3.021  0.925   -11.338 1.00 25.39 ? 21  LEU A O   1 
ATOM   158  C  CB  . LEU A 1 24  ? -0.809  -0.400  -13.381 1.00 31.27 ? 21  LEU A CB  1 
ATOM   159  C  CG  . LEU A 1 24  ? -0.605  1.136   -13.508 1.00 31.09 ? 21  LEU A CG  1 
ATOM   160  C  CD1 . LEU A 1 24  ? 0.308   1.626   -12.392 1.00 31.63 ? 21  LEU A CD1 1 
ATOM   161  C  CD2 . LEU A 1 24  ? -0.097  1.459   -14.927 1.00 34.05 ? 21  LEU A CD2 1 
ATOM   162  N  N   . GLU A 1 25  ? -3.959  -0.678  -12.732 1.00 24.71 ? 22  GLU A N   1 
ATOM   163  C  CA  A GLU A 1 25  ? -5.316  -0.096  -12.642 0.52 25.83 ? 22  GLU A CA  1 
ATOM   164  C  CA  B GLU A 1 25  ? -5.307  -0.136  -12.653 0.48 25.31 ? 22  GLU A CA  1 
ATOM   165  C  C   . GLU A 1 25  ? -5.753  -0.026  -11.183 1.00 27.11 ? 22  GLU A C   1 
ATOM   166  O  O   . GLU A 1 25  ? -6.257  1.010   -10.720 1.00 25.90 ? 22  GLU A O   1 
ATOM   167  C  CB  A GLU A 1 25  ? -6.365  -0.814  -13.506 0.52 26.70 ? 22  GLU A CB  1 
ATOM   168  C  CB  B GLU A 1 25  ? -6.208  -1.025  -13.485 0.48 26.63 ? 22  GLU A CB  1 
ATOM   169  C  CG  A GLU A 1 25  ? -6.036  -0.854  -15.003 0.52 29.65 ? 22  GLU A CG  1 
ATOM   170  C  CG  B GLU A 1 25  ? -7.645  -0.683  -13.563 0.48 25.08 ? 22  GLU A CG  1 
ATOM   171  C  CD  A GLU A 1 25  ? -6.769  -1.943  -15.769 0.52 31.86 ? 22  GLU A CD  1 
ATOM   172  C  CD  B GLU A 1 25  ? -8.470  -1.888  -13.975 0.48 28.80 ? 22  GLU A CD  1 
ATOM   173  O  OE1 A GLU A 1 25  ? -7.671  -2.501  -15.192 0.52 33.92 ? 22  GLU A OE1 1 
ATOM   174  O  OE1 B GLU A 1 25  ? -8.309  -2.316  -15.144 0.48 33.89 ? 22  GLU A OE1 1 
ATOM   175  O  OE2 A GLU A 1 25  ? -6.435  -2.205  -16.965 0.52 33.50 ? 22  GLU A OE2 1 
ATOM   176  O  OE2 B GLU A 1 25  ? -9.295  -2.368  -13.188 0.48 25.89 ? 22  GLU A OE2 1 
ATOM   177  N  N   . HIS A 1 26  ? -5.571  -1.122  -10.431 1.00 27.50 ? 23  HIS A N   1 
ATOM   178  C  CA  . HIS A 1 26  ? -6.016  -1.086  -9.034  1.00 25.35 ? 23  HIS A CA  1 
ATOM   179  C  C   . HIS A 1 26  ? -5.151  -0.222  -8.154  1.00 22.74 ? 23  HIS A C   1 
ATOM   180  O  O   . HIS A 1 26  ? -5.666  0.469   -7.263  1.00 22.32 ? 23  HIS A O   1 
ATOM   181  C  CB  . HIS A 1 26  ? -6.139  -2.518  -8.495  1.00 25.59 ? 23  HIS A CB  1 
ATOM   182  C  CG  . HIS A 1 26  ? -7.262  -3.237  -9.060  1.00 25.00 ? 23  HIS A CG  1 
ATOM   183  N  ND1 . HIS A 1 26  ? -7.164  -3.998  -10.197 1.00 32.84 ? 23  HIS A ND1 1 
ATOM   184  C  CD2 . HIS A 1 26  ? -8.579  -3.196  -8.760  1.00 29.41 ? 23  HIS A CD2 1 
ATOM   185  C  CE1 . HIS A 1 26  ? -8.351  -4.468  -10.510 1.00 30.41 ? 23  HIS A CE1 1 
ATOM   186  N  NE2 . HIS A 1 26  ? -9.221  -4.025  -9.643  1.00 36.08 ? 23  HIS A NE2 1 
ATOM   187  N  N   . GLY A 1 27  ? -3.817  -0.225  -8.314  1.00 20.62 ? 24  GLY A N   1 
ATOM   188  C  CA  . GLY A 1 27  ? -2.985  0.551   -7.493  1.00 20.76 ? 24  GLY A CA  1 
ATOM   189  C  C   . GLY A 1 27  ? -3.226  2.063   -7.833  1.00 20.70 ? 24  GLY A C   1 
ATOM   190  O  O   . GLY A 1 27  ? -3.001  2.910   -6.958  1.00 20.72 ? 24  GLY A O   1 
ATOM   191  N  N   . THR A 1 28  ? -3.662  2.315   -9.038  1.00 20.71 ? 25  THR A N   1 
ATOM   192  C  CA  . THR A 1 28  ? -4.017  3.731   -9.410  1.00 22.21 ? 25  THR A CA  1 
ATOM   193  C  C   . THR A 1 28  ? -5.203  4.208   -8.526  1.00 21.93 ? 25  THR A C   1 
ATOM   194  O  O   . THR A 1 28  ? -5.211  5.364   -8.022  1.00 22.98 ? 25  THR A O   1 
ATOM   195  C  CB  . THR A 1 28  ? -4.300  3.796   -10.908 1.00 24.54 ? 25  THR A CB  1 
ATOM   196  O  OG1 . THR A 1 28  ? -3.094  3.568   -11.645 1.00 23.48 ? 25  THR A OG1 1 
ATOM   197  C  CG2 . THR A 1 28  ? -4.936  5.158   -11.211 1.00 20.91 ? 25  THR A CG2 1 
ATOM   198  N  N   . VAL A 1 29  ? -6.150  3.329   -8.304  1.00 19.93 ? 26  VAL A N   1 
ATOM   199  C  CA  . VAL A 1 29  ? -7.326  3.696   -7.413  1.00 20.96 ? 26  VAL A CA  1 
ATOM   200  C  C   . VAL A 1 29  ? -6.792  3.959   -6.029  1.00 19.88 ? 26  VAL A C   1 
ATOM   201  O  O   . VAL A 1 29  ? -7.178  4.919   -5.342  1.00 21.04 ? 26  VAL A O   1 
ATOM   202  C  CB  . VAL A 1 29  ? -8.304  2.570   -7.326  1.00 21.26 ? 26  VAL A CB  1 
ATOM   203  C  CG1 . VAL A 1 29  ? -9.371  2.752   -6.236  1.00 24.64 ? 26  VAL A CG1 1 
ATOM   204  C  CG2 . VAL A 1 29  ? -8.890  2.207   -8.692  1.00 25.06 ? 26  VAL A CG2 1 
ATOM   205  N  N   . LEU A 1 30  ? -5.884  3.096   -5.512  1.00 19.25 ? 27  LEU A N   1 
ATOM   206  C  CA  . LEU A 1 30  ? -5.304  3.265   -4.202  1.00 21.91 ? 27  LEU A CA  1 
ATOM   207  C  C   . LEU A 1 30  ? -4.594  4.617   -4.054  1.00 19.31 ? 27  LEU A C   1 
ATOM   208  O  O   . LEU A 1 30  ? -4.898  5.391   -3.100  1.00 20.51 ? 27  LEU A O   1 
ATOM   209  C  CB  . LEU A 1 30  ? -4.259  2.144   -3.953  1.00 23.60 ? 27  LEU A CB  1 
ATOM   210  C  CG  . LEU A 1 30  ? -3.800  1.967   -2.517  1.00 23.95 ? 27  LEU A CG  1 
ATOM   211  C  CD1 . LEU A 1 30  ? -3.238  0.544   -2.242  1.00 25.58 ? 27  LEU A CD1 1 
ATOM   212  C  CD2 . LEU A 1 30  ? -2.776  2.983   -2.040  1.00 24.34 ? 27  LEU A CD2 1 
ATOM   213  N  N   . PHE A 1 31  ? -3.761  5.004   -5.032  1.00 19.28 ? 28  PHE A N   1 
ATOM   214  C  CA  . PHE A 1 31  ? -3.035  6.270   -4.890  1.00 20.52 ? 28  PHE A CA  1 
ATOM   215  C  C   . PHE A 1 31  ? -3.913  7.507   -5.089  1.00 17.77 ? 28  PHE A C   1 
ATOM   216  O  O   . PHE A 1 31  ? -3.743  8.487   -4.478  1.00 19.31 ? 28  PHE A O   1 
ATOM   217  C  CB  . PHE A 1 31  ? -1.721  6.268   -5.740  1.00 20.95 ? 28  PHE A CB  1 
ATOM   218  C  CG  . PHE A 1 31  ? -0.621  5.625   -5.026  1.00 23.97 ? 28  PHE A CG  1 
ATOM   219  C  CD1 . PHE A 1 31  ? 0.104   6.345   -4.163  1.00 27.28 ? 28  PHE A CD1 1 
ATOM   220  C  CD2 . PHE A 1 31  ? -0.383  4.267   -5.133  1.00 23.60 ? 28  PHE A CD2 1 
ATOM   221  C  CE1 . PHE A 1 31  ? 1.157   5.793   -3.432  1.00 31.48 ? 28  PHE A CE1 1 
ATOM   222  C  CE2 . PHE A 1 31  ? 0.660   3.701   -4.365  1.00 23.89 ? 28  PHE A CE2 1 
ATOM   223  C  CZ  . PHE A 1 31  ? 1.383   4.487   -3.489  1.00 26.15 ? 28  PHE A CZ  1 
ATOM   224  N  N   . ALA A 1 32  ? -4.911  7.364   -5.944  1.00 18.05 ? 29  ALA A N   1 
ATOM   225  C  CA  . ALA A 1 32  ? -5.863  8.453   -6.185  1.00 18.08 ? 29  ALA A CA  1 
ATOM   226  C  C   . ALA A 1 32  ? -6.626  8.711   -4.886  1.00 19.31 ? 29  ALA A C   1 
ATOM   227  O  O   . ALA A 1 32  ? -6.769  9.822   -4.482  1.00 19.61 ? 29  ALA A O   1 
ATOM   228  C  CB  . ALA A 1 32  ? -6.792  8.124   -7.329  1.00 19.67 ? 29  ALA A CB  1 
ATOM   229  N  N   . ARG A 1 33  ? -7.073  7.605   -4.259  1.00 17.57 ? 30  ARG A N   1 
ATOM   230  C  CA  . ARG A 1 33  ? -7.680  7.772   -2.939  1.00 19.39 ? 30  ARG A CA  1 
ATOM   231  C  C   . ARG A 1 33  ? -6.752  8.417   -1.913  1.00 18.11 ? 30  ARG A C   1 
ATOM   232  O  O   . ARG A 1 33  ? -7.077  9.302   -1.126  1.00 19.82 ? 30  ARG A O   1 
ATOM   233  C  CB  . ARG A 1 33  ? -8.134  6.449   -2.443  1.00 21.25 ? 30  ARG A CB  1 
ATOM   234  C  CG  . ARG A 1 33  ? -8.867  6.448   -1.107  1.00 20.11 ? 30  ARG A CG  1 
ATOM   235  C  CD  . ARG A 1 33  ? -10.084 7.302   -1.125  1.00 20.58 ? 30  ARG A CD  1 
ATOM   236  N  NE  . ARG A 1 33  ? -10.882 7.090   0.071   1.00 19.92 ? 30  ARG A NE  1 
ATOM   237  C  CZ  . ARG A 1 33  ? -12.000 7.813   0.274   1.00 21.25 ? 30  ARG A CZ  1 
ATOM   238  N  NH1 . ARG A 1 33  ? -12.355 8.716   -0.627  1.00 22.17 ? 30  ARG A NH1 1 
ATOM   239  N  NH2 . ARG A 1 33  ? -12.720 7.566   1.362   1.00 23.26 ? 30  ARG A NH2 1 
ATOM   240  N  N   . LEU A 1 34  ? -5.507  7.926   -1.893  1.00 18.65 ? 31  LEU A N   1 
ATOM   241  C  CA  . LEU A 1 34  ? -4.516  8.424   -0.976  1.00 18.81 ? 31  LEU A CA  1 
ATOM   242  C  C   . LEU A 1 34  ? -4.325  9.939   -1.055  1.00 18.45 ? 31  LEU A C   1 
ATOM   243  O  O   . LEU A 1 34  ? -4.270  10.603  -0.021  1.00 21.21 ? 31  LEU A O   1 
ATOM   244  C  CB  . LEU A 1 34  ? -3.206  7.631   -1.165  1.00 21.75 ? 31  LEU A CB  1 
ATOM   245  C  CG  . LEU A 1 34  ? -2.101  8.074   -0.250  1.00 23.76 ? 31  LEU A CG  1 
ATOM   246  C  CD1 . LEU A 1 34  ? -2.487  7.748   1.188   1.00 26.95 ? 31  LEU A CD1 1 
ATOM   247  C  CD2 . LEU A 1 34  ? -0.801  7.334   -0.644  1.00 26.15 ? 31  LEU A CD2 1 
ATOM   248  N  N   . PHE A 1 35  ? -4.148  10.471  -2.275  1.00 19.14 ? 32  PHE A N   1 
ATOM   249  C  CA  . PHE A 1 35  ? -3.910  11.858  -2.395  1.00 19.23 ? 32  PHE A CA  1 
ATOM   250  C  C   . PHE A 1 35  ? -5.195  12.670  -2.075  1.00 22.05 ? 32  PHE A C   1 
ATOM   251  O  O   . PHE A 1 35  ? -5.109  13.814  -1.633  1.00 21.51 ? 32  PHE A O   1 
ATOM   252  C  CB  . PHE A 1 35  ? -3.412  12.226  -3.768  1.00 19.02 ? 32  PHE A CB  1 
ATOM   253  C  CG  . PHE A 1 35  ? -2.020  11.742  -4.078  1.00 20.81 ? 32  PHE A CG  1 
ATOM   254  C  CD1 . PHE A 1 35  ? -1.051  11.771  -3.107  1.00 22.00 ? 32  PHE A CD1 1 
ATOM   255  C  CD2 . PHE A 1 35  ? -1.693  11.364  -5.299  1.00 22.12 ? 32  PHE A CD2 1 
ATOM   256  C  CE1 . PHE A 1 35  ? 0.270   11.309  -3.340  1.00 22.95 ? 32  PHE A CE1 1 
ATOM   257  C  CE2 . PHE A 1 35  ? -0.399  10.963  -5.598  1.00 22.45 ? 32  PHE A CE2 1 
ATOM   258  C  CZ  . PHE A 1 35  ? 0.575   10.927  -4.647  1.00 19.24 ? 32  PHE A CZ  1 
ATOM   259  N  N   . ALA A 1 36  ? -6.338  12.120  -2.362  1.00 20.10 ? 33  ALA A N   1 
ATOM   260  C  CA  . ALA A 1 36  ? -7.637  12.726  -1.962  1.00 19.77 ? 33  ALA A CA  1 
ATOM   261  C  C   . ALA A 1 36  ? -7.752  12.827  -0.467  1.00 20.71 ? 33  ALA A C   1 
ATOM   262  O  O   . ALA A 1 36  ? -8.315  13.840  0.050   1.00 26.39 ? 33  ALA A O   1 
ATOM   263  C  CB  . ALA A 1 36  ? -8.816  11.938  -2.611  1.00 21.57 ? 33  ALA A CB  1 
ATOM   264  N  N   . LEU A 1 37  ? -7.209  11.860  0.281   1.00 21.30 ? 34  LEU A N   1 
ATOM   265  C  CA  . LEU A 1 37  ? -7.303  11.941  1.750   1.00 24.52 ? 34  LEU A CA  1 
ATOM   266  C  C   . LEU A 1 37  ? -6.184  12.781  2.376   1.00 26.24 ? 34  LEU A C   1 
ATOM   267  O  O   . LEU A 1 37  ? -6.403  13.465  3.393   1.00 26.66 ? 34  LEU A O   1 
ATOM   268  C  CB  . LEU A 1 37  ? -7.292  10.530  2.280   1.00 23.28 ? 34  LEU A CB  1 
ATOM   269  C  CG  . LEU A 1 37  ? -8.456  9.543   1.960   1.00 23.92 ? 34  LEU A CG  1 
ATOM   270  C  CD1 . LEU A 1 37  ? -8.166  8.158   2.459   1.00 24.97 ? 34  LEU A CD1 1 
ATOM   271  C  CD2 . LEU A 1 37  ? -9.800  10.138  2.374   1.00 26.73 ? 34  LEU A CD2 1 
ATOM   272  N  N   . GLU A 1 38  ? -4.980  12.731  1.794   1.00 23.85 ? 35  GLU A N   1 
ATOM   273  C  CA  . GLU A 1 38  ? -3.804  13.369  2.357   1.00 22.62 ? 35  GLU A CA  1 
ATOM   274  C  C   . GLU A 1 38  ? -2.968  13.965  1.206   1.00 22.82 ? 35  GLU A C   1 
ATOM   275  O  O   . GLU A 1 38  ? -1.915  13.464  0.811   1.00 21.87 ? 35  GLU A O   1 
ATOM   276  C  CB  . GLU A 1 38  ? -3.005  12.338  3.148   1.00 24.88 ? 35  GLU A CB  1 
ATOM   277  C  CG  . GLU A 1 38  ? -1.953  12.964  4.063   1.00 28.83 ? 35  GLU A CG  1 
ATOM   278  C  CD  . GLU A 1 38  ? -1.248  11.955  5.056   1.00 35.90 ? 35  GLU A CD  1 
ATOM   279  O  OE1 . GLU A 1 38  ? -1.913  11.047  5.583   1.00 44.14 ? 35  GLU A OE1 1 
ATOM   280  O  OE2 . GLU A 1 38  ? -0.041  12.160  5.349   1.00 38.13 ? 35  GLU A OE2 1 
ATOM   281  N  N   . PRO A 1 39  ? -3.346  15.150  0.707   1.00 21.46 ? 36  PRO A N   1 
ATOM   282  C  CA  . PRO A 1 39  ? -2.599  15.738  -0.346  1.00 23.71 ? 36  PRO A CA  1 
ATOM   283  C  C   . PRO A 1 39  ? -1.146  16.136  -0.060  1.00 21.61 ? 36  PRO A C   1 
ATOM   284  O  O   . PRO A 1 39  ? -0.425  16.276  -0.990  1.00 22.94 ? 36  PRO A O   1 
ATOM   285  C  CB  . PRO A 1 39  ? -3.407  16.985  -0.729  1.00 30.11 ? 36  PRO A CB  1 
ATOM   286  C  CG  . PRO A 1 39  ? -4.409  17.140  0.257   1.00 28.86 ? 36  PRO A CG  1 
ATOM   287  C  CD  . PRO A 1 39  ? -4.619  15.865  1.028   1.00 26.87 ? 36  PRO A CD  1 
ATOM   288  N  N   . SER A 1 40  ? -0.813  16.274  1.195   1.00 23.13 ? 37  SER A N   1 
ATOM   289  C  CA  . SER A 1 40  ? 0.523   16.622  1.606   1.00 23.83 ? 37  SER A CA  1 
ATOM   290  C  C   . SER A 1 40  ? 1.492   15.511  1.340   1.00 21.46 ? 37  SER A C   1 
ATOM   291  O  O   . SER A 1 40  ? 2.712   15.729  1.415   1.00 25.91 ? 37  SER A O   1 
ATOM   292  C  CB  . SER A 1 40  ? 0.511   17.084  3.054   1.00 27.09 ? 37  SER A CB  1 
ATOM   293  O  OG  . SER A 1 40  ? 0.176   15.985  3.925   1.00 28.85 ? 37  SER A OG  1 
ATOM   294  N  N   . LEU A 1 41  ? 1.014   14.356  0.905   1.00 20.98 ? 38  LEU A N   1 
ATOM   295  C  CA  . LEU A 1 41  ? 1.947   13.266  0.441   1.00 21.06 ? 38  LEU A CA  1 
ATOM   296  C  C   . LEU A 1 41  ? 2.468   13.489  -0.931  1.00 20.62 ? 38  LEU A C   1 
ATOM   297  O  O   . LEU A 1 41  ? 3.523   12.912  -1.321  1.00 22.39 ? 38  LEU A O   1 
ATOM   298  C  CB  . LEU A 1 41  ? 1.292   11.915  0.559   1.00 20.44 ? 38  LEU A CB  1 
ATOM   299  C  CG  . LEU A 1 41  ? 0.873   11.407  1.956   1.00 22.76 ? 38  LEU A CG  1 
ATOM   300  C  CD1 . LEU A 1 41  ? 0.012   10.182  1.906   1.00 25.62 ? 38  LEU A CD1 1 
ATOM   301  C  CD2 . LEU A 1 41  ? 2.106   11.218  2.804   1.00 27.16 ? 38  LEU A CD2 1 
ATOM   302  N  N   . LEU A 1 42  ? 1.761   14.269  -1.762  1.00 21.04 ? 39  LEU A N   1 
ATOM   303  C  CA  . LEU A 1 42  ? 2.165   14.488  -3.157  1.00 24.34 ? 39  LEU A CA  1 
ATOM   304  C  C   . LEU A 1 42  ? 3.624   14.923  -3.363  1.00 24.47 ? 39  LEU A C   1 
ATOM   305  O  O   . LEU A 1 42  ? 4.331   14.370  -4.193  1.00 23.22 ? 39  LEU A O   1 
ATOM   306  C  CB  . LEU A 1 42  ? 1.185   15.454  -3.860  1.00 26.29 ? 39  LEU A CB  1 
ATOM   307  C  CG  . LEU A 1 42  ? 1.363   15.588  -5.356  1.00 28.05 ? 39  LEU A CG  1 
ATOM   308  C  CD1 . LEU A 1 42  ? 0.898   14.357  -6.101  1.00 27.76 ? 39  LEU A CD1 1 
ATOM   309  C  CD2 . LEU A 1 42  ? 0.474   16.781  -5.795  1.00 31.40 ? 39  LEU A CD2 1 
ATOM   310  N  N   . PRO A 1 43  ? 4.116   15.922  -2.628  1.00 24.92 ? 40  PRO A N   1 
ATOM   311  C  CA  . PRO A 1 43  ? 5.459   16.313  -2.854  1.00 23.59 ? 40  PRO A CA  1 
ATOM   312  C  C   . PRO A 1 43  ? 6.541   15.300  -2.501  1.00 25.28 ? 40  PRO A C   1 
ATOM   313  O  O   . PRO A 1 43  ? 7.726   15.565  -2.809  1.00 30.41 ? 40  PRO A O   1 
ATOM   314  C  CB  . PRO A 1 43  ? 5.685   17.506  -1.889  1.00 25.53 ? 40  PRO A CB  1 
ATOM   315  C  CG  . PRO A 1 43  ? 4.384   17.814  -1.356  1.00 25.30 ? 40  PRO A CG  1 
ATOM   316  C  CD  . PRO A 1 43  ? 3.401   16.779  -1.653  1.00 25.70 ? 40  PRO A CD  1 
ATOM   317  N  N   . LEU A 1 44  ? 6.178   14.245  -1.782  1.00 24.96 ? 41  LEU A N   1 
ATOM   318  C  CA  . LEU A 1 44  ? 7.224   13.260  -1.342  1.00 27.11 ? 41  LEU A CA  1 
ATOM   319  C  C   . LEU A 1 44  ? 7.820   12.519  -2.539  1.00 30.04 ? 41  LEU A C   1 
ATOM   320  O  O   . LEU A 1 44  ? 8.973   12.007  -2.452  1.00 31.62 ? 41  LEU A O   1 
ATOM   321  C  CB  . LEU A 1 44  ? 6.638   12.406  -0.263  1.00 26.72 ? 41  LEU A CB  1 
ATOM   322  C  CG  . LEU A 1 44  ? 6.308   13.111  1.059   1.00 31.64 ? 41  LEU A CG  1 
ATOM   323  C  CD1 . LEU A 1 44  ? 5.782   12.034  1.989   1.00 36.17 ? 41  LEU A CD1 1 
ATOM   324  C  CD2 . LEU A 1 44  ? 7.447   13.889  1.671   1.00 39.17 ? 41  LEU A CD2 1 
ATOM   325  N  N   . PHE A 1 45  ? 7.141   12.502  -3.696  1.00 30.12 ? 42  PHE A N   1 
ATOM   326  C  CA  . PHE A 1 45  ? 7.571   11.876  -4.932  1.00 29.09 ? 42  PHE A CA  1 
ATOM   327  C  C   . PHE A 1 45  ? 8.322   12.808  -5.845  1.00 41.92 ? 42  PHE A C   1 
ATOM   328  O  O   . PHE A 1 45  ? 7.692   13.292  -6.806  1.00 40.47 ? 42  PHE A O   1 
ATOM   329  C  CB  . PHE A 1 45  ? 6.346   11.325  -5.701  1.00 32.32 ? 42  PHE A CB  1 
ATOM   330  C  CG  . PHE A 1 45  ? 5.628   10.278  -5.003  1.00 32.35 ? 42  PHE A CG  1 
ATOM   331  C  CD1 . PHE A 1 45  ? 6.079   8.940   -5.089  1.00 29.97 ? 42  PHE A CD1 1 
ATOM   332  C  CD2 . PHE A 1 45  ? 4.531   10.538  -4.223  1.00 28.04 ? 42  PHE A CD2 1 
ATOM   333  C  CE1 . PHE A 1 45  ? 5.377   7.966   -4.466  1.00 33.39 ? 42  PHE A CE1 1 
ATOM   334  C  CE2 . PHE A 1 45  ? 3.868   9.545   -3.523  1.00 36.12 ? 42  PHE A CE2 1 
ATOM   335  C  CZ  . PHE A 1 45  ? 4.306   8.238   -3.641  1.00 35.36 ? 42  PHE A CZ  1 
ATOM   336  N  N   . GLN A 1 46  ? 9.655   12.864  -5.640  1.00 37.34 ? 43  GLN A N   1 
ATOM   337  C  CA  . GLN A 1 46  ? 10.650  13.787  -6.202  1.00 44.54 ? 43  GLN A CA  1 
ATOM   338  C  C   . GLN A 1 46  ? 11.428  12.990  -7.221  1.00 44.30 ? 43  GLN A C   1 
ATOM   339  O  O   . GLN A 1 46  ? 12.259  12.146  -6.878  1.00 53.27 ? 43  GLN A O   1 
ATOM   340  C  CB  . GLN A 1 46  ? 11.697  14.242  -5.170  1.00 51.73 ? 43  GLN A CB  1 
ATOM   341  C  CG  . GLN A 1 46  ? 11.169  14.917  -3.937  1.00 63.02 ? 43  GLN A CG  1 
ATOM   342  C  CD  . GLN A 1 46  ? 10.884  16.383  -4.157  1.00 74.45 ? 43  GLN A CD  1 
ATOM   343  O  OE1 . GLN A 1 46  ? 11.794  17.233  -4.046  1.00 81.80 ? 43  GLN A OE1 1 
ATOM   344  N  NE2 . GLN A 1 46  ? 9.608   16.701  -4.459  1.00 71.08 ? 43  GLN A NE2 1 
ATOM   345  N  N   . TYR A 1 47  ? 11.079  13.159  -8.460  1.00 40.65 ? 44  TYR A N   1 
ATOM   346  C  CA  . TYR A 1 47  ? 11.841  12.496  -9.514  1.00 44.83 ? 44  TYR A CA  1 
ATOM   347  C  C   . TYR A 1 47  ? 12.354  13.668  -10.291 1.00 51.97 ? 44  TYR A C   1 
ATOM   348  O  O   . TYR A 1 47  ? 11.588  14.637  -10.499 1.00 48.53 ? 44  TYR A O   1 
ATOM   349  C  CB  . TYR A 1 47  ? 10.980  11.603  -10.362 1.00 39.88 ? 44  TYR A CB  1 
ATOM   350  C  CG  . TYR A 1 47  ? 10.230  10.547  -9.567  1.00 34.94 ? 44  TYR A CG  1 
ATOM   351  C  CD1 . TYR A 1 47  ? 10.895  9.473   -9.010  1.00 30.55 ? 44  TYR A CD1 1 
ATOM   352  C  CD2 . TYR A 1 47  ? 8.833   10.584  -9.454  1.00 32.79 ? 44  TYR A CD2 1 
ATOM   353  C  CE1 . TYR A 1 47  ? 10.217  8.523   -8.292  1.00 33.93 ? 44  TYR A CE1 1 
ATOM   354  C  CE2 . TYR A 1 47  ? 8.159   9.664   -8.683  1.00 29.03 ? 44  TYR A CE2 1 
ATOM   355  C  CZ  . TYR A 1 47  ? 8.848   8.598   -8.141  1.00 34.61 ? 44  TYR A CZ  1 
ATOM   356  O  OH  . TYR A 1 47  ? 8.190   7.607   -7.454  1.00 35.08 ? 44  TYR A OH  1 
ATOM   357  N  N   . ASN A 1 48  ? 13.640  13.602  -10.666 1.00 57.18 ? 45  ASN A N   1 
ATOM   358  C  CA  . ASN A 1 48  ? 14.332  14.711  -11.340 1.00 61.75 ? 45  ASN A CA  1 
ATOM   359  C  C   . ASN A 1 48  ? 14.284  15.970  -10.462 1.00 61.14 ? 45  ASN A C   1 
ATOM   360  O  O   . ASN A 1 48  ? 14.135  17.070  -10.971 1.00 64.75 ? 45  ASN A O   1 
ATOM   361  C  CB  . ASN A 1 48  ? 13.689  15.014  -12.710 1.00 68.88 ? 45  ASN A CB  1 
ATOM   362  C  CG  . ASN A 1 48  ? 13.367  13.758  -13.509 1.00 76.83 ? 45  ASN A CG  1 
ATOM   363  O  OD1 . ASN A 1 48  ? 14.236  12.906  -13.736 1.00 72.49 ? 45  ASN A OD1 1 
ATOM   364  N  ND2 . ASN A 1 48  ? 12.108  13.642  -13.949 1.00 76.61 ? 45  ASN A ND2 1 
ATOM   365  N  N   . GLY A 1 49  ? 14.385  15.782  -9.145  1.00 60.86 ? 46  GLY A N   1 
ATOM   366  C  CA  . GLY A 1 49  ? 14.177  16.836  -8.153  1.00 58.45 ? 46  GLY A CA  1 
ATOM   367  C  C   . GLY A 1 49  ? 12.920  17.715  -8.212  1.00 54.06 ? 46  GLY A C   1 
ATOM   368  O  O   . GLY A 1 49  ? 12.846  18.706  -7.491  1.00 58.71 ? 46  GLY A O   1 
ATOM   369  N  N   . ARG A 1 50  ? 11.928  17.349  -9.030  1.00 45.03 ? 47  ARG A N   1 
ATOM   370  C  CA  . ARG A 1 50  ? 10.760  18.191  -9.316  1.00 42.25 ? 47  ARG A CA  1 
ATOM   371  C  C   . ARG A 1 50  ? 9.567   17.693  -8.472  1.00 38.24 ? 47  ARG A C   1 
ATOM   372  O  O   . ARG A 1 50  ? 9.504   16.494  -8.190  1.00 35.30 ? 47  ARG A O   1 
ATOM   373  C  CB  . ARG A 1 50  ? 10.453  18.116  -10.839 1.00 51.34 ? 47  ARG A CB  1 
ATOM   374  C  CG  . ARG A 1 50  ? 9.015   18.448  -11.310 1.00 60.93 ? 47  ARG A CG  1 
ATOM   375  C  CD  . ARG A 1 50  ? 8.396   17.337  -12.184 1.00 72.04 ? 47  ARG A CD  1 
ATOM   376  N  NE  . ARG A 1 50  ? 6.943   17.461  -12.454 1.00 72.82 ? 47  ARG A NE  1 
ATOM   377  C  CZ  . ARG A 1 50  ? 6.211   16.618  -13.208 1.00 76.77 ? 47  ARG A CZ  1 
ATOM   378  N  NH1 . ARG A 1 50  ? 6.778   15.549  -13.780 1.00 82.98 ? 47  ARG A NH1 1 
ATOM   379  N  NH2 . ARG A 1 50  ? 4.889   16.827  -13.397 1.00 56.44 ? 47  ARG A NH2 1 
ATOM   380  N  N   . GLN A 1 51  ? 8.639   18.612  -8.110  1.00 29.55 ? 48  GLN A N   1 
ATOM   381  C  CA  . GLN A 1 51  ? 7.417   18.270  -7.388  1.00 28.09 ? 48  GLN A CA  1 
ATOM   382  C  C   . GLN A 1 51  ? 6.195   18.254  -8.281  1.00 26.88 ? 48  GLN A C   1 
ATOM   383  O  O   . GLN A 1 51  ? 6.018   19.112  -9.164  1.00 30.36 ? 48  GLN A O   1 
ATOM   384  C  CB  . GLN A 1 51  ? 7.164   19.387  -6.376  1.00 31.23 ? 48  GLN A CB  1 
ATOM   385  C  CG  . GLN A 1 51  ? 6.811   18.964  -5.054  1.00 39.07 ? 48  GLN A CG  1 
ATOM   386  C  CD  . GLN A 1 51  ? 6.711   20.196  -4.172  1.00 28.22 ? 48  GLN A CD  1 
ATOM   387  O  OE1 . GLN A 1 51  ? 7.703   20.715  -3.585  1.00 33.54 ? 48  GLN A OE1 1 
ATOM   388  N  NE2 . GLN A 1 51  ? 5.553   20.597  -3.996  1.00 27.28 ? 48  GLN A NE2 1 
ATOM   389  N  N   . PHE A 1 52  ? 5.328   17.254  -8.109  1.00 23.34 ? 49  PHE A N   1 
ATOM   390  C  CA  . PHE A 1 52  ? 4.025   17.214  -8.814  1.00 21.43 ? 49  PHE A CA  1 
ATOM   391  C  C   . PHE A 1 52  ? 3.133   18.304  -8.196  1.00 22.10 ? 49  PHE A C   1 
ATOM   392  O  O   . PHE A 1 52  ? 3.017   18.451  -6.959  1.00 24.85 ? 49  PHE A O   1 
ATOM   393  C  CB  . PHE A 1 52  ? 3.298   15.898  -8.600  1.00 21.38 ? 49  PHE A CB  1 
ATOM   394  C  CG  . PHE A 1 52  ? 4.055   14.698  -9.160  1.00 21.48 ? 49  PHE A CG  1 
ATOM   395  C  CD1 . PHE A 1 52  ? 4.406   14.679  -10.470 1.00 22.94 ? 49  PHE A CD1 1 
ATOM   396  C  CD2 . PHE A 1 52  ? 4.211   13.556  -8.374  1.00 22.55 ? 49  PHE A CD2 1 
ATOM   397  C  CE1 . PHE A 1 52  ? 5.121   13.558  -10.995 1.00 24.12 ? 49  PHE A CE1 1 
ATOM   398  C  CE2 . PHE A 1 52  ? 4.849   12.425  -8.915  1.00 21.84 ? 49  PHE A CE2 1 
ATOM   399  C  CZ  . PHE A 1 52  ? 5.329   12.478  -10.177 1.00 22.12 ? 49  PHE A CZ  1 
ATOM   400  N  N   . SER A 1 53  ? 2.590   19.140  -9.065  1.00 21.66 ? 50  SER A N   1 
ATOM   401  C  CA  A SER A 1 53  ? 1.582   20.157  -8.652  0.73 22.60 ? 50  SER A CA  1 
ATOM   402  C  CA  B SER A 1 53  ? 1.624   20.154  -8.650  0.27 21.91 ? 50  SER A CA  1 
ATOM   403  C  C   . SER A 1 53  ? 0.285   19.614  -8.193  1.00 25.21 ? 50  SER A C   1 
ATOM   404  O  O   . SER A 1 53  ? -0.222  20.009  -7.144  1.00 22.93 ? 50  SER A O   1 
ATOM   405  C  CB  A SER A 1 53  ? 1.396   21.242  -9.725  0.73 24.17 ? 50  SER A CB  1 
ATOM   406  C  CB  B SER A 1 53  ? 1.422   21.157  -9.766  0.27 21.44 ? 50  SER A CB  1 
ATOM   407  O  OG  A SER A 1 53  ? 2.564   22.056  -9.878  0.73 25.17 ? 50  SER A OG  1 
ATOM   408  O  OG  B SER A 1 53  ? 0.400   22.031  -9.397  0.27 19.06 ? 50  SER A OG  1 
ATOM   409  N  N   . SER A 1 54  ? -0.289  18.695  -8.991  1.00 20.99 ? 51  SER A N   1 
ATOM   410  C  CA  A SER A 1 54  ? -1.602  18.121  -8.739  0.54 21.43 ? 51  SER A CA  1 
ATOM   411  C  CA  B SER A 1 54  ? -1.613  18.131  -8.750  0.46 22.82 ? 51  SER A CA  1 
ATOM   412  C  C   . SER A 1 54  ? -1.571  16.630  -8.735  1.00 23.60 ? 51  SER A C   1 
ATOM   413  O  O   . SER A 1 54  ? -0.725  16.021  -9.324  1.00 22.22 ? 51  SER A O   1 
ATOM   414  C  CB  A SER A 1 54  ? -2.592  18.582  -9.805  0.54 24.05 ? 51  SER A CB  1 
ATOM   415  C  CB  B SER A 1 54  ? -2.623  18.592  -9.818  0.46 26.50 ? 51  SER A CB  1 
ATOM   416  O  OG  A SER A 1 54  ? -2.225  18.064  -11.065 0.54 20.32 ? 51  SER A OG  1 
ATOM   417  O  OG  B SER A 1 54  ? -2.835  19.997  -9.798  0.46 26.60 ? 51  SER A OG  1 
ATOM   418  N  N   . PRO A 1 55  ? -2.508  16.029  -8.057  1.00 23.78 ? 52  PRO A N   1 
ATOM   419  C  CA  . PRO A 1 55  ? -2.561  14.571  -8.168  1.00 25.17 ? 52  PRO A CA  1 
ATOM   420  C  C   . PRO A 1 55  ? -2.559  13.944  -9.536  1.00 25.18 ? 52  PRO A C   1 
ATOM   421  O  O   . PRO A 1 55  ? -1.830  13.006  -9.807  1.00 25.07 ? 52  PRO A O   1 
ATOM   422  C  CB  . PRO A 1 55  ? -3.814  14.215  -7.390  1.00 28.90 ? 52  PRO A CB  1 
ATOM   423  C  CG  . PRO A 1 55  ? -3.934  15.327  -6.443  1.00 29.06 ? 52  PRO A CG  1 
ATOM   424  C  CD  . PRO A 1 55  ? -3.600  16.557  -7.200  1.00 25.41 ? 52  PRO A CD  1 
ATOM   425  N  N   . GLU A 1 56  ? -3.197  14.574  -10.509 1.00 21.80 ? 53  GLU A N   1 
ATOM   426  C  CA  . GLU A 1 56  ? -3.277  14.036  -11.866 1.00 24.89 ? 53  GLU A CA  1 
ATOM   427  C  C   . GLU A 1 56  ? -1.926  14.107  -12.520 1.00 24.11 ? 53  GLU A C   1 
ATOM   428  O  O   . GLU A 1 56  ? -1.612  13.340  -13.434 1.00 23.10 ? 53  GLU A O   1 
ATOM   429  C  CB  . GLU A 1 56  ? -4.379  14.700  -12.714 1.00 25.30 ? 53  GLU A CB  1 
ATOM   430  C  CG  . GLU A 1 56  ? -4.228  16.169  -12.934 1.00 25.00 ? 53  GLU A CG  1 
ATOM   431  C  CD  . GLU A 1 56  ? -4.949  17.078  -11.897 1.00 22.90 ? 53  GLU A CD  1 
ATOM   432  O  OE1 . GLU A 1 56  ? -5.202  16.619  -10.775 1.00 22.63 ? 53  GLU A OE1 1 
ATOM   433  O  OE2 . GLU A 1 56  ? -5.323  18.169  -12.277 1.00 23.17 ? 53  GLU A OE2 1 
ATOM   434  N  N   . ASP A 1 57  ? -1.054  15.064  -12.072 1.00 19.26 ? 54  ASP A N   1 
ATOM   435  C  CA  . ASP A 1 57  ? 0.341   15.091  -12.561 1.00 21.09 ? 54  ASP A CA  1 
ATOM   436  C  C   . ASP A 1 57  ? 1.089   13.804  -12.276 1.00 24.84 ? 54  ASP A C   1 
ATOM   437  O  O   . ASP A 1 57  ? 1.902   13.344  -13.125 1.00 24.57 ? 54  ASP A O   1 
ATOM   438  C  CB  . ASP A 1 57  ? 1.111   16.215  -11.974 1.00 25.06 ? 54  ASP A CB  1 
ATOM   439  C  CG  . ASP A 1 57  ? 0.654   17.573  -12.424 1.00 25.79 ? 54  ASP A CG  1 
ATOM   440  O  OD1 . ASP A 1 57  ? 0.318   17.790  -13.591 1.00 25.07 ? 54  ASP A OD1 1 
ATOM   441  O  OD2 . ASP A 1 57  ? 0.782   18.470  -11.602 1.00 28.67 ? 54  ASP A OD2 1 
ATOM   442  N  N   . SER A 1 58  ? 0.839   13.175  -11.120 1.00 22.29 ? 55  SER A N   1 
ATOM   443  C  CA  . SER A 1 58  ? 1.584   11.935  -10.785 1.00 21.06 ? 55  SER A CA  1 
ATOM   444  C  C   . SER A 1 58  ? 1.274   10.841  -11.792 1.00 21.67 ? 55  SER A C   1 
ATOM   445  O  O   . SER A 1 58  ? 2.135   9.972   -12.033 1.00 22.55 ? 55  SER A O   1 
ATOM   446  C  CB  . SER A 1 58  ? 1.166   11.521  -9.372  1.00 21.61 ? 55  SER A CB  1 
ATOM   447  O  OG  . SER A 1 58  ? -0.134  11.106  -9.235  1.00 22.09 ? 55  SER A OG  1 
ATOM   448  N  N   . LEU A 1 59  ? 0.090   10.808  -12.325 1.00 23.63 ? 56  LEU A N   1 
ATOM   449  C  CA  . LEU A 1 59  ? -0.349  9.687   -13.174 1.00 24.97 ? 56  LEU A CA  1 
ATOM   450  C  C   . LEU A 1 59  ? 0.225   9.716   -14.565 1.00 23.65 ? 56  LEU A C   1 
ATOM   451  O  O   . LEU A 1 59  ? 0.056   8.779   -15.288 1.00 23.94 ? 56  LEU A O   1 
ATOM   452  C  CB  . LEU A 1 59  ? -1.865  9.700   -13.248 1.00 23.14 ? 56  LEU A CB  1 
ATOM   453  C  CG  . LEU A 1 59  ? -2.568  9.339   -11.966 1.00 27.13 ? 56  LEU A CG  1 
ATOM   454  C  CD1 . LEU A 1 59  ? -4.032  9.530   -12.148 1.00 31.34 ? 56  LEU A CD1 1 
ATOM   455  C  CD2 . LEU A 1 59  ? -2.232  7.935   -11.449 1.00 30.96 ? 56  LEU A CD2 1 
ATOM   456  N  N   . SER A 1 60  ? 0.859   10.805  -14.938 1.00 22.88 ? 57  SER A N   1 
ATOM   457  C  CA  . SER A 1 60  ? 1.637   10.907  -16.154 1.00 27.37 ? 57  SER A CA  1 
ATOM   458  C  C   . SER A 1 60  ? 3.098   10.576  -15.991 1.00 26.11 ? 57  SER A C   1 
ATOM   459  O  O   . SER A 1 60  ? 3.839   10.580  -16.989 1.00 31.22 ? 57  SER A O   1 
ATOM   460  C  CB  . SER A 1 60  ? 1.419   12.310  -16.755 1.00 28.88 ? 57  SER A CB  1 
ATOM   461  O  OG  . SER A 1 60  ? 2.062   13.291  -15.880 1.00 32.14 ? 57  SER A OG  1 
ATOM   462  N  N   . SER A 1 61  ? 3.570   10.305  -14.774 1.00 22.74 ? 58  SER A N   1 
ATOM   463  C  CA  . SER A 1 61  ? 4.949   10.040  -14.492 1.00 25.27 ? 58  SER A CA  1 
ATOM   464  C  C   . SER A 1 61  ? 5.270   8.564   -14.571 1.00 28.05 ? 58  SER A C   1 
ATOM   465  O  O   . SER A 1 61  ? 4.736   7.761   -13.758 1.00 22.80 ? 58  SER A O   1 
ATOM   466  C  CB  . SER A 1 61  ? 5.336   10.518  -13.111 1.00 22.30 ? 58  SER A CB  1 
ATOM   467  O  OG  . SER A 1 61  ? 6.591   10.140  -12.653 1.00 25.56 ? 58  SER A OG  1 
ATOM   468  N  N   . PRO A 1 62  ? 6.149   8.159   -15.501 1.00 27.31 ? 59  PRO A N   1 
ATOM   469  C  CA  . PRO A 1 62  ? 6.606   6.753   -15.490 1.00 30.59 ? 59  PRO A CA  1 
ATOM   470  C  C   . PRO A 1 62  ? 7.125   6.259   -14.165 1.00 28.06 ? 59  PRO A C   1 
ATOM   471  O  O   . PRO A 1 62  ? 6.792   5.108   -13.776 1.00 26.92 ? 59  PRO A O   1 
ATOM   472  C  CB  . PRO A 1 62  ? 7.753   6.743   -16.563 1.00 33.99 ? 59  PRO A CB  1 
ATOM   473  C  CG  . PRO A 1 62  ? 7.382   7.857   -17.471 1.00 37.84 ? 59  PRO A CG  1 
ATOM   474  C  CD  . PRO A 1 62  ? 6.860   8.941   -16.552 1.00 34.40 ? 59  PRO A CD  1 
ATOM   475  N  N   . GLU A 1 63  ? 7.967   7.035   -13.497 1.00 26.39 ? 60  GLU A N   1 
ATOM   476  C  CA  . GLU A 1 63  ? 8.549   6.687   -12.226 1.00 26.80 ? 60  GLU A CA  1 
ATOM   477  C  C   . GLU A 1 63  ? 7.432   6.513   -11.184 1.00 28.04 ? 60  GLU A C   1 
ATOM   478  O  O   . GLU A 1 63  ? 7.463   5.577   -10.421 1.00 25.29 ? 60  GLU A O   1 
ATOM   479  C  CB  . GLU A 1 63  ? 9.587   7.647   -11.750 1.00 35.41 ? 60  GLU A CB  1 
ATOM   480  C  CG  . GLU A 1 63  ? 10.826  7.768   -12.680 1.00 36.22 ? 60  GLU A CG  1 
ATOM   481  C  CD  . GLU A 1 63  ? 10.780  9.006   -13.531 1.00 46.60 ? 60  GLU A CD  1 
ATOM   482  O  OE1 . GLU A 1 63  ? 9.682   9.344   -14.118 1.00 48.95 ? 60  GLU A OE1 1 
ATOM   483  O  OE2 . GLU A 1 63  ? 11.865  9.641   -13.594 1.00 51.00 ? 60  GLU A OE2 1 
ATOM   484  N  N   . PHE A 1 64  ? 6.448   7.412   -11.190 1.00 25.45 ? 61  PHE A N   1 
ATOM   485  C  CA  . PHE A 1 64  ? 5.333   7.254   -10.192 1.00 26.88 ? 61  PHE A CA  1 
ATOM   486  C  C   . PHE A 1 64  ? 4.519   5.995   -10.416 1.00 23.50 ? 61  PHE A C   1 
ATOM   487  O  O   . PHE A 1 64  ? 4.145   5.234   -9.475  1.00 24.38 ? 61  PHE A O   1 
ATOM   488  C  CB  . PHE A 1 64  ? 4.338   8.452   -10.291 1.00 21.39 ? 61  PHE A CB  1 
ATOM   489  C  CG  . PHE A 1 64  ? 3.254   8.382   -9.254  1.00 20.14 ? 61  PHE A CG  1 
ATOM   490  C  CD1 . PHE A 1 64  ? 3.551   8.733   -7.932  1.00 23.35 ? 61  PHE A CD1 1 
ATOM   491  C  CD2 . PHE A 1 64  ? 1.983   8.061   -9.579  1.00 22.88 ? 61  PHE A CD2 1 
ATOM   492  C  CE1 . PHE A 1 64  ? 2.547   8.702   -6.982  1.00 19.72 ? 61  PHE A CE1 1 
ATOM   493  C  CE2 . PHE A 1 64  ? 0.995   7.995   -8.616  1.00 20.64 ? 61  PHE A CE2 1 
ATOM   494  C  CZ  . PHE A 1 64  ? 1.266   8.333   -7.330  1.00 20.47 ? 61  PHE A CZ  1 
ATOM   495  N  N   . LEU A 1 65  ? 4.226   5.684   -11.682 1.00 22.41 ? 62  LEU A N   1 
ATOM   496  C  CA  . LEU A 1 65  ? 3.502   4.487   -12.022 1.00 24.48 ? 62  LEU A CA  1 
ATOM   497  C  C   . LEU A 1 65  ? 4.330   3.241   -11.690 1.00 24.77 ? 62  LEU A C   1 
ATOM   498  O  O   . LEU A 1 65  ? 3.774   2.216   -11.187 1.00 25.37 ? 62  LEU A O   1 
ATOM   499  C  CB  . LEU A 1 65  ? 3.130   4.472   -13.487 1.00 24.21 ? 62  LEU A CB  1 
ATOM   500  C  CG  . LEU A 1 65  ? 2.238   5.671   -13.967 1.00 24.47 ? 62  LEU A CG  1 
ATOM   501  C  CD1 . LEU A 1 65  ? 1.975   5.581   -15.448 1.00 26.13 ? 62  LEU A CD1 1 
ATOM   502  C  CD2 . LEU A 1 65  ? 0.972   5.645   -13.169 1.00 23.94 ? 62  LEU A CD2 1 
ATOM   503  N  N   . ASP A 1 66  ? 5.655   3.326   -11.920 1.00 24.67 ? 63  ASP A N   1 
ATOM   504  C  CA  . ASP A 1 66  ? 6.541   2.241   -11.434 1.00 25.78 ? 63  ASP A CA  1 
ATOM   505  C  C   . ASP A 1 66  ? 6.451   2.003   -9.938  1.00 27.19 ? 63  ASP A C   1 
ATOM   506  O  O   . ASP A 1 66  ? 6.436   0.842   -9.468  1.00 28.82 ? 63  ASP A O   1 
ATOM   507  C  CB  . ASP A 1 66  ? 7.963   2.484   -11.823 1.00 26.80 ? 63  ASP A CB  1 
ATOM   508  C  CG  . ASP A 1 66  ? 8.262   2.361   -13.281 1.00 33.19 ? 63  ASP A CG  1 
ATOM   509  O  OD1 . ASP A 1 66  ? 7.479   1.813   -14.033 1.00 32.94 ? 63  ASP A OD1 1 
ATOM   510  O  OD2 . ASP A 1 66  ? 9.331   2.834   -13.633 1.00 39.48 ? 63  ASP A OD2 1 
ATOM   511  N  N   . HIS A 1 67  ? 6.278   3.085   -9.150  1.00 23.31 ? 64  HIS A N   1 
ATOM   512  C  CA  . HIS A 1 67  ? 6.126   2.975   -7.736  1.00 23.83 ? 64  HIS A CA  1 
ATOM   513  C  C   . HIS A 1 67  ? 4.811   2.260   -7.418  1.00 23.46 ? 64  HIS A C   1 
ATOM   514  O  O   . HIS A 1 67  ? 4.745   1.452   -6.474  1.00 24.17 ? 64  HIS A O   1 
ATOM   515  C  CB  . HIS A 1 67  ? 6.344   4.306   -7.039  1.00 24.55 ? 64  HIS A CB  1 
ATOM   516  C  CG  . HIS A 1 67  ? 6.148   4.216   -5.574  1.00 25.38 ? 64  HIS A CG  1 
ATOM   517  N  ND1 . HIS A 1 67  ? 4.922   4.427   -4.944  1.00 23.41 ? 64  HIS A ND1 1 
ATOM   518  C  CD2 . HIS A 1 67  ? 6.949   3.727   -4.624  1.00 23.41 ? 64  HIS A CD2 1 
ATOM   519  C  CE1 . HIS A 1 67  ? 5.051   4.199   -3.662  1.00 25.90 ? 64  HIS A CE1 1 
ATOM   520  N  NE2 . HIS A 1 67  ? 6.270   3.811   -3.436  1.00 29.38 ? 64  HIS A NE2 1 
ATOM   521  N  N   . ILE A 1 68  ? 3.730   2.613   -8.091  1.00 22.71 ? 65  ILE A N   1 
ATOM   522  C  CA  . ILE A 1 68  ? 2.454   1.849   -7.987  1.00 21.45 ? 65  ILE A CA  1 
ATOM   523  C  C   . ILE A 1 68  ? 2.689   0.292   -8.107  1.00 22.67 ? 65  ILE A C   1 
ATOM   524  O  O   . ILE A 1 68  ? 2.315   -0.512  -7.255  1.00 24.95 ? 65  ILE A O   1 
ATOM   525  C  CB  . ILE A 1 68  ? 1.309   2.257   -8.952  1.00 24.24 ? 65  ILE A CB  1 
ATOM   526  C  CG1 . ILE A 1 68  ? 1.018   3.775   -8.728  1.00 22.67 ? 65  ILE A CG1 1 
ATOM   527  C  CG2 . ILE A 1 68  ? 0.091   1.389   -8.668  1.00 25.51 ? 65  ILE A CG2 1 
ATOM   528  C  CD1 . ILE A 1 68  ? -0.128  4.361   -9.544  1.00 25.79 ? 65  ILE A CD1 1 
ATOM   529  N  N   . ARG A 1 69  ? 3.404   -0.061  -9.162  1.00 26.01 ? 66  ARG A N   1 
ATOM   530  C  CA  . ARG A 1 69  ? 3.736   -1.466  -9.345  1.00 27.61 ? 66  ARG A CA  1 
ATOM   531  C  C   . ARG A 1 69  ? 4.545   -2.044  -8.213  1.00 27.34 ? 66  ARG A C   1 
ATOM   532  O  O   . ARG A 1 69  ? 4.257   -3.231  -7.834  1.00 31.33 ? 66  ARG A O   1 
ATOM   533  C  CB  . ARG A 1 69  ? 4.427   -1.610  -10.711 1.00 27.87 ? 66  ARG A CB  1 
ATOM   534  C  CG  . ARG A 1 69  ? 3.488   -1.392  -11.885 1.00 25.30 ? 66  ARG A CG  1 
ATOM   535  C  CD  . ARG A 1 69  ? 4.159   -1.552  -13.305 1.00 30.79 ? 66  ARG A CD  1 
ATOM   536  N  NE  . ARG A 1 69  ? 3.311   -1.271  -14.461 1.00 35.76 ? 66  ARG A NE  1 
ATOM   537  C  CZ  . ARG A 1 69  ? 2.259   -2.017  -14.859 1.00 38.94 ? 66  ARG A CZ  1 
ATOM   538  N  NH1 . ARG A 1 69  ? 1.561   -1.667  -15.931 1.00 44.86 ? 66  ARG A NH1 1 
ATOM   539  N  NH2 . ARG A 1 69  ? 1.890   -3.144  -14.230 1.00 37.10 ? 66  ARG A NH2 1 
ATOM   540  N  N   . LYS A 1 70  ? 5.539   -1.331  -7.723  1.00 26.42 ? 67  LYS A N   1 
ATOM   541  C  CA  . LYS A 1 70  ? 6.349   -1.740  -6.585  1.00 28.29 ? 67  LYS A CA  1 
ATOM   542  C  C   . LYS A 1 70  ? 5.434   -1.990  -5.385  1.00 30.18 ? 67  LYS A C   1 
ATOM   543  O  O   . LYS A 1 70  ? 5.397   -3.067  -4.794  1.00 30.27 ? 67  LYS A O   1 
ATOM   544  C  CB  . LYS A 1 70  ? 7.413   -0.746  -6.167  1.00 31.79 ? 67  LYS A CB  1 
ATOM   545  C  CG  . LYS A 1 70  ? 8.396   -0.310  -7.215  1.00 30.64 ? 67  LYS A CG  1 
ATOM   546  C  CD  . LYS A 1 70  ? 9.307   0.757   -6.711  1.00 33.87 ? 67  LYS A CD  1 
ATOM   547  C  CE  . LYS A 1 70  ? 10.030  1.292   -7.949  1.00 34.99 ? 67  LYS A CE  1 
ATOM   548  N  NZ  . LYS A 1 70  ? 11.128  2.116   -7.516  1.00 33.79 ? 67  LYS A NZ  1 
ATOM   549  N  N   . VAL A 1 71  ? 4.515   -1.060  -5.143  1.00 25.83 ? 68  VAL A N   1 
ATOM   550  C  CA  . VAL A 1 71  ? 3.597   -1.308  -4.055  1.00 26.27 ? 68  VAL A CA  1 
ATOM   551  C  C   . VAL A 1 71  ? 2.787   -2.540  -4.220  1.00 25.78 ? 68  VAL A C   1 
ATOM   552  O  O   . VAL A 1 71  ? 2.693   -3.315  -3.185  1.00 30.85 ? 68  VAL A O   1 
ATOM   553  C  CB  . VAL A 1 71  ? 2.645   -0.096  -3.831  1.00 26.06 ? 68  VAL A CB  1 
ATOM   554  C  CG1 . VAL A 1 71  ? 1.664   -0.472  -2.743  1.00 28.05 ? 68  VAL A CG1 1 
ATOM   555  C  CG2 . VAL A 1 71  ? 3.481   1.103   -3.430  1.00 23.47 ? 68  VAL A CG2 1 
ATOM   556  N  N   . MET A 1 72  ? 2.237   -2.843  -5.384  1.00 25.19 ? 69  MET A N   1 
ATOM   557  C  CA  . MET A 1 72  ? 1.367   -3.888  -5.572  1.00 28.67 ? 69  MET A CA  1 
ATOM   558  C  C   . MET A 1 72  ? 2.229   -5.147  -5.382  1.00 30.24 ? 69  MET A C   1 
ATOM   559  O  O   . MET A 1 72  ? 1.738   -6.141  -4.829  1.00 34.09 ? 69  MET A O   1 
ATOM   560  C  CB  . MET A 1 72  ? 0.681   -3.817  -6.879  1.00 30.41 ? 69  MET A CB  1 
ATOM   561  C  CG  . MET A 1 72  ? -0.273  -2.566  -6.938  1.00 27.16 ? 69  MET A CG  1 
ATOM   562  S  SD  . MET A 1 72  ? -1.648  -2.675  -5.733  1.00 28.67 ? 69  MET A SD  1 
ATOM   563  C  CE  . MET A 1 72  ? -2.650  -3.562  -6.643  1.00 25.11 ? 69  MET A CE  1 
ATOM   564  N  N   . LEU A 1 73  ? 3.473   -5.078  -5.847  1.00 30.26 ? 70  LEU A N   1 
ATOM   565  C  CA  . LEU A 1 73  ? 4.386   -6.276  -5.598  1.00 32.41 ? 70  LEU A CA  1 
ATOM   566  C  C   . LEU A 1 73  ? 4.609   -6.584  -4.180  1.00 29.02 ? 70  LEU A C   1 
ATOM   567  O  O   . LEU A 1 73  ? 4.543   -7.815  -3.851  1.00 36.34 ? 70  LEU A O   1 
ATOM   568  C  CB  . LEU A 1 73  ? 5.691   -6.179  -6.414  1.00 34.72 ? 70  LEU A CB  1 
ATOM   569  C  CG  . LEU A 1 73  ? 5.392   -6.586  -7.861  1.00 40.28 ? 70  LEU A CG  1 
ATOM   570  C  CD1 . LEU A 1 73  ? 6.306   -5.892  -8.890  1.00 41.40 ? 70  LEU A CD1 1 
ATOM   571  C  CD2 . LEU A 1 73  ? 5.392   -8.093  -8.024  1.00 51.63 ? 70  LEU A CD2 1 
ATOM   572  N  N   . VAL A 1 74  ? 4.834   -5.613  -3.303  1.00 29.99 ? 71  VAL A N   1 
ATOM   573  C  CA  . VAL A 1 74  ? 5.006   -5.804  -1.854  1.00 29.78 ? 71  VAL A CA  1 
ATOM   574  C  C   . VAL A 1 74  ? 3.734   -6.380  -1.208  1.00 37.45 ? 71  VAL A C   1 
ATOM   575  O  O   . VAL A 1 74  ? 3.809   -7.269  -0.402  1.00 31.28 ? 71  VAL A O   1 
ATOM   576  C  CB  . VAL A 1 74  ? 5.409   -4.551  -1.142  1.00 30.58 ? 71  VAL A CB  1 
ATOM   577  C  CG1 . VAL A 1 74  ? 5.511   -4.710  0.360   1.00 33.39 ? 71  VAL A CG1 1 
ATOM   578  C  CG2 . VAL A 1 74  ? 6.765   -3.980  -1.602  1.00 30.36 ? 71  VAL A CG2 1 
ATOM   579  N  N   . ILE A 1 75  ? 2.561   -5.887  -1.602  1.00 31.86 ? 72  ILE A N   1 
ATOM   580  C  CA  . ILE A 1 75  ? 1.339   -6.501  -1.173  1.00 28.82 ? 72  ILE A CA  1 
ATOM   581  C  C   . ILE A 1 75  ? 1.221   -7.968  -1.616  1.00 34.16 ? 72  ILE A C   1 
ATOM   582  O  O   . ILE A 1 75  ? 0.846   -8.833  -0.792  1.00 36.23 ? 72  ILE A O   1 
ATOM   583  C  CB  . ILE A 1 75  ? 0.045   -5.730  -1.627  1.00 28.30 ? 72  ILE A CB  1 
ATOM   584  C  CG1 . ILE A 1 75  ? 0.158   -4.309  -1.098  1.00 31.08 ? 72  ILE A CG1 1 
ATOM   585  C  CG2 . ILE A 1 75  ? -1.220  -6.469  -1.095  1.00 30.95 ? 72  ILE A CG2 1 
ATOM   586  C  CD1 . ILE A 1 75  ? -0.922  -3.363  -1.742  1.00 31.33 ? 72  ILE A CD1 1 
ATOM   587  N  N   . ASP A 1 76  ? 1.531   -8.270  -2.895  1.00 31.64 ? 73  ASP A N   1 
ATOM   588  C  CA  . ASP A 1 76  ? 1.521   -9.597  -3.379  1.00 37.47 ? 73  ASP A CA  1 
ATOM   589  C  C   . ASP A 1 76  ? 2.457   -10.511 -2.558  1.00 36.17 ? 73  ASP A C   1 
ATOM   590  O  O   . ASP A 1 76  ? 2.045   -11.663 -2.268  1.00 38.22 ? 73  ASP A O   1 
ATOM   591  C  CB  . ASP A 1 76  ? 1.893   -9.672  -4.882  1.00 38.25 ? 73  ASP A CB  1 
ATOM   592  C  CG  . ASP A 1 76  ? 1.497   -11.002 -5.517  1.00 39.50 ? 73  ASP A CG  1 
ATOM   593  O  OD1 . ASP A 1 76  ? 0.304   -11.341 -5.600  1.00 47.66 ? 73  ASP A OD1 1 
ATOM   594  O  OD2 . ASP A 1 76  ? 2.395   -11.710 -5.985  1.00 52.34 ? 73  ASP A OD2 1 
ATOM   595  N  N   . ALA A 1 77  ? 3.598   -9.982  -2.122  1.00 34.86 ? 74  ALA A N   1 
ATOM   596  C  CA  . ALA A 1 77  ? 4.502   -10.762 -1.248  1.00 40.76 ? 74  ALA A CA  1 
ATOM   597  C  C   . ALA A 1 77  ? 3.845   -11.052 0.116   1.00 46.02 ? 74  ALA A C   1 
ATOM   598  O  O   . ALA A 1 77  ? 3.843   -12.206 0.535   1.00 46.63 ? 74  ALA A O   1 
ATOM   599  C  CB  . ALA A 1 77  ? 5.835   -10.083 -1.061  1.00 40.23 ? 74  ALA A CB  1 
ATOM   600  N  N   . ALA A 1 78  ? 3.285   -10.030 0.790   1.00 41.38 ? 75  ALA A N   1 
ATOM   601  C  CA  . ALA A 1 78  ? 2.450   -10.233 1.997   1.00 38.87 ? 75  ALA A CA  1 
ATOM   602  C  C   . ALA A 1 78  ? 1.355   -11.300 1.848   1.00 38.49 ? 75  ALA A C   1 
ATOM   603  O  O   . ALA A 1 78  ? 1.131   -12.139 2.795   1.00 41.66 ? 75  ALA A O   1 
ATOM   604  C  CB  . ALA A 1 78  ? 1.811   -8.926  2.416   1.00 37.27 ? 75  ALA A CB  1 
ATOM   605  N  N   . VAL A 1 79  ? 0.650   -11.288 0.718   1.00 33.57 ? 76  VAL A N   1 
ATOM   606  C  CA  . VAL A 1 79  ? -0.426  -12.240 0.460   1.00 36.42 ? 76  VAL A CA  1 
ATOM   607  C  C   . VAL A 1 79  ? 0.220   -13.627 0.384   1.00 47.76 ? 76  VAL A C   1 
ATOM   608  O  O   . VAL A 1 79  ? -0.212  -14.566 1.067   1.00 43.64 ? 76  VAL A O   1 
ATOM   609  C  CB  . VAL A 1 79  ? -1.249  -11.889 -0.782  1.00 39.09 ? 76  VAL A CB  1 
ATOM   610  C  CG1 . VAL A 1 79  ? -2.247  -12.984 -1.175  1.00 36.45 ? 76  VAL A CG1 1 
ATOM   611  C  CG2 . VAL A 1 79  ? -2.021  -10.582 -0.540  1.00 33.52 ? 76  VAL A CG2 1 
ATOM   612  N  N   . THR A 1 80  ? 1.302   -13.714 -0.386  1.00 41.43 ? 77  THR A N   1 
ATOM   613  C  CA  . THR A 1 80  ? 2.031   -14.975 -0.540  1.00 49.92 ? 77  THR A CA  1 
ATOM   614  C  C   . THR A 1 80  ? 2.407   -15.569 0.818   1.00 50.73 ? 77  THR A C   1 
ATOM   615  O  O   . THR A 1 80  ? 2.119   -16.740 1.061   1.00 55.20 ? 77  THR A O   1 
ATOM   616  C  CB  . THR A 1 80  ? 3.233   -14.815 -1.497  1.00 51.79 ? 77  THR A CB  1 
ATOM   617  O  OG1 . THR A 1 80  ? 2.721   -14.623 -2.815  1.00 48.97 ? 77  THR A OG1 1 
ATOM   618  C  CG2 . THR A 1 80  ? 4.125   -16.092 -1.506  1.00 58.30 ? 77  THR A CG2 1 
ATOM   619  N  N   . ASN A 1 81  ? 2.947   -14.743 1.709   1.00 49.21 ? 78  ASN A N   1 
ATOM   620  C  CA  . ASN A 1 81  ? 3.481   -15.155 3.008   1.00 50.27 ? 78  ASN A CA  1 
ATOM   621  C  C   . ASN A 1 81  ? 2.504   -14.896 4.151   1.00 43.81 ? 78  ASN A C   1 
ATOM   622  O  O   . ASN A 1 81  ? 2.924   -14.661 5.290   1.00 43.01 ? 78  ASN A O   1 
ATOM   623  C  CB  . ASN A 1 81  ? 4.752   -14.372 3.305   1.00 50.20 ? 78  ASN A CB  1 
ATOM   624  C  CG  . ASN A 1 81  ? 5.888   -14.769 2.400   1.00 58.36 ? 78  ASN A CG  1 
ATOM   625  O  OD1 . ASN A 1 81  ? 6.835   -15.450 2.840   1.00 58.61 ? 78  ASN A OD1 1 
ATOM   626  N  ND2 . ASN A 1 81  ? 5.792   -14.389 1.119   1.00 54.51 ? 78  ASN A ND2 1 
ATOM   627  N  N   . VAL A 1 82  ? 1.224   -14.894 3.836   1.00 41.74 ? 79  VAL A N   1 
ATOM   628  C  CA  . VAL A 1 82  ? 0.198   -14.513 4.782   1.00 45.05 ? 79  VAL A CA  1 
ATOM   629  C  C   . VAL A 1 82  ? 0.269   -15.476 5.976   1.00 47.44 ? 79  VAL A C   1 
ATOM   630  O  O   . VAL A 1 82  ? 0.196   -15.038 7.106   1.00 46.31 ? 79  VAL A O   1 
ATOM   631  C  CB  . VAL A 1 82  ? -1.236  -14.477 4.127   1.00 47.03 ? 79  VAL A CB  1 
ATOM   632  C  CG1 . VAL A 1 82  ? -1.734  -15.859 3.700   1.00 46.89 ? 79  VAL A CG1 1 
ATOM   633  C  CG2 . VAL A 1 82  ? -2.218  -13.786 5.054   1.00 46.98 ? 79  VAL A CG2 1 
ATOM   634  N  N   . GLU A 1 83  ? 0.477   -16.761 5.693   1.00 54.24 ? 80  GLU A N   1 
ATOM   635  C  CA  . GLU A 1 83  ? 0.608   -17.762 6.772   1.00 62.93 ? 80  GLU A CA  1 
ATOM   636  C  C   . GLU A 1 83  ? 1.896   -17.542 7.603   1.00 64.36 ? 80  GLU A C   1 
ATOM   637  O  O   . GLU A 1 83  ? 1.895   -17.838 8.788   1.00 62.75 ? 80  GLU A O   1 
ATOM   638  C  CB  . GLU A 1 83  ? 0.551   -19.197 6.235   1.00 62.36 ? 80  GLU A CB  1 
ATOM   639  C  CG  . GLU A 1 83  ? -0.635  -19.527 5.331   1.00 67.74 ? 80  GLU A CG  1 
ATOM   640  C  CD  . GLU A 1 83  ? -1.895  -19.916 6.072   1.00 76.47 ? 80  GLU A CD  1 
ATOM   641  O  OE1 . GLU A 1 83  ? -2.043  -19.554 7.265   1.00 77.79 ? 80  GLU A OE1 1 
ATOM   642  O  OE2 . GLU A 1 83  ? -2.757  -20.572 5.433   1.00 79.67 ? 80  GLU A OE2 1 
ATOM   643  N  N   . ASP A 1 84  ? 2.979   -17.042 6.988   1.00 62.31 ? 81  ASP A N   1 
ATOM   644  C  CA  . ASP A 1 84  ? 4.240   -16.774 7.706   1.00 64.52 ? 81  ASP A CA  1 
ATOM   645  C  C   . ASP A 1 84  ? 4.922   -15.445 7.350   1.00 62.20 ? 81  ASP A C   1 
ATOM   646  O  O   . ASP A 1 84  ? 5.866   -15.393 6.553   1.00 55.97 ? 81  ASP A O   1 
ATOM   647  C  CB  . ASP A 1 84  ? 5.237   -17.927 7.508   1.00 73.16 ? 81  ASP A CB  1 
ATOM   648  C  CG  . ASP A 1 84  ? 6.568   -17.684 8.239   1.00 78.20 ? 81  ASP A CG  1 
ATOM   649  O  OD1 . ASP A 1 84  ? 6.539   -17.120 9.361   1.00 77.38 ? 81  ASP A OD1 1 
ATOM   650  O  OD2 . ASP A 1 84  ? 7.634   -18.028 7.680   1.00 75.87 ? 81  ASP A OD2 1 
ATOM   651  N  N   . LEU A 1 85  ? 4.485   -14.385 8.018   1.00 65.76 ? 82  LEU A N   1 
ATOM   652  C  CA  . LEU A 1 85  ? 4.967   -13.034 7.710   1.00 66.92 ? 82  LEU A CA  1 
ATOM   653  C  C   . LEU A 1 85  ? 6.362   -12.748 8.223   1.00 71.52 ? 82  LEU A C   1 
ATOM   654  O  O   . LEU A 1 85  ? 6.997   -11.791 7.772   1.00 69.05 ? 82  LEU A O   1 
ATOM   655  C  CB  . LEU A 1 85  ? 4.012   -11.961 8.262   1.00 71.61 ? 82  LEU A CB  1 
ATOM   656  C  CG  . LEU A 1 85  ? 2.804   -11.557 7.398   1.00 72.95 ? 82  LEU A CG  1 
ATOM   657  C  CD1 . LEU A 1 85  ? 3.137   -11.322 5.916   1.00 68.45 ? 82  LEU A CD1 1 
ATOM   658  C  CD2 . LEU A 1 85  ? 1.718   -12.607 7.551   1.00 69.32 ? 82  LEU A CD2 1 
ATOM   659  N  N   . SER A 1 86  ? 6.837   -13.563 9.170   1.00 67.70 ? 83  SER A N   1 
ATOM   660  C  CA  . SER A 1 86  ? 8.165   -13.369 9.783   1.00 63.21 ? 83  SER A CA  1 
ATOM   661  C  C   . SER A 1 86  ? 9.322   -13.306 8.771   1.00 45.65 ? 83  SER A C   1 
ATOM   662  O  O   . SER A 1 86  ? 10.335  -12.595 9.007   1.00 54.18 ? 83  SER A O   1 
ATOM   663  C  CB  . SER A 1 86  ? 8.442   -14.442 10.884  1.00 61.22 ? 83  SER A CB  1 
ATOM   664  O  OG  . SER A 1 86  ? 8.310   -15.772 10.369  1.00 62.27 ? 83  SER A OG  1 
ATOM   665  N  N   . SER A 1 87  ? 9.203   -14.051 7.677   1.00 48.87 ? 84  SER A N   1 
ATOM   666  C  CA  . SER A 1 87  ? 10.207  -14.008 6.595   1.00 52.64 ? 84  SER A CA  1 
ATOM   667  C  C   . SER A 1 87  ? 10.412  -12.587 5.924   1.00 65.33 ? 84  SER A C   1 
ATOM   668  O  O   . SER A 1 87  ? 11.515  -12.249 5.453   1.00 56.96 ? 84  SER A O   1 
ATOM   669  C  CB  . SER A 1 87  ? 9.846   -15.068 5.539   1.00 61.06 ? 84  SER A CB  1 
ATOM   670  O  OG  . SER A 1 87  ? 8.442   -15.177 5.373   1.00 62.28 ? 84  SER A OG  1 
ATOM   671  N  N   . LEU A 1 88  ? 9.368   -11.741 5.918   1.00 57.24 ? 85  LEU A N   1 
ATOM   672  C  CA  . LEU A 1 88  ? 9.470   -10.397 5.308   1.00 49.49 ? 85  LEU A CA  1 
ATOM   673  C  C   . LEU A 1 88  ? 9.871   -9.285  6.279   1.00 51.53 ? 85  LEU A C   1 
ATOM   674  O  O   . LEU A 1 88  ? 10.111  -8.162  5.846   1.00 43.05 ? 85  LEU A O   1 
ATOM   675  C  CB  . LEU A 1 88  ? 8.130   -10.013 4.726   1.00 49.37 ? 85  LEU A CB  1 
ATOM   676  C  CG  . LEU A 1 88  ? 7.404   -10.858 3.680   1.00 49.61 ? 85  LEU A CG  1 
ATOM   677  C  CD1 . LEU A 1 88  ? 6.113   -10.101 3.315   1.00 48.86 ? 85  LEU A CD1 1 
ATOM   678  C  CD2 . LEU A 1 88  ? 8.250   -11.128 2.453   1.00 49.99 ? 85  LEU A CD2 1 
ATOM   679  N  N   . GLU A 1 89  ? 9.914   -9.582  7.577   1.00 48.03 ? 86  GLU A N   1 
ATOM   680  C  CA  . GLU A 1 89  ? 10.231  -8.589  8.623   1.00 55.09 ? 86  GLU A CA  1 
ATOM   681  C  C   . GLU A 1 89  ? 11.396  -7.694  8.328   1.00 43.98 ? 86  GLU A C   1 
ATOM   682  O  O   . GLU A 1 89  ? 11.375  -6.469  8.549   1.00 42.72 ? 86  GLU A O   1 
ATOM   683  C  CB  . GLU A 1 89  ? 10.516  -9.277  9.975   1.00 61.96 ? 86  GLU A CB  1 
ATOM   684  C  CG  . GLU A 1 89  ? 9.467   -9.042  11.046  1.00 77.32 ? 86  GLU A CG  1 
ATOM   685  C  CD  . GLU A 1 89  ? 8.206   -9.909  10.919  1.00 90.00 ? 86  GLU A CD  1 
ATOM   686  O  OE1 . GLU A 1 89  ? 8.091   -10.904 11.693  1.00 80.48 ? 86  GLU A OE1 1 
ATOM   687  O  OE2 . GLU A 1 89  ? 7.323   -9.598  10.068  1.00 90.00 ? 86  GLU A OE2 1 
ATOM   688  N  N   . GLU A 1 90  ? 12.489  -8.345  7.906   1.00 41.15 ? 87  GLU A N   1 
ATOM   689  C  CA  A GLU A 1 90  ? 13.763  -7.696  7.694   0.53 38.73 ? 87  GLU A CA  1 
ATOM   690  C  CA  B GLU A 1 90  ? 13.747  -7.641  7.775   0.47 38.29 ? 87  GLU A CA  1 
ATOM   691  C  C   . GLU A 1 90  ? 13.723  -6.675  6.544   1.00 33.47 ? 87  GLU A C   1 
ATOM   692  O  O   . GLU A 1 90  ? 14.150  -5.504  6.644   1.00 37.75 ? 87  GLU A O   1 
ATOM   693  C  CB  A GLU A 1 90  ? 14.777  -8.791  7.302   0.53 39.82 ? 87  GLU A CB  1 
ATOM   694  C  CB  B GLU A 1 90  ? 14.896  -8.663  7.699   0.47 40.75 ? 87  GLU A CB  1 
ATOM   695  C  CG  A GLU A 1 90  ? 15.059  -9.790  8.399   0.53 41.26 ? 87  GLU A CG  1 
ATOM   696  C  CG  B GLU A 1 90  ? 14.984  -9.590  8.921   0.47 40.81 ? 87  GLU A CG  1 
ATOM   697  C  CD  A GLU A 1 90  ? 15.691  -9.129  9.593   0.53 38.86 ? 87  GLU A CD  1 
ATOM   698  C  CD  B GLU A 1 90  ? 14.101  -10.847 8.851   0.47 43.39 ? 87  GLU A CD  1 
ATOM   699  O  OE1 A GLU A 1 90  ? 16.217  -7.999  9.493   0.53 41.18 ? 87  GLU A OE1 1 
ATOM   700  O  OE1 B GLU A 1 90  ? 13.334  -11.059 7.875   0.47 36.35 ? 87  GLU A OE1 1 
ATOM   701  O  OE2 A GLU A 1 90  ? 15.638  -9.763  10.656  0.53 47.85 ? 87  GLU A OE2 1 
ATOM   702  O  OE2 B GLU A 1 90  ? 14.163  -11.656 9.818   0.47 51.59 ? 87  GLU A OE2 1 
ATOM   703  N  N   . TYR A 1 91  ? 13.216  -7.162  5.467   1.00 32.49 ? 88  TYR A N   1 
ATOM   704  C  CA  . TYR A 1 91  ? 12.998  -6.334  4.253   1.00 35.81 ? 88  TYR A CA  1 
ATOM   705  C  C   . TYR A 1 91  ? 12.079  -5.148  4.645   1.00 39.20 ? 88  TYR A C   1 
ATOM   706  O  O   . TYR A 1 91  ? 12.382  -4.000  4.319   1.00 41.16 ? 88  TYR A O   1 
ATOM   707  C  CB  . TYR A 1 91  ? 12.327  -7.181  3.214   1.00 33.28 ? 88  TYR A CB  1 
ATOM   708  C  CG  . TYR A 1 91  ? 11.809  -6.372  2.040   1.00 37.58 ? 88  TYR A CG  1 
ATOM   709  C  CD1 . TYR A 1 91  ? 12.691  -5.834  1.108   1.00 42.57 ? 88  TYR A CD1 1 
ATOM   710  C  CD2 . TYR A 1 91  ? 10.446  -6.092  1.901   1.00 35.02 ? 88  TYR A CD2 1 
ATOM   711  C  CE1 . TYR A 1 91  ? 12.216  -5.041  0.070   1.00 42.55 ? 88  TYR A CE1 1 
ATOM   712  C  CE2 . TYR A 1 91  ? 9.978   -5.310  0.865   1.00 39.47 ? 88  TYR A CE2 1 
ATOM   713  C  CZ  . TYR A 1 91  ? 10.858  -4.774  -0.038  1.00 39.36 ? 88  TYR A CZ  1 
ATOM   714  O  OH  . TYR A 1 91  ? 10.429  -3.988  -1.122  1.00 34.70 ? 88  TYR A OH  1 
ATOM   715  N  N   . LEU A 1 92  ? 11.037  -5.411  5.428   1.00 38.06 ? 89  LEU A N   1 
ATOM   716  C  CA  . LEU A 1 92  ? 10.059  -4.372  5.677   1.00 33.43 ? 89  LEU A CA  1 
ATOM   717  C  C   . LEU A 1 92  ? 10.617  -3.353  6.570   1.00 40.04 ? 89  LEU A C   1 
ATOM   718  O  O   . LEU A 1 92  ? 10.309  -2.190  6.414   1.00 38.96 ? 89  LEU A O   1 
ATOM   719  C  CB  . LEU A 1 92  ? 8.772   -4.986  6.280   1.00 35.75 ? 89  LEU A CB  1 
ATOM   720  C  CG  . LEU A 1 92  ? 7.955   -5.793  5.332   1.00 37.03 ? 89  LEU A CG  1 
ATOM   721  C  CD1 . LEU A 1 92  ? 6.821   -6.394  6.144   1.00 40.02 ? 89  LEU A CD1 1 
ATOM   722  C  CD2 . LEU A 1 92  ? 7.302   -5.009  4.176   1.00 36.02 ? 89  LEU A CD2 1 
ATOM   723  N  N   . THR A 1 93  ? 11.458  -3.754  7.546   1.00 34.18 ? 90  THR A N   1 
ATOM   724  C  CA  . THR A 1 93  ? 12.078  -2.765  8.436   1.00 35.54 ? 90  THR A CA  1 
ATOM   725  C  C   . THR A 1 93  ? 12.909  -1.749  7.639   1.00 37.80 ? 90  THR A C   1 
ATOM   726  O  O   . THR A 1 93  ? 12.933  -0.497  7.867   1.00 42.06 ? 90  THR A O   1 
ATOM   727  C  CB  . THR A 1 93  ? 12.951  -3.490  9.520   1.00 40.99 ? 90  THR A CB  1 
ATOM   728  O  OG1 . THR A 1 93  ? 12.053  -4.291  10.308  1.00 44.21 ? 90  THR A OG1 1 
ATOM   729  C  CG2 . THR A 1 93  ? 13.642  -2.482  10.413  1.00 43.22 ? 90  THR A CG2 1 
ATOM   730  N  N   . SER A 1 94  ? 13.563  -2.299  6.664   1.00 33.28 ? 91  SER A N   1 
ATOM   731  C  CA  . SER A 1 94  ? 14.409  -1.542  5.726   1.00 41.87 ? 91  SER A CA  1 
ATOM   732  C  C   . SER A 1 94  ? 13.542  -0.551  4.931   1.00 43.06 ? 91  SER A C   1 
ATOM   733  O  O   . SER A 1 94  ? 13.860  0.649   4.872   1.00 47.75 ? 91  SER A O   1 
ATOM   734  C  CB  . SER A 1 94  ? 15.079  -2.484  4.708   1.00 50.34 ? 91  SER A CB  1 
ATOM   735  O  OG  . SER A 1 94  ? 15.607  -3.653  5.298   1.00 64.80 ? 91  SER A OG  1 
ATOM   736  N  N   . LEU A 1 95  ? 12.452  -1.086  4.397   1.00 45.83 ? 92  LEU A N   1 
ATOM   737  C  CA  . LEU A 1 95  ? 11.490  -0.305  3.588   1.00 35.12 ? 92  LEU A CA  1 
ATOM   738  C  C   . LEU A 1 95  ? 10.979  0.845   4.402   1.00 41.41 ? 92  LEU A C   1 
ATOM   739  O  O   . LEU A 1 95  ? 10.816  1.931   3.866   1.00 43.16 ? 92  LEU A O   1 
ATOM   740  C  CB  . LEU A 1 95  ? 10.408  -1.210  3.041   1.00 41.15 ? 92  LEU A CB  1 
ATOM   741  C  CG  . LEU A 1 95  ? 9.481   -0.641  1.934   1.00 34.82 ? 92  LEU A CG  1 
ATOM   742  C  CD1 . LEU A 1 95  ? 10.354  -0.329  0.697   1.00 35.14 ? 92  LEU A CD1 1 
ATOM   743  C  CD2 . LEU A 1 95  ? 8.401   -1.626  1.591   1.00 35.31 ? 92  LEU A CD2 1 
ATOM   744  N  N   . GLY A 1 96  ? 10.754  0.643   5.694   1.00 32.86 ? 93  GLY A N   1 
ATOM   745  C  CA  . GLY A 1 96  ? 10.364  1.768   6.564   1.00 39.74 ? 93  GLY A CA  1 
ATOM   746  C  C   . GLY A 1 96  ? 11.385  2.858   6.776   1.00 44.91 ? 93  GLY A C   1 
ATOM   747  O  O   . GLY A 1 96  ? 11.077  4.047   6.763   1.00 41.17 ? 93  GLY A O   1 
ATOM   748  N  N   . ARG A 1 97  ? 12.619  2.457   7.036   1.00 46.65 ? 94  ARG A N   1 
ATOM   749  C  CA  . ARG A 1 97  ? 13.690  3.430   7.182   1.00 52.41 ? 94  ARG A CA  1 
ATOM   750  C  C   . ARG A 1 97  ? 13.865  4.310   5.912   1.00 43.84 ? 94  ARG A C   1 
ATOM   751  O  O   . ARG A 1 97  ? 13.970  5.540   6.037   1.00 48.25 ? 94  ARG A O   1 
ATOM   752  C  CB  . ARG A 1 97  ? 15.003  2.710   7.564   1.00 55.72 ? 94  ARG A CB  1 
ATOM   753  C  CG  . ARG A 1 97  ? 16.049  3.616   8.250   1.00 65.80 ? 94  ARG A CG  1 
ATOM   754  C  CD  . ARG A 1 97  ? 17.154  2.827   8.954   1.00 67.39 ? 94  ARG A CD  1 
ATOM   755  N  NE  . ARG A 1 97  ? 17.224  1.422   8.500   1.00 70.73 ? 94  ARG A NE  1 
ATOM   756  C  CZ  . ARG A 1 97  ? 16.881  0.336   9.210   1.00 78.43 ? 94  ARG A CZ  1 
ATOM   757  N  NH1 . ARG A 1 97  ? 16.431  0.410   10.473  1.00 80.51 ? 94  ARG A NH1 1 
ATOM   758  N  NH2 . ARG A 1 97  ? 17.002  -0.865  8.647   1.00 78.84 ? 94  ARG A NH2 1 
ATOM   759  N  N   . LYS A 1 98  ? 13.962  3.671   4.740   1.00 40.50 ? 95  LYS A N   1 
ATOM   760  C  CA  . LYS A 1 98  ? 13.838  4.334   3.397   1.00 46.52 ? 95  LYS A CA  1 
ATOM   761  C  C   . LYS A 1 98  ? 12.725  5.389   3.327   1.00 37.80 ? 95  LYS A C   1 
ATOM   762  O  O   . LYS A 1 98  ? 12.921  6.498   2.847   1.00 41.93 ? 95  LYS A O   1 
ATOM   763  C  CB  . LYS A 1 98  ? 13.473  3.314   2.315   1.00 48.02 ? 95  LYS A CB  1 
ATOM   764  C  CG  . LYS A 1 98  ? 14.580  2.485   1.727   1.00 59.82 ? 95  LYS A CG  1 
ATOM   765  C  CD  . LYS A 1 98  ? 14.509  2.528   0.209   1.00 64.22 ? 95  LYS A CD  1 
ATOM   766  C  CE  . LYS A 1 98  ? 15.009  3.894   -0.290  1.00 67.64 ? 95  LYS A CE  1 
ATOM   767  N  NZ  . LYS A 1 98  ? 14.629  4.196   -1.695  1.00 71.26 ? 95  LYS A NZ  1 
ATOM   768  N  N   . HIS A 1 99  ? 11.522  4.996   3.687   1.00 38.07 ? 96  HIS A N   1 
ATOM   769  C  CA  . HIS A 1 99  ? 10.386  5.918   3.685   1.00 39.44 ? 96  HIS A CA  1 
ATOM   770  C  C   . HIS A 1 99  ? 10.512  7.010   4.768   1.00 44.57 ? 96  HIS A C   1 
ATOM   771  O  O   . HIS A 1 99  ? 10.120  8.182   4.562   1.00 44.97 ? 96  HIS A O   1 
ATOM   772  C  CB  . HIS A 1 99  ? 9.089   5.130   3.756   1.00 35.89 ? 96  HIS A CB  1 
ATOM   773  C  CG  . HIS A 1 99  ? 8.769   4.431   2.493   1.00 33.78 ? 96  HIS A CG  1 
ATOM   774  N  ND1 . HIS A 1 99  ? 9.133   3.132   2.219   1.00 33.86 ? 96  HIS A ND1 1 
ATOM   775  C  CD2 . HIS A 1 99  ? 8.136   4.882   1.387   1.00 33.12 ? 96  HIS A CD2 1 
ATOM   776  C  CE1 . HIS A 1 99  ? 8.699   2.797   1.015   1.00 37.55 ? 96  HIS A CE1 1 
ATOM   777  N  NE2 . HIS A 1 99  ? 8.115   3.860   0.485   1.00 29.71 ? 96  HIS A NE2 1 
ATOM   778  N  N   . ARG A 1 100 ? 11.101  6.659   5.924   1.00 42.68 ? 97  ARG A N   1 
ATOM   779  C  CA  . ARG A 1 100 ? 11.478  7.717   6.903   1.00 52.81 ? 97  ARG A CA  1 
ATOM   780  C  C   . ARG A 1 100 ? 12.362  8.786   6.223   1.00 44.21 ? 97  ARG A C   1 
ATOM   781  O  O   . ARG A 1 100 ? 12.061  9.988   6.324   1.00 46.66 ? 97  ARG A O   1 
ATOM   782  C  CB  . ARG A 1 100 ? 12.159  7.107   8.145   1.00 61.79 ? 97  ARG A CB  1 
ATOM   783  C  CG  . ARG A 1 100 ? 12.722  8.106   9.153   1.00 79.73 ? 97  ARG A CG  1 
ATOM   784  C  CD  . ARG A 1 100 ? 14.262  8.110   9.205   1.00 89.70 ? 97  ARG A CD  1 
ATOM   785  N  NE  . ARG A 1 100 ? 14.794  7.035   10.053  1.00 90.00 ? 97  ARG A NE  1 
ATOM   786  C  CZ  . ARG A 1 100 ? 14.710  6.990   11.389  1.00 90.00 ? 97  ARG A CZ  1 
ATOM   787  N  NH1 . ARG A 1 100 ? 14.100  7.958   12.087  1.00 90.00 ? 97  ARG A NH1 1 
ATOM   788  N  NH2 . ARG A 1 100 ? 15.231  5.953   12.039  1.00 90.00 ? 97  ARG A NH2 1 
ATOM   789  N  N   . ALA A 1 101 ? 13.351  8.314   5.473   1.00 42.95 ? 98  ALA A N   1 
ATOM   790  C  CA  . ALA A 1 101 ? 14.336  9.123   4.795   1.00 46.99 ? 98  ALA A CA  1 
ATOM   791  C  C   . ALA A 1 101 ? 13.729  9.958   3.654   1.00 55.88 ? 98  ALA A C   1 
ATOM   792  O  O   . ALA A 1 101 ? 14.113  11.112  3.488   1.00 61.76 ? 98  ALA A O   1 
ATOM   793  C  CB  . ALA A 1 101 ? 15.477  8.245   4.250   1.00 47.55 ? 98  ALA A CB  1 
ATOM   794  N  N   . VAL A 1 102 ? 12.791  9.392   2.881   1.00 47.33 ? 99  VAL A N   1 
ATOM   795  C  CA  . VAL A 1 102 ? 12.161  10.170  1.805   1.00 52.15 ? 99  VAL A CA  1 
ATOM   796  C  C   . VAL A 1 102 ? 11.179  11.165  2.382   1.00 47.90 ? 99  VAL A C   1 
ATOM   797  O  O   . VAL A 1 102 ? 10.768  12.088  1.705   1.00 44.59 ? 99  VAL A O   1 
ATOM   798  C  CB  . VAL A 1 102 ? 11.491  9.318   0.713   1.00 59.40 ? 99  VAL A CB  1 
ATOM   799  C  CG1 . VAL A 1 102 ? 12.513  8.383   0.079   1.00 58.63 ? 99  VAL A CG1 1 
ATOM   800  C  CG2 . VAL A 1 102 ? 10.230  8.613   1.205   1.00 59.55 ? 99  VAL A CG2 1 
ATOM   801  N  N   . GLY A 1 103 ? 10.813  11.011  3.652   1.00 43.35 ? 100 GLY A N   1 
ATOM   802  C  CA  . GLY A 1 103 ? 9.997   12.023  4.289   1.00 42.26 ? 100 GLY A CA  1 
ATOM   803  C  C   . GLY A 1 103 ? 8.670   11.561  4.792   1.00 37.39 ? 100 GLY A C   1 
ATOM   804  O  O   . GLY A 1 103 ? 7.924   12.395  5.359   1.00 46.46 ? 100 GLY A O   1 
ATOM   805  N  N   . VAL A 1 104 ? 8.331   10.277  4.618   1.00 43.47 ? 101 VAL A N   1 
ATOM   806  C  CA  . VAL A 1 104 ? 7.019   9.783   5.059   1.00 42.76 ? 101 VAL A CA  1 
ATOM   807  C  C   . VAL A 1 104 ? 6.963   9.664   6.567   1.00 46.60 ? 101 VAL A C   1 
ATOM   808  O  O   . VAL A 1 104 ? 7.913   9.166   7.174   1.00 52.14 ? 101 VAL A O   1 
ATOM   809  C  CB  . VAL A 1 104 ? 6.631   8.395   4.443   1.00 46.32 ? 101 VAL A CB  1 
ATOM   810  C  CG1 . VAL A 1 104 ? 5.173   8.035   4.766   1.00 48.21 ? 101 VAL A CG1 1 
ATOM   811  C  CG2 . VAL A 1 104 ? 6.887   8.393   2.957   1.00 38.97 ? 101 VAL A CG2 1 
ATOM   812  N  N   . ARG A 1 105 ? 5.864   10.141  7.156   1.00 44.70 ? 102 ARG A N   1 
ATOM   813  C  CA  . ARG A 1 105 ? 5.646   10.089  8.594   1.00 46.61 ? 102 ARG A CA  1 
ATOM   814  C  C   . ARG A 1 105 ? 4.933   8.800   8.870   1.00 46.97 ? 102 ARG A C   1 
ATOM   815  O  O   . ARG A 1 105 ? 4.164   8.287   8.052   1.00 43.38 ? 102 ARG A O   1 
ATOM   816  C  CB  . ARG A 1 105 ? 4.795   11.253  9.145   1.00 49.16 ? 102 ARG A CB  1 
ATOM   817  C  CG  . ARG A 1 105 ? 5.154   12.639  8.671   1.00 56.92 ? 102 ARG A CG  1 
ATOM   818  C  CD  . ARG A 1 105 ? 6.573   13.058  9.015   1.00 66.45 ? 102 ARG A CD  1 
ATOM   819  N  NE  . ARG A 1 105 ? 6.661   13.615  10.373  0.98 76.07 ? 102 ARG A NE  1 
ATOM   820  C  CZ  . ARG A 1 105 ? 7.343   14.707  10.731  1.00 80.05 ? 102 ARG A CZ  1 
ATOM   821  N  NH1 . ARG A 1 105 ? 7.320   15.083  12.005  1.00 79.93 ? 102 ARG A NH1 1 
ATOM   822  N  NH2 . ARG A 1 105 ? 8.032   15.443  9.845   1.00 82.36 ? 102 ARG A NH2 1 
ATOM   823  N  N   . LEU A 1 106 ? 5.162   8.273   10.051  1.00 49.15 ? 103 LEU A N   1 
ATOM   824  C  CA  . LEU A 1 106 ? 4.604   6.995   10.391  1.00 50.72 ? 103 LEU A CA  1 
ATOM   825  C  C   . LEU A 1 106 ? 3.079   7.058   10.309  1.00 47.43 ? 103 LEU A C   1 
ATOM   826  O  O   . LEU A 1 106 ? 2.426   6.060   9.939   1.00 49.86 ? 103 LEU A O   1 
ATOM   827  C  CB  . LEU A 1 106 ? 5.042   6.582   11.815  1.00 59.59 ? 103 LEU A CB  1 
ATOM   828  C  CG  . LEU A 1 106 ? 5.777   5.243   11.920  1.00 65.97 ? 103 LEU A CG  1 
ATOM   829  C  CD1 . LEU A 1 106 ? 6.070   5.005   13.396  1.00 65.75 ? 103 LEU A CD1 1 
ATOM   830  C  CD2 . LEU A 1 106 ? 5.024   4.047   11.322  1.00 63.27 ? 103 LEU A CD2 1 
ATOM   831  N  N   . SER A 1 107 ? 2.518   8.212   10.686  1.00 43.14 ? 104 SER A N   1 
ATOM   832  C  CA  . SER A 1 107 ? 1.063   8.409   10.703  1.00 45.54 ? 104 SER A CA  1 
ATOM   833  C  C   . SER A 1 107 ? 0.484   8.256   9.323   1.00 39.92 ? 104 SER A C   1 
ATOM   834  O  O   . SER A 1 107 ? -0.642  7.849   9.172   1.00 41.28 ? 104 SER A O   1 
ATOM   835  C  CB  . SER A 1 107 ? 0.664   9.806   11.249  1.00 52.23 ? 104 SER A CB  1 
ATOM   836  O  OG  . SER A 1 107 ? 1.069   10.876  10.389  1.00 55.25 ? 104 SER A OG  1 
ATOM   837  N  N   . SER A 1 108 ? 1.236   8.615   8.299   1.00 34.55 ? 105 SER A N   1 
ATOM   838  C  CA  . SER A 1 108 ? 0.692   8.418   6.913   1.00 35.35 ? 105 SER A CA  1 
ATOM   839  C  C   . SER A 1 108 ? 0.390   6.995   6.512   1.00 34.14 ? 105 SER A C   1 
ATOM   840  O  O   . SER A 1 108 ? -0.422  6.709   5.627   1.00 32.50 ? 105 SER A O   1 
ATOM   841  C  CB  . SER A 1 108 ? 1.649   9.026   5.921   1.00 39.29 ? 105 SER A CB  1 
ATOM   842  O  OG  . SER A 1 108 ? 1.724   10.382  6.244   1.00 37.73 ? 105 SER A OG  1 
ATOM   843  N  N   . PHE A 1 109 ? 1.032   6.030   7.154   1.00 35.38 ? 106 PHE A N   1 
ATOM   844  C  CA  . PHE A 1 109 ? 0.700   4.642   6.861   1.00 36.18 ? 106 PHE A CA  1 
ATOM   845  C  C   . PHE A 1 109 ? -0.748  4.195   7.221   1.00 31.27 ? 106 PHE A C   1 
ATOM   846  O  O   . PHE A 1 109 ? -1.261  3.239   6.646   1.00 36.20 ? 106 PHE A O   1 
ATOM   847  C  CB  . PHE A 1 109 ? 1.890   3.696   7.347   1.00 40.40 ? 106 PHE A CB  1 
ATOM   848  C  CG  A PHE A 1 109 ? 3.050   3.746   6.360   0.80 38.15 ? 106 PHE A CG  1 
ATOM   849  C  CG  B PHE A 1 109 ? 3.228   3.879   6.651   0.20 41.22 ? 106 PHE A CG  1 
ATOM   850  C  CD1 A PHE A 1 109 ? 3.011   2.959   5.175   0.80 36.45 ? 106 PHE A CD1 1 
ATOM   851  C  CD1 B PHE A 1 109 ? 3.367   4.444   5.381   0.20 43.48 ? 106 PHE A CD1 1 
ATOM   852  C  CD2 A PHE A 1 109 ? 4.090   4.683   6.494   0.80 43.35 ? 106 PHE A CD2 1 
ATOM   853  C  CD2 B PHE A 1 109 ? 4.383   3.423   7.296   0.20 43.84 ? 106 PHE A CD2 1 
ATOM   854  C  CE1 A PHE A 1 109 ? 4.029   3.047   4.207   0.80 43.10 ? 106 PHE A CE1 1 
ATOM   855  C  CE1 B PHE A 1 109 ? 4.622   4.571   4.798   0.20 43.77 ? 106 PHE A CE1 1 
ATOM   856  C  CE2 A PHE A 1 109 ? 5.111   4.776   5.517   0.80 45.06 ? 106 PHE A CE2 1 
ATOM   857  C  CE2 B PHE A 1 109 ? 5.627   3.544   6.713   0.20 43.79 ? 106 PHE A CE2 1 
ATOM   858  C  CZ  A PHE A 1 109 ? 5.079   3.969   4.376   0.80 42.32 ? 106 PHE A CZ  1 
ATOM   859  C  CZ  B PHE A 1 109 ? 5.749   4.120   5.463   0.20 45.10 ? 106 PHE A CZ  1 
ATOM   860  N  N   . SER A 1 110 ? -1.401  4.920   8.121   1.00 32.27 ? 107 SER A N   1 
ATOM   861  C  CA  . SER A 1 110 ? -2.771  4.686   8.459   1.00 31.69 ? 107 SER A CA  1 
ATOM   862  C  C   . SER A 1 110 ? -3.669  5.121   7.280   1.00 26.39 ? 107 SER A C   1 
ATOM   863  O  O   . SER A 1 110 ? -4.560  4.373   6.945   1.00 28.62 ? 107 SER A O   1 
ATOM   864  C  CB  . SER A 1 110 ? -3.161  5.384   9.748   1.00 38.73 ? 107 SER A CB  1 
ATOM   865  O  OG  . SER A 1 110 ? -3.146  6.775   9.589   1.00 48.74 ? 107 SER A OG  1 
ATOM   866  N  N   . THR A 1 111 ? -3.337  6.263   6.652   1.00 27.09 ? 108 THR A N   1 
ATOM   867  C  CA  . THR A 1 111 ? -4.007  6.708   5.415   1.00 24.79 ? 108 THR A CA  1 
ATOM   868  C  C   . THR A 1 111 ? -3.834  5.746   4.301   1.00 22.16 ? 108 THR A C   1 
ATOM   869  O  O   . THR A 1 111 ? -4.749  5.447   3.575   1.00 21.85 ? 108 THR A O   1 
ATOM   870  C  CB  . THR A 1 111 ? -3.519  8.067   4.908   1.00 30.89 ? 108 THR A CB  1 
ATOM   871  O  OG1 . THR A 1 111 ? -3.418  8.899   6.056   1.00 39.68 ? 108 THR A OG1 1 
ATOM   872  C  CG2 . THR A 1 111 ? -4.609  8.686   4.058   1.00 31.04 ? 108 THR A CG2 1 
ATOM   873  N  N   . VAL A 1 112 ? -2.596  5.204   4.178   1.00 24.04 ? 109 VAL A N   1 
ATOM   874  C  CA  . VAL A 1 112 ? -2.366  4.191   3.213   1.00 21.48 ? 109 VAL A CA  1 
ATOM   875  C  C   . VAL A 1 112 ? -3.214  2.979   3.373   1.00 20.75 ? 109 VAL A C   1 
ATOM   876  O  O   . VAL A 1 112 ? -3.787  2.464   2.461   1.00 22.34 ? 109 VAL A O   1 
ATOM   877  C  CB  . VAL A 1 112 ? -0.856  3.829   3.203   1.00 25.22 ? 109 VAL A CB  1 
ATOM   878  C  CG1 . VAL A 1 112 ? -0.610  2.550   2.469   1.00 26.51 ? 109 VAL A CG1 1 
ATOM   879  C  CG2 . VAL A 1 112 ? -0.014  5.009   2.708   1.00 26.12 ? 109 VAL A CG2 1 
ATOM   880  N  N   . GLY A 1 113 ? -3.362  2.568   4.631   1.00 24.81 ? 110 GLY A N   1 
ATOM   881  C  CA  . GLY A 1 113 ? -4.187  1.427   4.881   1.00 23.72 ? 110 GLY A CA  1 
ATOM   882  C  C   . GLY A 1 113 ? -5.672  1.604   4.585   1.00 20.62 ? 110 GLY A C   1 
ATOM   883  O  O   . GLY A 1 113 ? -6.310  0.794   3.948   1.00 22.38 ? 110 GLY A O   1 
ATOM   884  N  N   . GLU A 1 114 ? -6.151  2.796   4.869   1.00 22.63 ? 111 GLU A N   1 
ATOM   885  C  CA  . GLU A 1 114 ? -7.517  3.099   4.494   1.00 24.41 ? 111 GLU A CA  1 
ATOM   886  C  C   . GLU A 1 114 ? -7.708  3.153   2.986   1.00 21.25 ? 111 GLU A C   1 
ATOM   887  O  O   . GLU A 1 114 ? -8.775  2.777   2.489   1.00 22.57 ? 111 GLU A O   1 
ATOM   888  C  CB  . GLU A 1 114 ? -7.973  4.366   5.162   1.00 36.25 ? 111 GLU A CB  1 
ATOM   889  C  CG  . GLU A 1 114 ? -8.035  4.264   6.682   1.00 50.70 ? 111 GLU A CG  1 
ATOM   890  C  CD  . GLU A 1 114 ? -9.178  3.430   7.203   1.00 39.55 ? 111 GLU A CD  1 
ATOM   891  O  OE1 . GLU A 1 114 ? -9.982  2.820   6.488   1.00 42.88 ? 111 GLU A OE1 1 
ATOM   892  O  OE2 . GLU A 1 114 ? -9.266  3.384   8.443   1.00 53.44 ? 111 GLU A OE2 1 
ATOM   893  N  N   . SER A 1 115 ? -6.648  3.585   2.263   1.00 22.35 ? 112 SER A N   1 
ATOM   894  C  CA  . SER A 1 115 ? -6.688  3.642   0.841   1.00 19.98 ? 112 SER A CA  1 
ATOM   895  C  C   . SER A 1 115 ? -6.708  2.253   0.173   1.00 21.70 ? 112 SER A C   1 
ATOM   896  O  O   . SER A 1 115 ? -7.434  1.993   -0.768  1.00 20.30 ? 112 SER A O   1 
ATOM   897  C  CB  . SER A 1 115 ? -5.592  4.508   0.277   1.00 22.35 ? 112 SER A CB  1 
ATOM   898  O  OG  . SER A 1 115 ? -5.555  5.858   0.808   1.00 22.73 ? 112 SER A OG  1 
ATOM   899  N  N   . LEU A 1 116 ? -5.909  1.339   0.763   1.00 21.09 ? 113 LEU A N   1 
ATOM   900  C  CA  . LEU A 1 116 ? -5.940  -0.087  0.403   1.00 23.37 ? 113 LEU A CA  1 
ATOM   901  C  C   . LEU A 1 116 ? -7.371  -0.687  0.620   1.00 21.55 ? 113 LEU A C   1 
ATOM   902  O  O   . LEU A 1 116 ? -7.936  -1.314  -0.280  1.00 21.80 ? 113 LEU A O   1 
ATOM   903  C  CB  . LEU A 1 116 ? -4.833  -0.821  1.214   1.00 24.36 ? 113 LEU A CB  1 
ATOM   904  C  CG  . LEU A 1 116 ? -4.866  -2.318  1.071   1.00 27.39 ? 113 LEU A CG  1 
ATOM   905  C  CD1 . LEU A 1 116 ? -4.756  -2.704  -0.388  1.00 25.61 ? 113 LEU A CD1 1 
ATOM   906  C  CD2 . LEU A 1 116 ? -3.778  -2.918  1.963   1.00 23.84 ? 113 LEU A CD2 1 
ATOM   907  N  N   . LEU A 1 117 ? -7.951  -0.478  1.775   1.00 24.87 ? 114 LEU A N   1 
ATOM   908  C  CA  . LEU A 1 117 ? -9.288  -0.976  2.088   1.00 25.62 ? 114 LEU A CA  1 
ATOM   909  C  C   . LEU A 1 117 ? -10.353 -0.384  1.174   1.00 22.58 ? 114 LEU A C   1 
ATOM   910  O  O   . LEU A 1 117 ? -11.213 -1.053  0.677   1.00 24.29 ? 114 LEU A O   1 
ATOM   911  C  CB  . LEU A 1 117 ? -9.683  -0.694  3.536   1.00 29.47 ? 114 LEU A CB  1 
ATOM   912  C  CG  . LEU A 1 117 ? -8.918  -1.462  4.637   1.00 34.80 ? 114 LEU A CG  1 
ATOM   913  C  CD1 . LEU A 1 117 ? -9.424  -0.992  5.994   1.00 36.54 ? 114 LEU A CD1 1 
ATOM   914  C  CD2 . LEU A 1 117 ? -9.050  -2.964  4.515   1.00 32.59 ? 114 LEU A CD2 1 
ATOM   915  N  N   . TYR A 1 118 ? -10.201 0.908   0.859   1.00 21.41 ? 115 TYR A N   1 
ATOM   916  C  CA  . TYR A 1 118 ? -11.016 1.533   -0.143  1.00 22.62 ? 115 TYR A CA  1 
ATOM   917  C  C   . TYR A 1 118 ? -10.958 0.819   -1.496  1.00 20.32 ? 115 TYR A C   1 
ATOM   918  O  O   . TYR A 1 118 ? -11.980 0.540   -2.100  1.00 24.28 ? 115 TYR A O   1 
ATOM   919  C  CB  . TYR A 1 118 ? -10.631 3.032   -0.296  1.00 21.32 ? 115 TYR A CB  1 
ATOM   920  C  CG  . TYR A 1 118 ? -11.342 3.697   -1.405  1.00 21.21 ? 115 TYR A CG  1 
ATOM   921  C  CD1 . TYR A 1 118 ? -12.624 4.213   -1.281  1.00 24.73 ? 115 TYR A CD1 1 
ATOM   922  C  CD2 . TYR A 1 118 ? -10.656 3.904   -2.610  1.00 22.67 ? 115 TYR A CD2 1 
ATOM   923  C  CE1 . TYR A 1 118 ? -13.257 4.832   -2.364  1.00 24.35 ? 115 TYR A CE1 1 
ATOM   924  C  CE2 . TYR A 1 118 ? -11.328 4.439   -3.697  1.00 22.18 ? 115 TYR A CE2 1 
ATOM   925  C  CZ  . TYR A 1 118 ? -12.567 4.947   -3.534  1.00 22.36 ? 115 TYR A CZ  1 
ATOM   926  O  OH  . TYR A 1 118 ? -13.135 5.452   -4.713  1.00 26.66 ? 115 TYR A OH  1 
ATOM   927  N  N   . MET A 1 119 ? -9.761  0.643   -1.987  1.00 22.57 ? 116 MET A N   1 
ATOM   928  C  CA  . MET A 1 119 ? -9.560  0.035   -3.279  1.00 23.01 ? 116 MET A CA  1 
ATOM   929  C  C   . MET A 1 119 ? -10.131 -1.411  -3.340  1.00 24.47 ? 116 MET A C   1 
ATOM   930  O  O   . MET A 1 119 ? -10.818 -1.764  -4.343  1.00 24.92 ? 116 MET A O   1 
ATOM   931  C  CB  . MET A 1 119 ? -8.142  0.054   -3.623  1.00 23.81 ? 116 MET A CB  1 
ATOM   932  C  CG  . MET A 1 119 ? -7.828  -0.550  -4.950  1.00 26.61 ? 116 MET A CG  1 
ATOM   933  S  SD  . MET A 1 119 ? -7.618  -2.326  -4.911  1.00 31.01 ? 116 MET A SD  1 
ATOM   934  C  CE  . MET A 1 119 ? -5.953  -2.315  -4.339  1.00 33.67 ? 116 MET A CE  1 
ATOM   935  N  N   . LEU A 1 120 ? -9.982  -2.141  -2.222  1.00 25.26 ? 117 LEU A N   1 
ATOM   936  C  CA  . LEU A 1 120 ? -10.540 -3.561  -2.167  1.00 24.38 ? 117 LEU A CA  1 
ATOM   937  C  C   . LEU A 1 120 ? -12.057 -3.570  -2.169  1.00 24.53 ? 117 LEU A C   1 
ATOM   938  O  O   . LEU A 1 120 ? -12.661 -4.221  -3.004  1.00 29.22 ? 117 LEU A O   1 
ATOM   939  C  CB  . LEU A 1 120 ? -9.939  -4.293  -0.999  1.00 26.64 ? 117 LEU A CB  1 
ATOM   940  C  CG  . LEU A 1 120 ? -8.443  -4.607  -1.039  1.00 28.08 ? 117 LEU A CG  1 
ATOM   941  C  CD1 . LEU A 1 120 ? -7.886  -4.926  0.317   1.00 29.53 ? 117 LEU A CD1 1 
ATOM   942  C  CD2 . LEU A 1 120 ? -8.095  -5.677  -2.111  1.00 30.54 ? 117 LEU A CD2 1 
ATOM   943  N  N   . GLU A 1 121 ? -12.633 -2.693  -1.342  1.00 24.14 ? 118 GLU A N   1 
ATOM   944  C  CA  . GLU A 1 121 ? -14.062 -2.433  -1.262  1.00 24.41 ? 118 GLU A CA  1 
ATOM   945  C  C   . GLU A 1 121 ? -14.653 -2.136  -2.584  1.00 27.36 ? 118 GLU A C   1 
ATOM   946  O  O   . GLU A 1 121 ? -15.647 -2.713  -3.032  1.00 27.15 ? 118 GLU A O   1 
ATOM   947  C  CB  . GLU A 1 121 ? -14.407 -1.354  -0.169  1.00 29.31 ? 118 GLU A CB  1 
ATOM   948  C  CG  . GLU A 1 121 ? -15.904 -1.121  -0.006  1.00 37.38 ? 118 GLU A CG  1 
ATOM   949  C  CD  . GLU A 1 121 ? -16.291 0.060   0.908   1.00 42.04 ? 118 GLU A CD  1 
ATOM   950  O  OE1 . GLU A 1 121 ? -15.419 0.676   1.553   1.00 35.84 ? 118 GLU A OE1 1 
ATOM   951  O  OE2 . GLU A 1 121 ? -17.497 0.374   0.952   1.00 47.72 ? 118 GLU A OE2 1 
ATOM   952  N  N   . LYS A 1 122 ? -14.009 -1.193  -3.299  1.00 25.33 ? 119 LYS A N   1 
ATOM   953  C  CA  . LYS A 1 122 ? -14.523 -0.825  -4.559  1.00 25.57 ? 119 LYS A CA  1 
ATOM   954  C  C   . LYS A 1 122 ? -14.394 -1.877  -5.614  1.00 26.45 ? 119 LYS A C   1 
ATOM   955  O  O   . LYS A 1 122 ? -15.293 -1.975  -6.447  1.00 29.05 ? 119 LYS A O   1 
ATOM   956  C  CB  . LYS A 1 122 ? -13.879 0.517   -5.005  1.00 28.58 ? 119 LYS A CB  1 
ATOM   957  C  CG  . LYS A 1 122 ? -14.338 1.708   -4.174  1.00 28.06 ? 119 LYS A CG  1 
ATOM   958  C  CD  . LYS A 1 122 ? -15.789 1.960   -4.505  1.00 34.87 ? 119 LYS A CD  1 
ATOM   959  C  CE  . LYS A 1 122 ? -16.577 2.871   -3.644  1.00 45.79 ? 119 LYS A CE  1 
ATOM   960  N  NZ  . LYS A 1 122 ? -17.764 3.177   -4.544  1.00 48.16 ? 119 LYS A NZ  1 
ATOM   961  N  N   . SER A 1 123 ? -13.313 -2.609  -5.601  1.00 28.27 ? 120 SER A N   1 
ATOM   962  C  CA  . SER A 1 123 ? -13.154 -3.709  -6.548  1.00 29.99 ? 120 SER A CA  1 
ATOM   963  C  C   . SER A 1 123 ? -14.117 -4.891  -6.263  1.00 32.21 ? 120 SER A C   1 
ATOM   964  O  O   . SER A 1 123 ? -14.678 -5.455  -7.200  1.00 34.41 ? 120 SER A O   1 
ATOM   965  C  CB  . SER A 1 123 ? -11.732 -4.210  -6.547  1.00 33.21 ? 120 SER A CB  1 
ATOM   966  O  OG  . SER A 1 123 ? -11.465 -5.063  -7.649  1.00 41.27 ? 120 SER A OG  1 
ATOM   967  N  N   . LEU A 1 124 ? -14.277 -5.249  -5.009  1.00 36.63 ? 121 LEU A N   1 
ATOM   968  C  CA  . LEU A 1 124 ? -14.982 -6.495  -4.663  1.00 36.33 ? 121 LEU A CA  1 
ATOM   969  C  C   . LEU A 1 124 ? -16.470 -6.305  -4.563  1.00 36.45 ? 121 LEU A C   1 
ATOM   970  O  O   . LEU A 1 124 ? -17.248 -7.243  -4.810  1.00 36.47 ? 121 LEU A O   1 
ATOM   971  C  CB  . LEU A 1 124 ? -14.387 -7.037  -3.407  1.00 35.32 ? 121 LEU A CB  1 
ATOM   972  C  CG  . LEU A 1 124 ? -12.983 -7.567  -3.635  1.00 42.33 ? 121 LEU A CG  1 
ATOM   973  C  CD1 . LEU A 1 124 ? -12.227 -7.628  -2.320  1.00 42.98 ? 121 LEU A CD1 1 
ATOM   974  C  CD2 . LEU A 1 124 ? -12.985 -8.903  -4.351  1.00 49.14 ? 121 LEU A CD2 1 
ATOM   975  N  N   . GLY A 1 125 ? -16.890 -5.072  -4.303  1.00 35.02 ? 122 GLY A N   1 
ATOM   976  C  CA  . GLY A 1 125 ? -18.289 -4.750  -4.104  1.00 40.46 ? 122 GLY A CA  1 
ATOM   977  C  C   . GLY A 1 125 ? -18.921 -5.614  -3.024  1.00 42.37 ? 122 GLY A C   1 
ATOM   978  O  O   . GLY A 1 125 ? -18.374 -5.698  -1.904  1.00 41.68 ? 122 GLY A O   1 
ATOM   979  N  N   . PRO A 1 126 ? -20.021 -6.334  -3.372  1.00 55.77 ? 123 PRO A N   1 
ATOM   980  C  CA  . PRO A 1 126 ? -20.712 -7.143  -2.349  1.00 59.21 ? 123 PRO A CA  1 
ATOM   981  C  C   . PRO A 1 126 ? -19.827 -8.257  -1.723  1.00 52.81 ? 123 PRO A C   1 
ATOM   982  O  O   . PRO A 1 126 ? -20.044 -8.644  -0.570  1.00 56.65 ? 123 PRO A O   1 
ATOM   983  C  CB  . PRO A 1 126 ? -21.933 -7.712  -3.099  1.00 60.33 ? 123 PRO A CB  1 
ATOM   984  C  CG  . PRO A 1 126 ? -21.601 -7.632  -4.561  1.00 63.91 ? 123 PRO A CG  1 
ATOM   985  C  CD  . PRO A 1 126 ? -20.514 -6.604  -4.742  1.00 59.77 ? 123 PRO A CD  1 
ATOM   986  N  N   . ASP A 1 127 ? -18.813 -8.715  -2.453  1.00 45.31 ? 124 ASP A N   1 
ATOM   987  C  CA  . ASP A 1 127 ? -17.862 -9.672  -1.926  1.00 41.03 ? 124 ASP A CA  1 
ATOM   988  C  C   . ASP A 1 127 ? -16.911 -9.185  -0.806  1.00 47.25 ? 124 ASP A C   1 
ATOM   989  O  O   . ASP A 1 127 ? -16.231 -10.006 -0.226  1.00 49.81 ? 124 ASP A O   1 
ATOM   990  C  CB  . ASP A 1 127 ? -16.991 -10.222 -3.062  1.00 46.60 ? 124 ASP A CB  1 
ATOM   991  C  CG  . ASP A 1 127 ? -17.776 -11.015 -4.105  1.00 51.24 ? 124 ASP A CG  1 
ATOM   992  O  OD1 . ASP A 1 127 ? -18.982 -11.206 -3.949  1.00 54.56 ? 124 ASP A OD1 1 
ATOM   993  O  OD2 . ASP A 1 127 ? -17.165 -11.455 -5.093  1.00 55.37 ? 124 ASP A OD2 1 
ATOM   994  N  N   . PHE A 1 128 ? -16.806 -7.875  -0.523  1.00 41.12 ? 125 PHE A N   1 
ATOM   995  C  CA  . PHE A 1 128 ? -15.874 -7.392  0.494   1.00 39.51 ? 125 PHE A CA  1 
ATOM   996  C  C   . PHE A 1 128 ? -16.653 -7.362  1.805   1.00 40.47 ? 125 PHE A C   1 
ATOM   997  O  O   . PHE A 1 128 ? -17.235 -6.366  2.217   1.00 45.48 ? 125 PHE A O   1 
ATOM   998  C  CB  . PHE A 1 128 ? -15.311 -5.995  0.148   1.00 41.55 ? 125 PHE A CB  1 
ATOM   999  C  CG  . PHE A 1 128 ? -14.079 -5.603  0.937   1.00 38.60 ? 125 PHE A CG  1 
ATOM   1000 C  CD1 . PHE A 1 128 ? -12.888 -6.293  0.789   1.00 42.72 ? 125 PHE A CD1 1 
ATOM   1001 C  CD2 . PHE A 1 128 ? -14.123 -4.545  1.820   1.00 42.81 ? 125 PHE A CD2 1 
ATOM   1002 C  CE1 . PHE A 1 128 ? -11.749 -5.931  1.489   1.00 41.03 ? 125 PHE A CE1 1 
ATOM   1003 C  CE2 . PHE A 1 128 ? -12.987 -4.174  2.514   1.00 40.94 ? 125 PHE A CE2 1 
ATOM   1004 C  CZ  . PHE A 1 128 ? -11.793 -4.881  2.336   1.00 39.22 ? 125 PHE A CZ  1 
ATOM   1005 N  N   . THR A 1 129 ? -16.697 -8.513  2.431   1.00 45.09 ? 126 THR A N   1 
ATOM   1006 C  CA  . THR A 1 129 ? -17.537 -8.708  3.606   1.00 44.57 ? 126 THR A CA  1 
ATOM   1007 C  C   . THR A 1 129 ? -16.794 -8.118  4.762   1.00 48.60 ? 126 THR A C   1 
ATOM   1008 O  O   . THR A 1 129 ? -15.567 -7.937  4.655   1.00 45.61 ? 126 THR A O   1 
ATOM   1009 C  CB  . THR A 1 129 ? -17.650 -10.197 3.862   1.00 44.11 ? 126 THR A CB  1 
ATOM   1010 O  OG1 . THR A 1 129 ? -16.348 -10.709 4.152   1.00 44.62 ? 126 THR A OG1 1 
ATOM   1011 C  CG2 . THR A 1 129 ? -18.171 -10.902 2.619   1.00 50.41 ? 126 THR A CG2 1 
ATOM   1012 N  N   . PRO A 1 130 ? -17.484 -7.874  5.902   1.00 45.87 ? 127 PRO A N   1 
ATOM   1013 C  CA  . PRO A 1 130 ? -16.686 -7.394  7.061   1.00 43.02 ? 127 PRO A CA  1 
ATOM   1014 C  C   . PRO A 1 130 ? -15.553 -8.362  7.560   1.00 36.91 ? 127 PRO A C   1 
ATOM   1015 O  O   . PRO A 1 130 ? -14.560 -7.891  8.118   1.00 46.16 ? 127 PRO A O   1 
ATOM   1016 C  CB  . PRO A 1 130 ? -17.750 -7.092  8.148   1.00 49.43 ? 127 PRO A CB  1 
ATOM   1017 C  CG  . PRO A 1 130 ? -19.051 -6.939  7.396   1.00 47.45 ? 127 PRO A CG  1 
ATOM   1018 C  CD  . PRO A 1 130 ? -18.947 -7.771  6.136   1.00 48.11 ? 127 PRO A CD  1 
ATOM   1019 N  N   . ALA A 1 131 ? -15.646 -9.661  7.305   1.00 35.47 ? 128 ALA A N   1 
ATOM   1020 C  CA  . ALA A 1 131 ? -14.546 -10.561 7.678   1.00 43.95 ? 128 ALA A CA  1 
ATOM   1021 C  C   . ALA A 1 131 ? -13.314 -10.270 6.808   1.00 40.96 ? 128 ALA A C   1 
ATOM   1022 O  O   . ALA A 1 131 ? -12.165 -10.354 7.282   1.00 36.80 ? 128 ALA A O   1 
ATOM   1023 C  CB  . ALA A 1 131 ? -14.944 -12.004 7.486   1.00 41.83 ? 128 ALA A CB  1 
ATOM   1024 N  N   . THR A 1 132 ? -13.607 -9.939  5.555   1.00 42.51 ? 129 THR A N   1 
ATOM   1025 C  CA  . THR A 1 132 ? -12.594 -9.647  4.505   1.00 38.67 ? 129 THR A CA  1 
ATOM   1026 C  C   . THR A 1 132 ? -11.884 -8.387  4.894   1.00 35.32 ? 129 THR A C   1 
ATOM   1027 O  O   . THR A 1 132 ? -10.677 -8.367  4.959   1.00 37.04 ? 129 THR A O   1 
ATOM   1028 C  CB  . THR A 1 132 ? -13.222 -9.581  3.095   1.00 40.98 ? 129 THR A CB  1 
ATOM   1029 O  OG1 . THR A 1 132 ? -13.923 -10.802 2.779   1.00 42.45 ? 129 THR A OG1 1 
ATOM   1030 C  CG2 . THR A 1 132 ? -12.126 -9.406  2.035   1.00 43.58 ? 129 THR A CG2 1 
ATOM   1031 N  N   . ARG A 1 133 ? -12.633 -7.389  5.293   1.00 34.93 ? 130 ARG A N   1 
ATOM   1032 C  CA  . ARG A 1 133 ? -12.095 -6.179  5.814   1.00 35.58 ? 130 ARG A CA  1 
ATOM   1033 C  C   . ARG A 1 133 ? -11.229 -6.412  7.022   1.00 38.69 ? 130 ARG A C   1 
ATOM   1034 O  O   . ARG A 1 133 ? -10.129 -5.897  7.097   1.00 36.91 ? 130 ARG A O   1 
ATOM   1035 C  CB  . ARG A 1 133 ? -13.192 -5.179  6.145   1.00 40.66 ? 130 ARG A CB  1 
ATOM   1036 C  CG  . ARG A 1 133 ? -12.676 -3.767  6.437   1.00 48.90 ? 130 ARG A CG  1 
ATOM   1037 C  CD  . ARG A 1 133 ? -13.635 -2.860  7.177   1.00 56.29 ? 130 ARG A CD  1 
ATOM   1038 N  NE  . ARG A 1 133 ? -14.354 -3.613  8.202   1.00 76.67 ? 130 ARG A NE  1 
ATOM   1039 C  CZ  . ARG A 1 133 ? -13.846 -4.049  9.367   1.00 76.33 ? 130 ARG A CZ  1 
ATOM   1040 N  NH1 . ARG A 1 133 ? -12.576 -3.795  9.743   1.00 67.57 ? 130 ARG A NH1 1 
ATOM   1041 N  NH2 . ARG A 1 133 ? -14.645 -4.750  10.177  1.00 74.03 ? 130 ARG A NH2 1 
ATOM   1042 N  N   . THR A 1 134 ? -11.771 -7.160  8.014   1.00 34.38 ? 131 THR A N   1 
ATOM   1043 C  CA  . THR A 1 134 ? -10.997 -7.390  9.193   1.00 33.92 ? 131 THR A CA  1 
ATOM   1044 C  C   . THR A 1 134 ? -9.719  -8.148  8.898   1.00 30.93 ? 131 THR A C   1 
ATOM   1045 O  O   . THR A 1 134 ? -8.675  -7.855  9.495   1.00 35.48 ? 131 THR A O   1 
ATOM   1046 C  CB  . THR A 1 134 ? -11.851 -8.163  10.253  1.00 34.81 ? 131 THR A CB  1 
ATOM   1047 O  OG1 . THR A 1 134 ? -12.881 -7.273  10.692  1.00 37.94 ? 131 THR A OG1 1 
ATOM   1048 C  CG2 . THR A 1 134 ? -10.980 -8.552  11.418  1.00 36.86 ? 131 THR A CG2 1 
ATOM   1049 N  N   . ALA A 1 135 ? -9.790  -9.119  7.991   1.00 32.26 ? 132 ALA A N   1 
ATOM   1050 C  CA  . ALA A 1 135 ? -8.603  -9.897  7.547   1.00 35.54 ? 132 ALA A CA  1 
ATOM   1051 C  C   . ALA A 1 135 ? -7.447  -9.027  6.974   1.00 34.18 ? 132 ALA A C   1 
ATOM   1052 O  O   . ALA A 1 135 ? -6.285  -9.054  7.406   1.00 31.78 ? 132 ALA A O   1 
ATOM   1053 C  CB  . ALA A 1 135 ? -8.999  -10.971 6.563   1.00 39.65 ? 132 ALA A CB  1 
ATOM   1054 N  N   . TRP A 1 136 ? -7.835  -8.131  6.086   1.00 38.53 ? 133 TRP A N   1 
ATOM   1055 C  CA  . TRP A 1 136 ? -6.876  -7.224  5.500   1.00 31.84 ? 133 TRP A CA  1 
ATOM   1056 C  C   . TRP A 1 136 ? -6.317  -6.251  6.502   1.00 29.09 ? 133 TRP A C   1 
ATOM   1057 O  O   . TRP A 1 136 ? -5.149  -5.965  6.471   1.00 31.15 ? 133 TRP A O   1 
ATOM   1058 C  CB  . TRP A 1 136 ? -7.532  -6.515  4.278   1.00 29.44 ? 133 TRP A CB  1 
ATOM   1059 C  CG  . TRP A 1 136 ? -7.532  -7.326  3.078   1.00 27.47 ? 133 TRP A CG  1 
ATOM   1060 C  CD1 . TRP A 1 136 ? -8.566  -8.035  2.540   1.00 31.47 ? 133 TRP A CD1 1 
ATOM   1061 C  CD2 . TRP A 1 136 ? -6.419  -7.449  2.171   1.00 26.66 ? 133 TRP A CD2 1 
ATOM   1062 N  NE1 . TRP A 1 136 ? -8.176  -8.603  1.355   1.00 31.83 ? 133 TRP A NE1 1 
ATOM   1063 C  CE2 . TRP A 1 136 ? -6.853  -8.280  1.133   1.00 26.36 ? 133 TRP A CE2 1 
ATOM   1064 C  CE3 . TRP A 1 136 ? -5.096  -6.951  2.179   1.00 30.82 ? 133 TRP A CE3 1 
ATOM   1065 C  CZ2 . TRP A 1 136 ? -6.028  -8.596  0.032   1.00 30.24 ? 133 TRP A CZ2 1 
ATOM   1066 C  CZ3 . TRP A 1 136 ? -4.237  -7.305  1.104   1.00 27.80 ? 133 TRP A CZ3 1 
ATOM   1067 C  CH2 . TRP A 1 136 ? -4.728  -8.109  0.055   1.00 27.44 ? 133 TRP A CH2 1 
ATOM   1068 N  N   . SER A 1 137 ? -7.163  -5.705  7.411   1.00 29.73 ? 134 SER A N   1 
ATOM   1069 C  CA  A SER A 1 137 ? -6.717  -4.762  8.371   0.54 31.31 ? 134 SER A CA  1 
ATOM   1070 C  CA  B SER A 1 137 ? -6.725  -4.768  8.399   0.46 30.02 ? 134 SER A CA  1 
ATOM   1071 C  C   . SER A 1 137 ? -5.627  -5.392  9.245   1.00 32.11 ? 134 SER A C   1 
ATOM   1072 O  O   . SER A 1 137 ? -4.632  -4.747  9.556   1.00 33.99 ? 134 SER A O   1 
ATOM   1073 C  CB  A SER A 1 137 ? -7.872  -4.232  9.209   0.54 34.19 ? 134 SER A CB  1 
ATOM   1074 C  CB  B SER A 1 137 ? -7.874  -4.304  9.284   0.46 31.16 ? 134 SER A CB  1 
ATOM   1075 O  OG  A SER A 1 137 ? -7.468  -3.078  9.915   0.54 38.33 ? 134 SER A OG  1 
ATOM   1076 O  OG  B SER A 1 137 ? -8.710  -3.422  8.572   0.46 29.66 ? 134 SER A OG  1 
ATOM   1077 N  N   . ARG A 1 138 ? -5.823  -6.650  9.607   1.00 34.28 ? 135 ARG A N   1 
ATOM   1078 C  CA  . ARG A 1 138 ? -4.823  -7.433  10.370  1.00 38.85 ? 135 ARG A CA  1 
ATOM   1079 C  C   . ARG A 1 138 ? -3.495  -7.655  9.661   1.00 36.69 ? 135 ARG A C   1 
ATOM   1080 O  O   . ARG A 1 138 ? -2.417  -7.414  10.206  1.00 35.03 ? 135 ARG A O   1 
ATOM   1081 C  CB  . ARG A 1 138 ? -5.392  -8.817  10.763  1.00 46.40 ? 135 ARG A CB  1 
ATOM   1082 C  CG  . ARG A 1 138 ? -6.603  -8.712  11.696  1.00 59.97 ? 135 ARG A CG  1 
ATOM   1083 C  CD  . ARG A 1 138 ? -7.288  -10.059 11.973  1.00 68.53 ? 135 ARG A CD  1 
ATOM   1084 N  NE  . ARG A 1 138 ? -6.323  -11.031 12.459  1.00 71.58 ? 135 ARG A NE  1 
ATOM   1085 C  CZ  . ARG A 1 138 ? -5.731  -10.994 13.654  1.00 81.33 ? 135 ARG A CZ  1 
ATOM   1086 N  NH1 . ARG A 1 138 ? -6.020  -10.037 14.547  1.00 83.69 ? 135 ARG A NH1 1 
ATOM   1087 N  NH2 . ARG A 1 138 ? -4.833  -11.934 13.965  1.00 83.87 ? 135 ARG A NH2 1 
ATOM   1088 N  N   . LEU A 1 139 ? -3.604  -8.071  8.427   1.00 36.93 ? 136 LEU A N   1 
ATOM   1089 C  CA  . LEU A 1 139 ? -2.417  -8.278  7.598   1.00 36.76 ? 136 LEU A CA  1 
ATOM   1090 C  C   . LEU A 1 139 ? -1.648  -6.966  7.409   1.00 35.28 ? 136 LEU A C   1 
ATOM   1091 O  O   . LEU A 1 139 ? -0.472  -6.888  7.632   1.00 36.20 ? 136 LEU A O   1 
ATOM   1092 C  CB  . LEU A 1 139 ? -2.841  -8.860  6.261   1.00 35.85 ? 136 LEU A CB  1 
ATOM   1093 C  CG  . LEU A 1 139 ? -1.708  -8.962  5.228   1.00 38.46 ? 136 LEU A CG  1 
ATOM   1094 C  CD1 . LEU A 1 139 ? -0.508  -9.729  5.747   1.00 42.27 ? 136 LEU A CD1 1 
ATOM   1095 C  CD2 . LEU A 1 139 ? -2.263  -9.566  3.969   1.00 35.83 ? 136 LEU A CD2 1 
ATOM   1096 N  N   . TYR A 1 140 ? -2.344  -5.895  7.029   1.00 36.24 ? 137 TYR A N   1 
ATOM   1097 C  CA  . TYR A 1 140 ? -1.683  -4.577  6.851   1.00 31.35 ? 137 TYR A CA  1 
ATOM   1098 C  C   . TYR A 1 140 ? -1.063  -4.105  8.137   1.00 33.92 ? 137 TYR A C   1 
ATOM   1099 O  O   . TYR A 1 140 ? 0.039   -3.529  8.176   1.00 32.80 ? 137 TYR A O   1 
ATOM   1100 C  CB  . TYR A 1 140 ? -2.739  -3.518  6.347   1.00 28.83 ? 137 TYR A CB  1 
ATOM   1101 C  CG  . TYR A 1 140 ? -2.128  -2.192  6.079   1.00 30.69 ? 137 TYR A CG  1 
ATOM   1102 C  CD1 . TYR A 1 140 ? -1.281  -2.028  4.970   1.00 32.38 ? 137 TYR A CD1 1 
ATOM   1103 C  CD2 . TYR A 1 140 ? -2.234  -1.157  6.974   1.00 31.04 ? 137 TYR A CD2 1 
ATOM   1104 C  CE1 . TYR A 1 140 ? -0.609  -0.854  4.745   1.00 30.34 ? 137 TYR A CE1 1 
ATOM   1105 C  CE2 . TYR A 1 140 ? -1.592  0.024   6.740   1.00 32.30 ? 137 TYR A CE2 1 
ATOM   1106 C  CZ  . TYR A 1 140 ? -0.789  0.166   5.601   1.00 30.83 ? 137 TYR A CZ  1 
ATOM   1107 O  OH  . TYR A 1 140 ? -0.061  1.344   5.417   1.00 33.40 ? 137 TYR A OH  1 
ATOM   1108 N  N   . GLY A 1 141 ? -1.794  -4.320  9.244   1.00 38.13 ? 138 GLY A N   1 
ATOM   1109 C  CA  . GLY A 1 141 ? -1.275  -4.113  10.600  1.00 38.33 ? 138 GLY A CA  1 
ATOM   1110 C  C   . GLY A 1 141 ? 0.126   -4.674  10.832  1.00 37.14 ? 138 GLY A C   1 
ATOM   1111 O  O   . GLY A 1 141 ? 1.045   -3.984  11.300  1.00 39.44 ? 138 GLY A O   1 
ATOM   1112 N  N   . ALA A 1 142 ? 0.256   -5.922  10.438  1.00 38.62 ? 139 ALA A N   1 
ATOM   1113 C  CA  . ALA A 1 142 ? 1.472   -6.683  10.615  1.00 43.85 ? 139 ALA A CA  1 
ATOM   1114 C  C   . ALA A 1 142 ? 2.549   -6.120  9.739   1.00 43.75 ? 139 ALA A C   1 
ATOM   1115 O  O   . ALA A 1 142 ? 3.676   -5.973  10.175  1.00 42.11 ? 139 ALA A O   1 
ATOM   1116 C  CB  . ALA A 1 142 ? 1.228   -8.118  10.248  1.00 41.42 ? 139 ALA A CB  1 
ATOM   1117 N  N   . VAL A 1 143 ? 2.180   -5.757  8.514   1.00 39.64 ? 140 VAL A N   1 
ATOM   1118 C  CA  . VAL A 1 143 ? 3.126   -5.091  7.620   1.00 35.90 ? 140 VAL A CA  1 
ATOM   1119 C  C   . VAL A 1 143 ? 3.664   -3.795  8.176   1.00 36.12 ? 140 VAL A C   1 
ATOM   1120 O  O   . VAL A 1 143 ? 4.879   -3.586  8.226   1.00 34.69 ? 140 VAL A O   1 
ATOM   1121 C  CB  . VAL A 1 143 ? 2.524   -4.927  6.212   1.00 34.41 ? 140 VAL A CB  1 
ATOM   1122 C  CG1 . VAL A 1 143 ? 3.352   -3.997  5.337   1.00 33.96 ? 140 VAL A CG1 1 
ATOM   1123 C  CG2 . VAL A 1 143 ? 2.274   -6.264  5.544   1.00 36.09 ? 140 VAL A CG2 1 
ATOM   1124 N  N   . VAL A 1 144 ? 2.792   -2.870  8.582   1.00 32.18 ? 141 VAL A N   1 
ATOM   1125 C  CA  . VAL A 1 144 ? 3.216   -1.648  9.152   1.00 34.31 ? 141 VAL A CA  1 
ATOM   1126 C  C   . VAL A 1 144 ? 4.004   -1.796  10.450  1.00 35.71 ? 141 VAL A C   1 
ATOM   1127 O  O   . VAL A 1 144 ? 4.903   -1.026  10.672  1.00 39.70 ? 141 VAL A O   1 
ATOM   1128 C  CB  . VAL A 1 144 ? 2.036   -0.703  9.411   1.00 36.23 ? 141 VAL A CB  1 
ATOM   1129 C  CG1 . VAL A 1 144 ? 2.458   0.579   10.124  1.00 40.77 ? 141 VAL A CG1 1 
ATOM   1130 C  CG2 . VAL A 1 144 ? 1.385   -0.383  8.090   1.00 37.12 ? 141 VAL A CG2 1 
ATOM   1131 N  N   . GLN A 1 145 ? 3.634   -2.741  11.297  1.00 39.54 ? 142 GLN A N   1 
ATOM   1132 C  CA  . GLN A 1 145 ? 4.418   -3.043  12.508  1.00 40.58 ? 142 GLN A CA  1 
ATOM   1133 C  C   . GLN A 1 145 ? 5.884   -3.278  12.164  1.00 40.86 ? 142 GLN A C   1 
ATOM   1134 O  O   . GLN A 1 145 ? 6.780   -2.627  12.734  1.00 41.18 ? 142 GLN A O   1 
ATOM   1135 C  CB  . GLN A 1 145 ? 3.840   -4.273  13.210  1.00 43.87 ? 142 GLN A CB  1 
ATOM   1136 C  CG  . GLN A 1 145 ? 4.226   -4.452  14.673  1.00 53.12 ? 142 GLN A CG  1 
ATOM   1137 C  CD  . GLN A 1 145 ? 3.206   -5.306  15.463  1.00 67.42 ? 142 GLN A CD  1 
ATOM   1138 O  OE1 . GLN A 1 145 ? 2.003   -5.353  15.138  1.00 71.15 ? 142 GLN A OE1 1 
ATOM   1139 N  NE2 . GLN A 1 145 ? 3.682   -5.958  16.534  1.00 72.94 ? 142 GLN A NE2 1 
ATOM   1140 N  N   . ALA A 1 146 ? 6.119   -4.112  11.173  1.00 40.86 ? 143 ALA A N   1 
ATOM   1141 C  CA  . ALA A 1 146 ? 7.465   -4.459  10.733  1.00 44.42 ? 143 ALA A CA  1 
ATOM   1142 C  C   . ALA A 1 146 ? 8.167   -3.268  10.144  1.00 43.82 ? 143 ALA A C   1 
ATOM   1143 O  O   . ALA A 1 146 ? 9.339   -3.062  10.404  1.00 45.72 ? 143 ALA A O   1 
ATOM   1144 C  CB  . ALA A 1 146 ? 7.416   -5.615  9.731   1.00 41.86 ? 143 ALA A CB  1 
ATOM   1145 N  N   . MET A 1 147 ? 7.441   -2.434  9.376   1.00 38.26 ? 144 MET A N   1 
ATOM   1146 C  CA  A MET A 1 147 ? 8.026   -1.280  8.736   0.57 36.26 ? 144 MET A CA  1 
ATOM   1147 C  CA  B MET A 1 147 ? 8.026   -1.242  8.779   0.43 36.15 ? 144 MET A CA  1 
ATOM   1148 C  C   . MET A 1 147 ? 8.389   -0.151  9.748   1.00 38.89 ? 144 MET A C   1 
ATOM   1149 O  O   . MET A 1 147 ? 9.270   0.624   9.485   1.00 39.71 ? 144 MET A O   1 
ATOM   1150 C  CB  A MET A 1 147 ? 7.073   -0.756  7.575   0.57 33.74 ? 144 MET A CB  1 
ATOM   1151 C  CB  B MET A 1 147 ? 7.053   -0.591  7.786   0.43 33.46 ? 144 MET A CB  1 
ATOM   1152 C  CG  A MET A 1 147 ? 6.828   -1.700  6.370   0.57 32.41 ? 144 MET A CG  1 
ATOM   1153 C  CG  B MET A 1 147 ? 6.952   -1.327  6.488   0.43 31.06 ? 144 MET A CG  1 
ATOM   1154 S  SD  A MET A 1 147 ? 5.676   -1.085  5.025   0.57 31.63 ? 144 MET A SD  1 
ATOM   1155 S  SD  B MET A 1 147 ? 6.058   -0.272  5.318   0.43 29.55 ? 144 MET A SD  1 
ATOM   1156 C  CE  A MET A 1 147 ? 6.728   0.141   4.282   0.57 29.27 ? 144 MET A CE  1 
ATOM   1157 C  CE  B MET A 1 147 ? 5.539   -1.520  4.137   0.43 29.07 ? 144 MET A CE  1 
ATOM   1158 N  N   . SER A 1 148 ? 7.666   -0.055  10.868  1.00 38.09 ? 145 SER A N   1 
ATOM   1159 C  CA  . SER A 1 148 ? 7.790   0.998   11.829  1.00 46.18 ? 145 SER A CA  1 
ATOM   1160 C  C   . SER A 1 148 ? 8.991   0.763   12.731  1.00 51.26 ? 145 SER A C   1 
ATOM   1161 O  O   . SER A 1 148 ? 9.380   1.659   13.497  1.00 60.90 ? 145 SER A O   1 
ATOM   1162 C  CB  . SER A 1 148 ? 6.497   1.110   12.658  1.00 49.07 ? 145 SER A CB  1 
ATOM   1163 O  OG  . SER A 1 148 ? 6.300   -0.057  13.429  1.00 60.90 ? 145 SER A OG  1 
ATOM   1164 N  N   . ARG A 1 149 ? 9.565   -0.443  12.644  1.00 52.64 ? 146 ARG A N   1 
ATOM   1165 C  CA  . ARG A 1 149 ? 10.912  -0.652  13.155  1.00 61.02 ? 146 ARG A CA  1 
ATOM   1166 C  C   . ARG A 1 149 ? 11.976  0.239   12.435  1.00 64.40 ? 146 ARG A C   1 
ATOM   1167 O  O   . ARG A 1 149 ? 13.054  0.471   12.993  1.00 77.00 ? 146 ARG A O   1 
ATOM   1168 C  CB  . ARG A 1 149 ? 11.272  -2.137  13.105  1.00 65.73 ? 146 ARG A CB  1 
ATOM   1169 C  CG  . ARG A 1 149 ? 11.114  -2.849  14.429  1.00 70.27 ? 146 ARG A CG  1 
ATOM   1170 C  CD  . ARG A 1 149 ? 11.443  -4.326  14.287  1.00 80.23 ? 146 ARG A CD  1 
ATOM   1171 N  NE  . ARG A 1 149 ? 10.221  -5.093  14.086  1.00 90.00 ? 146 ARG A NE  1 
ATOM   1172 C  CZ  . ARG A 1 149 ? 10.150  -6.328  13.596  1.00 90.00 ? 146 ARG A CZ  1 
ATOM   1173 N  NH1 . ARG A 1 149 ? 11.247  -6.993  13.229  1.00 90.00 ? 146 ARG A NH1 1 
ATOM   1174 N  NH2 . ARG A 1 149 ? 8.949   -6.898  13.475  1.00 90.00 ? 146 ARG A NH2 1 
ATOM   1175 N  N   . GLY A 1 150 ? 11.668  0.727   11.216  1.00 63.23 ? 147 GLY A N   1 
ATOM   1176 C  CA  . GLY A 1 150 ? 12.469  1.732   10.497  1.00 60.04 ? 147 GLY A CA  1 
ATOM   1177 C  C   . GLY A 1 150 ? 12.528  3.146   11.091  1.00 72.41 ? 147 GLY A C   1 
ATOM   1178 O  O   . GLY A 1 150 ? 13.362  3.949   10.671  1.00 74.30 ? 147 GLY A O   1 
ATOM   1179 N  N   . TRP A 1 151 ? 11.665  3.455   12.061  1.00 79.69 ? 148 TRP A N   1 
ATOM   1180 C  CA  . TRP A 1 151 ? 11.766  4.679   12.876  1.00 86.73 ? 148 TRP A CA  1 
ATOM   1181 C  C   . TRP A 1 151 ? 12.482  4.387   14.219  1.00 90.00 ? 148 TRP A C   1 
ATOM   1182 O  O   . TRP A 1 151 ? 11.927  4.634   15.302  1.00 90.00 ? 148 TRP A O   1 
ATOM   1183 C  CB  . TRP A 1 151 ? 10.362  5.268   13.109  1.00 87.22 ? 148 TRP A CB  1 
ATOM   1184 C  CG  . TRP A 1 151 ? 9.842   6.058   11.938  1.00 84.19 ? 148 TRP A CG  1 
ATOM   1185 C  CD1 . TRP A 1 151 ? 9.741   7.427   11.846  1.00 85.86 ? 148 TRP A CD1 1 
ATOM   1186 C  CD2 . TRP A 1 151 ? 9.378   5.540   10.690  1.00 71.38 ? 148 TRP A CD2 1 
ATOM   1187 N  NE1 . TRP A 1 151 ? 9.235   7.785   10.621  1.00 78.10 ? 148 TRP A NE1 1 
ATOM   1188 C  CE2 . TRP A 1 151 ? 9.001   6.649   9.891   1.00 73.11 ? 148 TRP A CE2 1 
ATOM   1189 C  CE3 . TRP A 1 151 ? 9.226   4.248   10.171  1.00 62.23 ? 148 TRP A CE3 1 
ATOM   1190 C  CZ2 . TRP A 1 151 ? 8.483   6.497   8.603   1.00 60.07 ? 148 TRP A CZ2 1 
ATOM   1191 C  CZ3 . TRP A 1 151 ? 8.712   4.096   8.909   1.00 62.17 ? 148 TRP A CZ3 1 
ATOM   1192 C  CH2 . TRP A 1 151 ? 8.338   5.227   8.128   1.00 58.90 ? 148 TRP A CH2 1 
ATOM   1193 N  N   . ASP A 1 152 ? 13.719  3.879   14.124  1.00 90.00 ? 149 ASP A N   1 
ATOM   1194 C  CA  . ASP A 1 152 ? 14.539  3.382   15.263  1.00 90.00 ? 149 ASP A CA  1 
ATOM   1195 C  C   . ASP A 1 152 ? 13.971  2.091   15.874  1.00 90.00 ? 149 ASP A C   1 
ATOM   1196 O  O   . ASP A 1 152 ? 14.583  1.019   15.749  1.00 90.00 ? 149 ASP A O   1 
ATOM   1197 C  CB  . ASP A 1 152 ? 14.757  4.434   16.375  1.00 90.00 ? 149 ASP A CB  1 
ATOM   1198 C  CG  . ASP A 1 152 ? 15.135  5.803   15.838  1.00 90.00 ? 149 ASP A CG  1 
ATOM   1199 O  OD1 . ASP A 1 152 ? 15.877  5.891   14.832  1.00 90.00 ? 149 ASP A OD1 1 
ATOM   1200 O  OD2 . ASP A 1 152 ? 14.683  6.799   16.443  1.00 90.00 ? 149 ASP A OD2 1 
ATOM   1201 N  N   . GLY A 1 153 ? 12.816  2.205   16.542  1.00 90.00 ? 150 GLY A N   1 
ATOM   1202 C  CA  . GLY A 1 153 ? 12.136  1.075   17.181  1.00 90.00 ? 150 GLY A CA  1 
ATOM   1203 C  C   . GLY A 1 153 ? 10.739  1.479   17.640  1.00 90.00 ? 150 GLY A C   1 
ATOM   1204 O  O   . GLY A 1 153 ? 9.763   0.760   17.391  1.00 90.00 ? 150 GLY A O   1 
HETATM 1205 S  S   . SO4 B 2 .   ? -2.283  -3.441  -15.327 1.00 43.23 ? 201 SO4 A S   1 
HETATM 1206 O  O1  . SO4 B 2 .   ? -3.453  -2.711  -14.657 1.00 46.92 ? 201 SO4 A O1  1 
HETATM 1207 O  O2  . SO4 B 2 .   ? -1.450  -2.665  -16.337 1.00 45.47 ? 201 SO4 A O2  1 
HETATM 1208 O  O3  . SO4 B 2 .   ? -1.196  -3.570  -14.463 1.00 32.75 ? 201 SO4 A O3  1 
HETATM 1209 O  O4  . SO4 B 2 .   ? -2.920  -4.745  -15.786 1.00 42.43 ? 201 SO4 A O4  1 
HETATM 1210 C  CHA . HEM C 3 .   ? 10.157  3.641   -2.927  1.00 28.56 ? 202 HEM A CHA 1 
HETATM 1211 C  CHB . HEM C 3 .   ? 7.286   7.207   -1.573  1.00 27.34 ? 202 HEM A CHB 1 
HETATM 1212 C  CHC . HEM C 3 .   ? 4.194   3.906   0.280   1.00 29.76 ? 202 HEM A CHC 1 
HETATM 1213 C  CHD . HEM C 3 .   ? 6.917   0.415   -1.586  1.00 26.88 ? 202 HEM A CHD 1 
HETATM 1214 C  C1A . HEM C 3 .   ? 9.650   4.876   -2.675  1.00 26.91 ? 202 HEM A C1A 1 
HETATM 1215 C  C2A . HEM C 3 .   ? 10.298  6.045   -3.084  1.00 32.41 ? 202 HEM A C2A 1 
HETATM 1216 C  C3A . HEM C 3 .   ? 9.498   7.075   -2.720  1.00 30.91 ? 202 HEM A C3A 1 
HETATM 1217 C  C4A . HEM C 3 .   ? 8.351   6.486   -2.122  1.00 25.89 ? 202 HEM A C4A 1 
HETATM 1218 C  CMA . HEM C 3 .   ? 9.692   8.542   -2.887  1.00 36.37 ? 202 HEM A CMA 1 
HETATM 1219 C  CAA . HEM C 3 .   ? 11.632  6.251   -3.745  1.00 32.02 ? 202 HEM A CAA 1 
HETATM 1220 C  CBA . HEM C 3 .   ? 11.394  6.572   -5.216  1.00 29.05 ? 202 HEM A CBA 1 
HETATM 1221 C  CGA . HEM C 3 .   ? 10.879  5.373   -5.989  1.00 35.34 ? 202 HEM A CGA 1 
HETATM 1222 O  O1A . HEM C 3 .   ? 11.506  4.249   -6.002  1.00 33.43 ? 202 HEM A O1A 1 
HETATM 1223 O  O2A . HEM C 3 .   ? 9.839   5.420   -6.665  1.00 32.56 ? 202 HEM A O2A 1 
HETATM 1224 C  C1B . HEM C 3 .   ? 6.234   6.586   -0.930  1.00 26.83 ? 202 HEM A C1B 1 
HETATM 1225 C  C2B . HEM C 3 .   ? 5.154   7.350   -0.273  1.00 30.21 ? 202 HEM A C2B 1 
HETATM 1226 C  C3B . HEM C 3 .   ? 4.292   6.414   0.267   1.00 29.62 ? 202 HEM A C3B 1 
HETATM 1227 C  C4B . HEM C 3 .   ? 4.811   5.086   -0.054  1.00 28.68 ? 202 HEM A C4B 1 
HETATM 1228 C  CMB . HEM C 3 .   ? 5.138   8.838   -0.252  1.00 30.63 ? 202 HEM A CMB 1 
HETATM 1229 C  CAB . HEM C 3 .   ? 3.033   6.517   1.102   1.00 28.53 ? 202 HEM A CAB 1 
HETATM 1230 C  CBB . HEM C 3 .   ? 2.743   7.521   1.786   1.00 34.40 ? 202 HEM A CBB 1 
HETATM 1231 C  C1C . HEM C 3 .   ? 4.642   2.619   -0.038  1.00 27.97 ? 202 HEM A C1C 1 
HETATM 1232 C  C2C . HEM C 3 .   ? 4.026   1.437   0.312   1.00 34.62 ? 202 HEM A C2C 1 
HETATM 1233 C  C3C . HEM C 3 .   ? 4.807   0.432   -0.190  1.00 31.85 ? 202 HEM A C3C 1 
HETATM 1234 C  C4C . HEM C 3 .   ? 5.880   1.061   -0.927  1.00 26.20 ? 202 HEM A C4C 1 
HETATM 1235 C  CMC . HEM C 3 .   ? 2.754   1.305   1.168   1.00 39.16 ? 202 HEM A CMC 1 
HETATM 1236 C  CAC . HEM C 3 .   ? 4.626   -0.994  -0.194  1.00 31.16 ? 202 HEM A CAC 1 
HETATM 1237 C  CBC . HEM C 3 .   ? 3.615   -1.708  0.201   1.00 37.56 ? 202 HEM A CBC 1 
HETATM 1238 C  C1D . HEM C 3 .   ? 7.993   1.071   -2.078  1.00 26.27 ? 202 HEM A C1D 1 
HETATM 1239 C  C2D . HEM C 3 .   ? 9.124   0.304   -2.689  1.00 28.89 ? 202 HEM A C2D 1 
HETATM 1240 C  C3D . HEM C 3 .   ? 10.012  1.202   -3.027  1.00 26.81 ? 202 HEM A C3D 1 
HETATM 1241 C  C4D . HEM C 3 .   ? 9.472   2.521   -2.661  1.00 30.74 ? 202 HEM A C4D 1 
HETATM 1242 C  CMD . HEM C 3 .   ? 9.078   -1.161  -2.802  1.00 30.08 ? 202 HEM A CMD 1 
HETATM 1243 C  CAD . HEM C 3 .   ? 11.378  0.875   -3.657  1.00 29.04 ? 202 HEM A CAD 1 
HETATM 1244 C  CBD . HEM C 3 .   ? 12.295  0.875   -2.399  1.00 36.30 ? 202 HEM A CBD 1 
HETATM 1245 C  CGD . HEM C 3 .   ? 13.741  0.475   -2.731  1.00 43.81 ? 202 HEM A CGD 1 
HETATM 1246 O  O1D . HEM C 3 .   ? 14.613  1.330   -2.723  1.00 48.36 ? 202 HEM A O1D 1 
HETATM 1247 O  O2D . HEM C 3 .   ? 14.023  -0.671  -2.989  1.00 47.71 ? 202 HEM A O2D 1 
HETATM 1248 N  NA  . HEM C 3 .   ? 8.360   5.108   -2.070  1.00 27.39 ? 202 HEM A NA  1 
HETATM 1249 N  NB  . HEM C 3 .   ? 5.890   5.335   -0.785  1.00 22.81 ? 202 HEM A NB  1 
HETATM 1250 N  NC  . HEM C 3 .   ? 5.799   2.407   -0.793  1.00 31.22 ? 202 HEM A NC  1 
HETATM 1251 N  ND  . HEM C 3 .   ? 8.303   2.334   -2.088  1.00 24.11 ? 202 HEM A ND  1 
HETATM 1252 FE FE  . HEM C 3 .   ? 7.105   3.793   -1.465  1.00 27.68 ? 202 HEM A FE  1 
HETATM 1253 KR KR  . KR  D 4 .   ? -2.879  9.422   -8.192  1.00 32.33 ? 203 KR  A KR  1 
HETATM 1254 KR KR  . KR  E 4 .   ? -1.100  -5.778  3.059   1.00 37.81 ? 204 KR  A KR  1 
HETATM 1255 KR KR  . KR  F 4 .   ? -0.562  -0.567  0.672   0.75 42.64 ? 205 KR  A KR  1 
HETATM 1256 KR KR  A KR  G 4 .   ? -5.615  -2.563  5.167   0.40 39.39 ? 206 KR  A KR  1 
HETATM 1257 KR KR  B KR  G 4 .   ? -5.764  -1.729  6.306   0.20 32.51 ? 206 KR  A KR  1 
HETATM 1258 KR KR  . KR  H 4 .   ? 1.656   -3.155  2.183   0.26 36.99 ? 207 KR  A KR  1 
HETATM 1259 KR KR  . KR  I 4 .   ? 0.748   3.438   -0.845  0.22 31.02 ? 208 KR  A KR  1 
HETATM 1260 KR KR  A KR  J 4 .   ? 14.343  -1.289  1.512   0.30 42.80 ? 209 KR  A KR  1 
HETATM 1261 KR KR  B KR  J 4 .   ? 13.752  -2.433  -0.102  0.21 34.77 ? 209 KR  A KR  1 
HETATM 1262 KR KR  . KR  K 4 .   ? 11.744  -6.469  -3.320  0.26 33.18 ? 210 KR  A KR  1 
HETATM 1263 KR KR  . KR  L 4 .   ? 8.499   -7.520  -1.912  0.24 36.66 ? 211 KR  A KR  1 
HETATM 1264 KR KR  . KR  M 4 .   ? 11.601  5.156   0.056   0.20 33.93 ? 212 KR  A KR  1 
HETATM 1265 KR KR  . KR  N 4 .   ? 5.188   3.766   3.549   0.20 37.66 ? 213 KR  A KR  1 
HETATM 1266 KR KR  . KR  O 4 .   ? 4.615   -8.620  7.369   0.10 34.61 ? 214 KR  A KR  1 
HETATM 1267 KR KR  . KR  P 4 .   ? -5.871  11.675  -9.334  0.25 34.53 ? 215 KR  A KR  1 
HETATM 1268 KR KR  . KR  Q 4 .   ? 1.292   -7.396  -7.870  0.20 43.72 ? 216 KR  A KR  1 
HETATM 1269 KR KR  . KR  R 4 .   ? -0.716  0.785   -4.928  0.10 46.99 ? 217 KR  A KR  1 
HETATM 1270 O  O   . HOH S 5 .   ? 13.629  3.499   -5.488  1.00 42.76 ? 301 HOH A O   1 
HETATM 1271 O  O   . HOH S 5 .   ? 17.083  -2.251  6.741   1.00 50.39 ? 302 HOH A O   1 
HETATM 1272 O  O   . HOH S 5 .   ? -13.309 0.347   2.571   1.00 41.53 ? 303 HOH A O   1 
HETATM 1273 O  O   . HOH S 5 .   ? 4.382   0.813   -15.175 1.00 44.19 ? 304 HOH A O   1 
HETATM 1274 O  O   . HOH S 5 .   ? 7.949   14.323  -9.020  1.00 33.69 ? 305 HOH A O   1 
HETATM 1275 O  O   . HOH S 5 .   ? -9.881  -2.982  -16.969 1.00 53.71 ? 306 HOH A O   1 
HETATM 1276 O  O   . HOH S 5 .   ? -4.571  -14.513 -4.583  1.00 43.76 ? 307 HOH A O   1 
HETATM 1277 O  O   . HOH S 5 .   ? 1.070   -7.387  13.900  1.00 60.80 ? 308 HOH A O   1 
HETATM 1278 O  O   . HOH S 5 .   ? 11.263  10.423  -5.244  1.00 46.80 ? 309 HOH A O   1 
HETATM 1279 O  O   . HOH S 5 .   ? 1.618   14.116  5.007   1.00 43.63 ? 310 HOH A O   1 
HETATM 1280 O  O   . HOH S 5 .   ? -6.237  15.030  5.455   1.00 32.18 ? 311 HOH A O   1 
HETATM 1281 O  O   . HOH S 5 .   ? 8.253   12.079  -13.197 1.00 40.48 ? 312 HOH A O   1 
HETATM 1282 O  O   . HOH S 5 .   ? -14.902 1.768   -0.763  1.00 45.33 ? 313 HOH A O   1 
HETATM 1283 O  O   . HOH S 5 .   ? 4.127   17.343  2.920   1.00 44.04 ? 314 HOH A O   1 
HETATM 1284 O  O   . HOH S 5 .   ? -10.429 -0.801  -6.774  1.00 39.18 ? 315 HOH A O   1 
HETATM 1285 O  O   . HOH S 5 .   ? -4.721  -16.465 -10.671 1.00 58.60 ? 316 HOH A O   1 
HETATM 1286 O  O   . HOH S 5 .   ? -16.437 -13.363 4.243   1.00 49.54 ? 317 HOH A O   1 
HETATM 1287 O  O   . HOH S 5 .   ? -2.101  -7.230  12.840  1.00 47.43 ? 318 HOH A O   1 
HETATM 1288 O  O   . HOH S 5 .   ? 16.007  1.889   12.643  1.00 66.47 ? 319 HOH A O   1 
HETATM 1289 O  O   . HOH S 5 .   ? 11.000  12.777  -0.867  1.00 47.33 ? 320 HOH A O   1 
HETATM 1290 O  O   . HOH S 5 .   ? -4.523  20.859  -7.878  0.50 40.59 ? 321 HOH A O   1 
HETATM 1291 O  O   . HOH S 5 .   ? 9.593   4.395   -9.229  1.00 30.23 ? 322 HOH A O   1 
HETATM 1292 O  O   . HOH S 5 .   ? -9.806  -0.653  -11.144 1.00 27.86 ? 323 HOH A O   1 
HETATM 1293 O  O   . HOH S 5 .   ? 5.310   21.744  -9.116  1.00 37.83 ? 324 HOH A O   1 
HETATM 1294 O  O   . HOH S 5 .   ? 4.256   14.352  -14.631 1.00 43.30 ? 325 HOH A O   1 
HETATM 1295 O  O   . HOH S 5 .   ? -2.739  -11.212 15.583  1.00 62.84 ? 326 HOH A O   1 
HETATM 1296 O  O   . HOH S 5 .   ? 1.201   -18.160 3.447   1.00 52.72 ? 327 HOH A O   1 
HETATM 1297 O  O   . HOH S 5 .   ? 3.501   18.802  -11.940 1.00 43.14 ? 328 HOH A O   1 
HETATM 1298 O  O   . HOH S 5 .   ? 6.007   15.396  -6.161  1.00 25.08 ? 329 HOH A O   1 
HETATM 1299 O  O   . HOH S 5 .   ? 12.319  -3.063  -2.926  1.00 48.99 ? 330 HOH A O   1 
HETATM 1300 O  O   . HOH S 5 .   ? -15.356 -8.504  10.955  1.00 46.32 ? 331 HOH A O   1 
HETATM 1301 O  O   . HOH S 5 .   ? 3.162   5.589   -6.769  1.00 23.36 ? 332 HOH A O   1 
HETATM 1302 O  O   . HOH S 5 .   ? -8.136  16.544  -0.617  1.00 36.41 ? 333 HOH A O   1 
HETATM 1303 O  O   . HOH S 5 .   ? 15.519  11.605  -11.210 1.00 59.19 ? 334 HOH A O   1 
HETATM 1304 O  O   . HOH S 5 .   ? 5.311   -14.963 11.048  1.00 58.57 ? 335 HOH A O   1 
HETATM 1305 O  O   . HOH S 5 .   ? -6.519  18.141  -8.829  1.00 42.13 ? 336 HOH A O   1 
HETATM 1306 O  O   . HOH S 5 .   ? -6.695  12.144  -6.048  1.00 26.23 ? 337 HOH A O   1 
HETATM 1307 O  O   . HOH S 5 .   ? -6.098  15.959  -3.165  1.00 38.59 ? 338 HOH A O   1 
HETATM 1308 O  O   . HOH S 5 .   ? 3.013   -4.867  -12.307 1.00 41.14 ? 339 HOH A O   1 
HETATM 1309 O  O   . HOH S 5 .   ? 0.838   3.995   11.015  1.00 51.53 ? 340 HOH A O   1 
HETATM 1310 O  O   . HOH S 5 .   ? 4.574   -8.324  11.456  1.00 52.65 ? 341 HOH A O   1 
HETATM 1311 O  O   . HOH S 5 .   ? -0.742  -17.323 0.597   1.00 52.31 ? 342 HOH A O   1 
HETATM 1312 O  O   . HOH S 5 .   ? -5.812  20.440  -10.604 1.00 35.64 ? 343 HOH A O   1 
HETATM 1313 O  O   . HOH S 5 .   ? 6.118   -9.912  -5.008  1.00 45.38 ? 344 HOH A O   1 
HETATM 1314 O  O   . HOH S 5 .   ? -6.910  14.580  -9.706  1.00 34.57 ? 345 HOH A O   1 
HETATM 1315 O  O   . HOH S 5 .   ? -2.041  6.820   -15.447 1.00 24.01 ? 346 HOH A O   1 
HETATM 1316 O  O   . HOH S 5 .   ? -0.748  11.816  8.358   1.00 52.63 ? 347 HOH A O   1 
HETATM 1317 O  O   . HOH S 5 .   ? 2.780   -4.974  -9.593  1.00 30.43 ? 348 HOH A O   1 
HETATM 1318 O  O   . HOH S 5 .   ? 4.042   11.931  5.498   1.00 51.40 ? 349 HOH A O   1 
HETATM 1319 O  O   . HOH S 5 .   ? -11.311 -1.252  9.148   1.00 57.22 ? 350 HOH A O   1 
HETATM 1320 O  O   . HOH S 5 .   ? -5.062  1.938   8.446   1.00 53.41 ? 351 HOH A O   1 
HETATM 1321 O  O   . HOH S 5 .   ? -2.551  4.270   -14.440 1.00 27.30 ? 352 HOH A O   1 
HETATM 1322 O  O   . HOH S 5 .   ? 5.796   3.366   -15.995 1.00 37.29 ? 353 HOH A O   1 
HETATM 1323 O  O   . HOH S 5 .   ? -11.302 13.261  0.179   1.00 40.05 ? 354 HOH A O   1 
HETATM 1324 O  O   . HOH S 5 .   ? -3.221  -13.454 -6.605  1.00 48.89 ? 355 HOH A O   1 
HETATM 1325 O  O   . HOH S 5 .   ? 8.490   14.364  -11.476 1.00 48.50 ? 356 HOH A O   1 
HETATM 1326 O  O   . HOH S 5 .   ? -14.867 -4.550  -10.206 1.00 43.81 ? 357 HOH A O   1 
HETATM 1327 O  O   . HOH S 5 .   ? 18.713  -6.100  9.836   1.00 51.12 ? 358 HOH A O   1 
HETATM 1328 O  O   . HOH S 5 .   ? -11.351 -1.700  -9.137  1.00 44.35 ? 359 HOH A O   1 
HETATM 1329 O  O   . HOH S 5 .   ? 7.226   12.831  -15.530 1.00 43.88 ? 360 HOH A O   1 
HETATM 1330 O  O   . HOH S 5 .   ? -0.416  -6.982  -15.452 1.00 52.21 ? 361 HOH A O   1 
HETATM 1331 O  O   . HOH S 5 .   ? 14.742  10.738  -9.259  1.00 53.65 ? 362 HOH A O   1 
HETATM 1332 O  O   . HOH S 5 .   ? 4.152   10.531  12.564  1.00 50.27 ? 363 HOH A O   1 
HETATM 1333 O  O   . HOH S 5 .   ? -18.312 -0.419  -6.228  1.00 51.34 ? 364 HOH A O   1 
HETATM 1334 O  O   . HOH S 5 .   ? -9.383  -9.461  15.255  1.00 63.03 ? 365 HOH A O   1 
HETATM 1335 O  O   . HOH S 5 .   ? 7.111   10.505  12.148  1.00 55.85 ? 366 HOH A O   1 
HETATM 1336 O  O   . HOH S 5 .   ? 1.027   -14.715 12.020  1.00 57.30 ? 367 HOH A O   1 
HETATM 1337 O  O   . HOH S 5 .   ? -7.193  14.666  -4.982  1.00 32.62 ? 368 HOH A O   1 
HETATM 1338 O  O   . HOH S 5 .   ? -7.492  15.931  -7.480  1.00 42.87 ? 369 HOH A O   1 
HETATM 1339 O  O   . HOH S 5 .   ? -13.957 -11.195 11.106  1.00 46.70 ? 370 HOH A O   1 
HETATM 1340 O  O   . HOH S 5 .   ? 11.346  6.628   -16.700 1.00 51.84 ? 371 HOH A O   1 
HETATM 1341 O  O   . HOH S 5 .   ? -4.098  2.380   -15.508 0.50 37.63 ? 372 HOH A O   1 
HETATM 1342 O  O   . HOH S 5 .   ? -7.765  -13.566 16.493  1.00 64.47 ? 373 HOH A O   1 
HETATM 1343 O  O   . HOH S 5 .   ? -9.635  15.336  -3.733  1.00 49.14 ? 374 HOH A O   1 
HETATM 1344 O  O   . HOH S 5 .   ? -2.252  -23.739 2.477   1.00 55.91 ? 375 HOH A O   1 
HETATM 1345 O  O   . HOH S 5 .   ? -8.672  -9.552  -15.153 1.00 58.29 ? 376 HOH A O   1 
HETATM 1346 O  O   . HOH S 5 .   ? -12.382 15.921  0.375   1.00 38.01 ? 377 HOH A O   1 
HETATM 1347 O  O   . HOH S 5 .   ? -3.032  16.110  7.402   0.33 30.53 ? 378 HOH A O   1 
HETATM 1348 O  O   . HOH S 5 .   ? -7.588  18.515  1.218   0.33 59.86 ? 379 HOH A O   1 
HETATM 1349 O  O   . HOH S 5 .   ? 1.515   -22.064 0.484   1.00 57.88 ? 380 HOH A O   1 
HETATM 1350 O  O   . HOH S 5 .   ? 17.636  9.339   -7.238  1.00 65.05 ? 381 HOH A O   1 
# 
